data_7UI0
#
_entry.id   7UI0
#
loop_
_entity.id
_entity.type
_entity.pdbx_description
1 polymer 'Envelope glycoprotein B'
2 polymer 'HSV10-13 Fab Heavy chain'
3 polymer 'HSV10-13 Light chain'
#
loop_
_entity_poly.entity_id
_entity_poly.type
_entity_poly.pdbx_seq_one_letter_code
_entity_poly.pdbx_strand_id
1 'polypeptide(L)'
;DIKAENTDANFYVCPPPTGATVVQFEQPRRCPTRPEGQNYTEGIAVVFKENIAPYKFKATMYYKDVTVSQVWFGHRYSQF
MGIFEDRAPVPFEEVIDKINAKGVCRSTAKYVRNNLETTAFHRDDHETDMELKPANAATRTSRGWHTTDLKYNPSRVEAF
HRYGTTVNCIVEEVDARSVYPYDEFVLATGDFVYMSPFYGYREGSHTEHTTYAADRFKQVDGFYARDLTTKARATAPTTR
NLLTTPKFTVAWDWVPKRPSVCTMTKWQEVDEMLRSEYGGSFRFSSDAISTTFTTNLTEYPLSRVDLGDCIGKDARDAMD
RIFARRYNATHIKVGQPQYYQANGGFLIAYQPLLSNTLAELYVREHLREQSRKPPNPTPPPPGASANASVERIKTTSSIE
FARLQFTYNHIQRHVNDMLGRVAIAWCELQNHELTLWNEARKLNPNAIASVTVGRRVSARMLGDVMAVSTCVPVAADNVI
VQNSMRISSRPGACYSRPLVSFRYEDQGPLVEGQLGENNELRLTRDAIEPCTVGHRRYFTFGGGYVYFEEYAYSHQLSRA
DITTVSTFIDLNITMLEDHEFVPLEVYTRHEIKDSGLLDYTEVQRRNQLHDLRFADIDTVIHADANAA
;
A,B,C
2 'polypeptide(L)'
;QVQLQQPGAELVKPGASVKLSCKASGYTFTSYWIHWVKQGPGQGLEWIGMIHPNSGITHYNEKFKTKATLTVDKSSSTAY
MQLSSLTSEDSAVCYCARGSSSGSAWFAYWGQGTLVTVSAA
;
H,I,J
3 'polypeptide(L)'
;DIQMTQSSSYLSESLGGRVTITCKASDHINNWLAWYQQKPGNAPRLLISGATSLETGVPSRFSGSGSGKDYTLSITSLQT
EDVATYYCQQYWSSPLTFGAGTKLELKRA
;
L,M,N
#
# COMPACT_ATOMS: atom_id res chain seq x y z
N ALA A 9 -28.38 -29.12 2.32
CA ALA A 9 -28.62 -28.17 3.38
C ALA A 9 -29.40 -28.80 4.53
N ASN A 10 -29.80 -27.98 5.50
CA ASN A 10 -30.50 -28.44 6.67
C ASN A 10 -31.73 -27.59 6.89
N PHE A 11 -32.70 -28.08 7.66
CA PHE A 11 -33.81 -27.27 8.16
C PHE A 11 -33.56 -26.92 9.62
N TYR A 12 -34.29 -25.92 10.11
CA TYR A 12 -34.16 -25.45 11.47
C TYR A 12 -35.53 -25.26 12.09
N VAL A 13 -35.68 -25.69 13.33
CA VAL A 13 -36.87 -25.41 14.11
C VAL A 13 -36.49 -24.46 15.23
N CYS A 14 -37.34 -23.47 15.47
CA CYS A 14 -36.98 -22.34 16.34
C CYS A 14 -38.01 -22.14 17.44
N PRO A 15 -37.65 -22.39 18.69
CA PRO A 15 -38.59 -22.14 19.78
C PRO A 15 -38.84 -20.65 19.94
N PRO A 16 -39.99 -20.26 20.46
CA PRO A 16 -40.20 -18.85 20.80
C PRO A 16 -39.30 -18.47 21.97
N PRO A 17 -38.48 -17.43 21.81
CA PRO A 17 -37.43 -17.16 22.80
C PRO A 17 -38.02 -16.58 24.08
N THR A 18 -37.76 -17.25 25.19
CA THR A 18 -38.10 -16.72 26.49
C THR A 18 -37.16 -15.56 26.84
N GLY A 19 -37.58 -14.75 27.79
CA GLY A 19 -36.77 -13.62 28.20
C GLY A 19 -35.58 -14.01 29.04
N ALA A 20 -35.12 -15.27 28.89
CA ALA A 20 -34.02 -15.74 29.72
C ALA A 20 -32.70 -15.12 29.31
N THR A 21 -32.45 -15.00 28.00
CA THR A 21 -31.20 -14.48 27.51
C THR A 21 -31.45 -13.15 26.81
N VAL A 22 -30.50 -12.22 26.98
CA VAL A 22 -30.63 -10.88 26.45
C VAL A 22 -29.32 -10.47 25.79
N VAL A 23 -29.42 -9.80 24.64
CA VAL A 23 -28.25 -9.31 23.92
C VAL A 23 -28.52 -7.89 23.46
N GLN A 24 -27.44 -7.17 23.18
CA GLN A 24 -27.53 -5.79 22.73
C GLN A 24 -26.42 -5.51 21.74
N PHE A 25 -26.72 -4.66 20.76
CA PHE A 25 -25.70 -4.28 19.79
C PHE A 25 -24.62 -3.43 20.43
N GLU A 26 -23.38 -3.66 20.04
CA GLU A 26 -22.28 -2.85 20.54
C GLU A 26 -22.43 -1.42 20.05
N GLN A 27 -22.24 -0.47 20.95
CA GLN A 27 -22.39 0.94 20.62
C GLN A 27 -21.22 1.44 19.79
N PRO A 28 -21.39 2.55 19.08
CA PRO A 28 -20.32 3.02 18.19
C PRO A 28 -19.04 3.29 18.95
N ARG A 29 -17.92 2.94 18.35
CA ARG A 29 -16.62 3.08 18.98
C ARG A 29 -15.85 4.22 18.34
N ARG A 30 -15.27 5.07 19.17
CA ARG A 30 -14.46 6.17 18.66
C ARG A 30 -13.18 5.63 18.05
N CYS A 31 -12.64 6.37 17.10
CA CYS A 31 -11.40 5.98 16.43
C CYS A 31 -10.61 7.19 16.00
N PRO A 32 -9.33 7.24 16.33
CA PRO A 32 -8.61 8.51 16.38
C PRO A 32 -8.53 9.24 15.06
N THR A 33 -8.18 10.52 15.12
CA THR A 33 -7.97 11.31 13.92
C THR A 33 -6.62 10.92 13.33
N ARG A 34 -6.33 11.52 12.19
CA ARG A 34 -5.09 11.22 11.51
C ARG A 34 -3.92 11.68 12.35
N PRO A 35 -2.74 11.08 12.21
CA PRO A 35 -1.56 11.61 12.89
C PRO A 35 -1.34 13.06 12.53
N GLU A 36 -0.85 13.86 13.48
CA GLU A 36 -0.78 15.30 13.28
C GLU A 36 0.08 15.67 12.08
N GLY A 37 1.07 14.85 11.77
CA GLY A 37 1.97 15.18 10.69
C GLY A 37 3.24 15.83 11.20
N GLN A 38 4.33 15.62 10.46
CA GLN A 38 5.63 16.09 10.91
C GLN A 38 5.81 17.56 10.58
N ASN A 39 6.53 18.26 11.46
CA ASN A 39 6.85 19.67 11.25
C ASN A 39 8.13 19.75 10.43
N TYR A 40 7.98 20.12 9.16
CA TYR A 40 9.10 20.16 8.24
C TYR A 40 9.60 21.60 8.11
N THR A 41 10.86 21.81 8.47
CA THR A 41 11.49 23.12 8.37
C THR A 41 12.36 23.15 7.12
N GLU A 42 12.00 24.01 6.16
CA GLU A 42 12.76 24.11 4.94
C GLU A 42 14.15 24.65 5.23
N GLY A 43 15.00 24.66 4.20
CA GLY A 43 16.33 25.20 4.36
C GLY A 43 17.13 25.04 3.11
N ILE A 44 18.31 25.66 3.12
CA ILE A 44 19.28 25.53 2.05
C ILE A 44 20.49 24.83 2.63
N ALA A 45 20.95 23.78 1.96
CA ALA A 45 21.94 22.92 2.59
C ALA A 45 23.11 22.64 1.67
N VAL A 46 24.27 22.45 2.29
CA VAL A 46 25.48 22.06 1.58
C VAL A 46 26.06 20.85 2.28
N VAL A 47 26.20 19.75 1.55
CA VAL A 47 26.64 18.49 2.11
C VAL A 47 28.09 18.28 1.75
N PHE A 48 28.92 18.08 2.77
CA PHE A 48 30.35 17.88 2.61
C PHE A 48 30.71 16.43 2.89
N LYS A 49 31.59 15.90 2.06
CA LYS A 49 32.17 14.58 2.23
C LYS A 49 33.62 14.73 2.68
N GLU A 50 34.20 13.64 3.16
CA GLU A 50 35.59 13.67 3.55
C GLU A 50 36.46 13.80 2.31
N ASN A 51 37.17 14.91 2.20
CA ASN A 51 38.07 15.11 1.08
C ASN A 51 39.13 14.03 1.05
N ILE A 52 39.33 13.41 -0.11
CA ILE A 52 40.39 12.45 -0.28
C ILE A 52 41.35 12.82 -1.40
N ALA A 53 40.94 13.65 -2.35
CA ALA A 53 41.89 14.10 -3.36
C ALA A 53 43.02 14.87 -2.69
N PRO A 54 44.25 14.66 -3.09
CA PRO A 54 45.36 15.35 -2.42
C PRO A 54 45.31 16.85 -2.62
N TYR A 55 46.18 17.56 -1.93
CA TYR A 55 46.37 18.99 -2.16
C TYR A 55 47.39 19.15 -3.28
N LYS A 56 46.97 19.81 -4.36
CA LYS A 56 47.75 19.90 -5.57
C LYS A 56 48.22 21.32 -5.79
N PHE A 57 49.44 21.48 -6.28
CA PHE A 57 49.94 22.81 -6.59
C PHE A 57 51.01 22.68 -7.66
N LYS A 58 51.67 23.79 -7.97
CA LYS A 58 52.67 23.85 -9.02
C LYS A 58 54.04 24.09 -8.42
N ALA A 59 55.06 23.46 -9.00
CA ALA A 59 56.42 23.63 -8.53
C ALA A 59 57.35 23.60 -9.72
N THR A 60 58.61 23.94 -9.49
CA THR A 60 59.61 23.98 -10.55
C THR A 60 60.86 23.26 -10.09
N MET A 61 61.36 22.34 -10.90
CA MET A 61 62.57 21.60 -10.59
C MET A 61 63.71 22.12 -11.45
N TYR A 62 64.83 22.45 -10.80
CA TYR A 62 66.06 22.84 -11.46
C TYR A 62 67.10 21.78 -11.16
N TYR A 63 67.64 21.15 -12.20
CA TYR A 63 68.72 20.20 -11.94
C TYR A 63 69.53 19.99 -13.20
N LYS A 64 70.74 19.51 -13.02
CA LYS A 64 71.67 19.31 -14.11
C LYS A 64 71.91 17.81 -14.28
N ASP A 65 71.46 17.26 -15.40
CA ASP A 65 71.83 15.90 -15.73
C ASP A 65 73.31 15.86 -16.04
N VAL A 66 74.08 15.25 -15.18
CA VAL A 66 75.49 14.99 -15.42
C VAL A 66 75.60 13.59 -15.98
N THR A 67 76.36 13.44 -17.06
CA THR A 67 76.45 12.16 -17.74
C THR A 67 77.91 11.92 -18.14
N VAL A 68 78.61 11.11 -17.37
CA VAL A 68 79.96 10.73 -17.69
C VAL A 68 79.89 9.41 -18.45
N SER A 69 80.62 9.33 -19.56
CA SER A 69 80.62 8.12 -20.36
C SER A 69 82.04 7.74 -20.68
N GLN A 70 82.37 6.47 -20.51
CA GLN A 70 83.70 5.95 -20.82
C GLN A 70 83.61 5.09 -22.06
N VAL A 71 84.51 5.32 -23.01
CA VAL A 71 84.44 4.69 -24.32
C VAL A 71 85.75 3.96 -24.59
N TRP A 72 85.65 2.80 -25.23
CA TRP A 72 86.81 2.11 -25.78
C TRP A 72 86.77 2.20 -27.29
N PHE A 73 87.96 2.32 -27.88
CA PHE A 73 88.11 2.63 -29.30
C PHE A 73 88.90 1.50 -29.96
N GLY A 74 88.20 0.59 -30.60
CA GLY A 74 88.81 -0.55 -31.25
C GLY A 74 89.47 -0.17 -32.56
N HIS A 75 89.97 -1.20 -33.24
CA HIS A 75 90.66 -0.98 -34.50
C HIS A 75 89.71 -0.81 -35.67
N ARG A 76 88.41 -1.14 -35.51
CA ARG A 76 87.41 -0.78 -36.50
C ARG A 76 86.09 -0.34 -35.89
N TYR A 77 86.01 -0.14 -34.58
CA TYR A 77 84.73 0.11 -33.94
C TYR A 77 84.96 0.85 -32.63
N SER A 78 83.85 1.22 -31.98
CA SER A 78 83.86 1.86 -30.69
C SER A 78 82.82 1.20 -29.81
N GLN A 79 83.03 1.27 -28.50
CA GLN A 79 82.21 0.50 -27.56
C GLN A 79 82.13 1.22 -26.23
N PHE A 80 80.91 1.57 -25.80
CA PHE A 80 80.75 2.04 -24.44
C PHE A 80 81.15 0.97 -23.44
N MET A 81 81.83 1.41 -22.38
CA MET A 81 82.21 0.52 -21.29
C MET A 81 81.76 1.09 -19.95
N GLY A 82 80.64 1.78 -19.94
CA GLY A 82 80.13 2.38 -18.72
C GLY A 82 79.59 3.77 -18.94
N ILE A 83 78.39 4.05 -18.41
CA ILE A 83 77.77 5.35 -18.55
C ILE A 83 77.23 5.73 -17.17
N PHE A 84 78.02 6.48 -16.41
CA PHE A 84 77.55 7.01 -15.14
C PHE A 84 76.62 8.18 -15.39
N GLU A 85 75.47 8.18 -14.73
CA GLU A 85 74.53 9.28 -14.85
C GLU A 85 74.17 9.78 -13.46
N ASP A 86 73.78 11.04 -13.38
CA ASP A 86 73.52 11.65 -12.09
C ASP A 86 72.68 12.89 -12.30
N ARG A 87 71.99 13.31 -11.24
CA ARG A 87 71.19 14.53 -11.26
C ARG A 87 71.71 15.46 -10.18
N ALA A 88 72.55 16.38 -10.57
CA ALA A 88 73.09 17.35 -9.64
C ALA A 88 72.09 18.46 -9.39
N PRO A 89 72.09 19.05 -8.19
CA PRO A 89 71.20 20.17 -7.92
C PRO A 89 71.82 21.49 -8.35
N VAL A 90 70.95 22.46 -8.58
CA VAL A 90 71.36 23.81 -8.97
C VAL A 90 71.33 24.68 -7.72
N PRO A 91 72.45 25.26 -7.30
CA PRO A 91 72.48 26.00 -6.05
C PRO A 91 71.59 27.24 -6.10
N PHE A 92 71.53 27.92 -4.95
CA PHE A 92 70.51 28.93 -4.72
C PHE A 92 70.75 30.15 -5.58
N GLU A 93 71.89 30.80 -5.40
CA GLU A 93 72.21 31.98 -6.20
C GLU A 93 72.20 31.68 -7.68
N GLU A 94 72.40 30.43 -8.07
CA GLU A 94 72.28 30.10 -9.48
C GLU A 94 70.82 30.16 -9.93
N VAL A 95 69.88 29.82 -9.05
CA VAL A 95 68.48 29.98 -9.39
C VAL A 95 68.09 31.44 -9.44
N ILE A 96 68.59 32.23 -8.50
CA ILE A 96 68.15 33.62 -8.40
C ILE A 96 68.82 34.49 -9.45
N ASP A 97 70.15 34.57 -9.41
CA ASP A 97 70.87 35.52 -10.25
C ASP A 97 70.91 35.12 -11.71
N LYS A 98 70.76 33.84 -12.01
CA LYS A 98 71.04 33.36 -13.36
C LYS A 98 69.82 32.80 -14.07
N ILE A 99 69.09 31.88 -13.44
CA ILE A 99 67.97 31.27 -14.13
C ILE A 99 66.80 32.23 -14.23
N ASN A 100 66.37 32.78 -13.09
CA ASN A 100 65.20 33.64 -13.09
C ASN A 100 65.50 35.02 -13.65
N ALA A 101 66.71 35.53 -13.47
CA ALA A 101 67.02 36.89 -13.90
C ALA A 101 67.33 36.95 -15.39
N LYS A 102 68.41 36.28 -15.80
CA LYS A 102 68.90 36.39 -17.18
C LYS A 102 68.50 35.21 -18.05
N GLY A 103 67.77 34.24 -17.51
CA GLY A 103 67.37 33.10 -18.32
C GLY A 103 68.55 32.30 -18.84
N VAL A 104 69.61 32.18 -18.05
CA VAL A 104 70.79 31.42 -18.43
C VAL A 104 71.16 30.51 -17.27
N CYS A 105 71.93 29.48 -17.58
CA CYS A 105 72.39 28.52 -16.59
C CYS A 105 73.89 28.40 -16.71
N ARG A 106 74.53 27.91 -15.65
CA ARG A 106 75.96 28.15 -15.47
C ARG A 106 76.86 27.11 -16.12
N SER A 107 76.33 26.12 -16.81
CA SER A 107 77.13 25.17 -17.59
C SER A 107 78.22 24.50 -16.76
N THR A 108 78.05 24.45 -15.44
CA THR A 108 78.96 23.73 -14.57
C THR A 108 78.18 23.35 -13.32
N ALA A 109 78.56 22.22 -12.72
CA ALA A 109 77.80 21.66 -11.62
C ALA A 109 78.71 21.39 -10.44
N LYS A 110 78.48 22.07 -9.34
CA LYS A 110 79.17 21.82 -8.09
C LYS A 110 78.18 21.24 -7.11
N TYR A 111 78.48 20.06 -6.58
CA TYR A 111 77.51 19.43 -5.70
C TYR A 111 78.20 18.40 -4.83
N VAL A 112 77.59 18.12 -3.70
CA VAL A 112 78.11 17.14 -2.75
C VAL A 112 77.39 15.83 -3.00
N ARG A 113 78.15 14.82 -3.40
CA ARG A 113 77.66 13.47 -3.61
C ARG A 113 78.55 12.52 -2.86
N ASN A 114 77.95 11.52 -2.23
CA ASN A 114 78.66 10.56 -1.39
C ASN A 114 79.68 11.27 -0.50
N ASN A 115 79.22 12.33 0.13
CA ASN A 115 80.01 13.05 1.10
C ASN A 115 81.30 13.59 0.48
N LEU A 116 81.17 14.13 -0.73
CA LEU A 116 82.32 14.68 -1.42
C LEU A 116 81.87 15.83 -2.30
N GLU A 117 82.75 16.80 -2.49
CA GLU A 117 82.49 17.95 -3.33
C GLU A 117 82.99 17.68 -4.75
N THR A 118 82.09 17.67 -5.72
CA THR A 118 82.42 17.28 -7.08
C THR A 118 81.96 18.34 -8.06
N THR A 119 82.76 18.54 -9.10
CA THR A 119 82.59 19.60 -10.08
C THR A 119 82.58 19.00 -11.47
N ALA A 120 81.59 19.38 -12.28
CA ALA A 120 81.44 18.88 -13.63
C ALA A 120 81.38 20.04 -14.62
N PHE A 121 82.14 19.96 -15.70
CA PHE A 121 82.17 20.98 -16.74
C PHE A 121 81.63 20.40 -18.03
N HIS A 122 80.79 21.17 -18.73
CA HIS A 122 79.90 20.61 -19.75
C HIS A 122 80.64 19.84 -20.84
N ARG A 123 81.88 20.18 -21.11
CA ARG A 123 82.62 19.42 -22.11
C ARG A 123 84.04 19.18 -21.63
N ASP A 124 84.24 19.18 -20.33
CA ASP A 124 85.55 19.22 -19.68
C ASP A 124 86.30 20.51 -20.04
N ASP A 125 85.64 21.44 -20.71
CA ASP A 125 86.21 22.72 -21.11
C ASP A 125 85.91 23.75 -20.02
N HIS A 126 86.10 25.04 -20.32
CA HIS A 126 85.94 26.07 -19.32
C HIS A 126 84.46 26.30 -18.99
N GLU A 127 84.25 27.07 -17.94
CA GLU A 127 82.90 27.41 -17.51
C GLU A 127 82.36 28.55 -18.36
N THR A 128 81.12 28.40 -18.81
CA THR A 128 80.44 29.43 -19.59
C THR A 128 79.02 29.53 -19.07
N ASP A 129 78.20 30.32 -19.76
CA ASP A 129 76.79 30.45 -19.46
C ASP A 129 75.99 30.04 -20.69
N MET A 130 75.18 29.02 -20.56
CA MET A 130 74.42 28.47 -21.67
C MET A 130 73.07 29.17 -21.76
N GLU A 131 72.61 29.40 -22.99
CA GLU A 131 71.35 30.09 -23.22
C GLU A 131 70.21 29.09 -23.07
N LEU A 132 69.52 29.14 -21.94
CA LEU A 132 68.42 28.24 -21.69
C LEU A 132 67.34 28.43 -22.75
N LYS A 133 66.85 27.33 -23.30
CA LYS A 133 65.96 27.34 -24.45
C LYS A 133 64.82 26.36 -24.26
N PRO A 134 63.74 26.52 -25.02
CA PRO A 134 62.64 25.55 -24.95
C PRO A 134 63.08 24.19 -25.44
N ALA A 135 62.45 23.16 -24.90
CA ALA A 135 62.72 21.77 -25.25
C ALA A 135 61.75 21.32 -26.32
N ASN A 136 61.91 20.06 -26.75
CA ASN A 136 60.98 19.52 -27.73
C ASN A 136 59.59 19.43 -27.13
N ALA A 137 58.60 19.29 -28.01
CA ALA A 137 57.21 19.23 -27.60
C ALA A 137 56.75 17.79 -27.53
N ALA A 138 55.77 17.55 -26.66
CA ALA A 138 55.18 16.23 -26.55
C ALA A 138 53.79 16.37 -25.96
N THR A 139 53.00 15.33 -26.14
CA THR A 139 51.62 15.36 -25.67
C THR A 139 51.58 15.25 -24.15
N ARG A 140 50.73 16.07 -23.54
CA ARG A 140 50.43 15.97 -22.11
C ARG A 140 51.69 16.05 -21.25
N THR A 141 52.62 16.90 -21.65
CA THR A 141 53.80 17.18 -20.84
C THR A 141 53.90 18.67 -20.61
N SER A 142 54.45 19.04 -19.45
CA SER A 142 54.54 20.44 -19.09
C SER A 142 55.75 21.09 -19.73
N ARG A 143 55.81 22.42 -19.65
CA ARG A 143 56.90 23.16 -20.24
C ARG A 143 58.22 22.76 -19.61
N GLY A 144 59.21 22.47 -20.47
CA GLY A 144 60.54 22.15 -20.00
C GLY A 144 61.56 22.99 -20.74
N TRP A 145 62.78 23.00 -20.22
CA TRP A 145 63.83 23.81 -20.80
C TRP A 145 65.18 23.17 -20.55
N HIS A 146 65.99 23.04 -21.59
CA HIS A 146 67.31 22.46 -21.47
C HIS A 146 68.30 23.25 -22.28
N THR A 147 69.58 23.15 -21.92
CA THR A 147 70.61 23.94 -22.57
C THR A 147 71.45 23.14 -23.56
N THR A 148 71.28 21.83 -23.62
CA THR A 148 72.03 21.00 -24.56
C THR A 148 71.15 19.82 -24.97
N ASP A 149 71.43 19.29 -26.17
CA ASP A 149 70.71 18.13 -26.64
C ASP A 149 71.60 17.11 -27.35
N LEU A 150 72.92 17.25 -27.27
CA LEU A 150 73.84 16.29 -27.85
C LEU A 150 74.85 15.89 -26.80
N LYS A 151 74.70 14.69 -26.25
CA LYS A 151 75.61 14.22 -25.23
C LYS A 151 77.01 14.15 -25.79
N TYR A 152 77.91 14.94 -25.20
CA TYR A 152 79.28 14.98 -25.67
C TYR A 152 79.98 13.67 -25.36
N ASN A 153 80.73 13.16 -26.33
CA ASN A 153 81.49 11.93 -26.20
C ASN A 153 82.89 12.15 -26.70
N PRO A 154 83.87 11.44 -26.15
CA PRO A 154 85.26 11.74 -26.48
C PRO A 154 85.56 11.46 -27.94
N SER A 155 86.50 12.23 -28.49
CA SER A 155 86.92 12.03 -29.86
C SER A 155 87.66 10.70 -30.00
N ARG A 156 87.61 10.14 -31.21
CA ARG A 156 88.20 8.84 -31.42
C ARG A 156 89.72 8.90 -31.24
N VAL A 157 90.25 7.93 -30.50
CA VAL A 157 91.68 7.75 -30.30
C VAL A 157 91.89 6.24 -30.48
N GLU A 158 93.10 5.75 -30.22
CA GLU A 158 93.39 4.33 -30.29
C GLU A 158 92.88 3.60 -29.07
N ALA A 159 93.39 2.38 -28.83
CA ALA A 159 92.82 1.46 -27.85
C ALA A 159 92.56 2.09 -26.49
N PHE A 160 93.13 3.25 -26.21
CA PHE A 160 92.89 3.93 -24.94
C PHE A 160 91.40 4.13 -24.71
N HIS A 161 90.95 3.82 -23.50
CA HIS A 161 89.65 4.31 -23.06
C HIS A 161 89.72 5.82 -22.91
N ARG A 162 88.60 6.49 -23.17
CA ARG A 162 88.53 7.93 -23.02
C ARG A 162 87.23 8.30 -22.35
N TYR A 163 87.30 9.35 -21.53
CA TYR A 163 86.18 9.77 -20.71
C TYR A 163 85.57 11.06 -21.25
N GLY A 164 84.26 11.11 -21.28
CA GLY A 164 83.57 12.29 -21.75
C GLY A 164 82.47 12.70 -20.80
N THR A 165 82.52 13.93 -20.32
CA THR A 165 81.53 14.47 -19.43
C THR A 165 80.40 15.08 -20.26
N THR A 166 79.27 15.35 -19.62
CA THR A 166 78.20 16.09 -20.28
C THR A 166 77.25 16.65 -19.23
N VAL A 167 77.15 17.98 -19.16
CA VAL A 167 76.31 18.64 -18.19
C VAL A 167 75.16 19.31 -18.93
N ASN A 168 73.94 18.91 -18.61
CA ASN A 168 72.77 19.46 -19.27
C ASN A 168 71.91 20.09 -18.19
N CYS A 169 71.85 21.42 -18.17
CA CYS A 169 70.98 22.12 -17.24
C CYS A 169 69.54 21.99 -17.68
N ILE A 170 68.65 21.71 -16.73
CA ILE A 170 67.26 21.44 -17.05
C ILE A 170 66.38 22.13 -16.02
N VAL A 171 65.31 22.74 -16.51
CA VAL A 171 64.29 23.39 -15.69
C VAL A 171 62.94 22.91 -16.15
N GLU A 172 62.17 22.32 -15.25
CA GLU A 172 60.84 21.84 -15.61
C GLU A 172 59.80 22.40 -14.65
N GLU A 173 58.59 22.52 -15.15
CA GLU A 173 57.43 22.80 -14.32
C GLU A 173 56.70 21.49 -14.05
N VAL A 174 56.38 21.24 -12.80
CA VAL A 174 55.84 19.94 -12.39
C VAL A 174 54.67 20.16 -11.46
N ASP A 175 53.63 19.35 -11.63
CA ASP A 175 52.60 19.28 -10.61
C ASP A 175 53.18 18.64 -9.36
N ALA A 176 52.73 19.10 -8.21
CA ALA A 176 53.15 18.53 -6.95
C ALA A 176 51.92 18.22 -6.12
N ARG A 177 52.02 17.15 -5.33
CA ARG A 177 50.87 16.67 -4.58
C ARG A 177 51.27 16.32 -3.17
N SER A 178 50.37 16.58 -2.22
CA SER A 178 50.61 16.19 -0.84
C SER A 178 49.32 15.64 -0.24
N VAL A 179 49.47 14.85 0.82
CA VAL A 179 48.33 14.22 1.46
C VAL A 179 48.44 14.45 2.96
N TYR A 180 47.29 14.40 3.63
CA TYR A 180 47.23 14.69 5.06
C TYR A 180 48.16 13.75 5.83
N PRO A 181 48.87 14.25 6.84
CA PRO A 181 48.83 15.59 7.43
C PRO A 181 49.72 16.60 6.72
N TYR A 182 49.97 16.42 5.44
CA TYR A 182 50.82 17.32 4.66
C TYR A 182 52.18 17.45 5.31
N ASP A 183 52.79 16.31 5.60
CA ASP A 183 54.12 16.26 6.17
C ASP A 183 55.22 16.22 5.11
N GLU A 184 54.91 15.74 3.92
CA GLU A 184 55.87 15.75 2.82
C GLU A 184 55.07 15.65 1.53
N PHE A 185 55.70 16.04 0.43
CA PHE A 185 55.00 16.13 -0.83
C PHE A 185 55.85 15.52 -1.93
N VAL A 186 55.23 15.36 -3.10
CA VAL A 186 55.79 14.57 -4.18
C VAL A 186 55.68 15.35 -5.48
N LEU A 187 56.53 15.00 -6.43
CA LEU A 187 56.48 15.58 -7.75
C LEU A 187 56.06 14.52 -8.75
N ALA A 188 55.58 14.97 -9.91
CA ALA A 188 55.18 14.02 -10.93
C ALA A 188 56.35 13.23 -11.48
N THR A 189 57.58 13.73 -11.33
CA THR A 189 58.73 12.97 -11.77
C THR A 189 58.93 11.71 -10.93
N GLY A 190 58.31 11.64 -9.77
CA GLY A 190 58.45 10.52 -8.87
C GLY A 190 59.37 10.78 -7.71
N ASP A 191 60.19 11.82 -7.78
CA ASP A 191 61.07 12.15 -6.68
C ASP A 191 60.26 12.67 -5.50
N PHE A 192 60.88 12.65 -4.32
CA PHE A 192 60.19 13.14 -3.14
C PHE A 192 60.90 14.34 -2.54
N VAL A 193 60.19 15.02 -1.66
CA VAL A 193 60.76 16.12 -0.89
C VAL A 193 60.22 15.99 0.53
N TYR A 194 61.11 15.78 1.49
CA TYR A 194 60.70 15.40 2.83
C TYR A 194 60.53 16.63 3.72
N MET A 195 59.62 17.51 3.32
CA MET A 195 59.29 18.65 4.15
C MET A 195 57.89 19.13 3.76
N SER A 196 57.18 19.67 4.73
CA SER A 196 55.81 20.07 4.48
C SER A 196 55.78 21.16 3.42
N PRO A 197 54.77 21.17 2.56
CA PRO A 197 54.69 22.22 1.55
C PRO A 197 54.52 23.60 2.13
N PHE A 198 54.09 23.70 3.38
CA PHE A 198 53.79 24.98 4.02
C PHE A 198 54.87 25.43 4.99
N TYR A 199 55.97 24.70 5.10
CA TYR A 199 57.05 25.14 5.96
C TYR A 199 57.57 26.49 5.50
N GLY A 200 57.92 27.33 6.46
CA GLY A 200 58.41 28.65 6.13
C GLY A 200 58.83 29.39 7.38
N TYR A 201 59.55 30.49 7.17
CA TYR A 201 59.98 31.31 8.29
C TYR A 201 58.84 32.14 8.86
N ARG A 202 57.98 32.66 7.99
CA ARG A 202 56.94 33.58 8.41
C ARG A 202 55.83 32.88 9.18
N GLU A 203 55.19 33.63 10.06
CA GLU A 203 53.92 33.24 10.69
C GLU A 203 54.08 31.97 11.53
N GLY A 204 55.27 31.74 12.06
CA GLY A 204 55.50 30.55 12.85
C GLY A 204 55.43 29.26 12.05
N SER A 205 55.52 29.35 10.73
CA SER A 205 55.45 28.15 9.91
C SER A 205 56.57 27.19 10.23
N HIS A 206 57.64 27.66 10.87
CA HIS A 206 58.74 26.79 11.26
C HIS A 206 58.27 25.72 12.24
N THR A 207 57.01 25.81 12.67
CA THR A 207 56.43 24.70 13.41
C THR A 207 56.27 23.46 12.54
N GLU A 208 56.04 23.65 11.23
CA GLU A 208 55.77 22.55 10.34
C GLU A 208 56.99 21.64 10.21
N HIS A 209 56.79 20.51 9.55
CA HIS A 209 57.79 19.44 9.52
C HIS A 209 58.76 19.67 8.37
N THR A 210 60.04 19.67 8.71
CA THR A 210 61.09 19.51 7.72
C THR A 210 62.01 18.39 8.19
N THR A 211 62.58 17.69 7.23
CA THR A 211 63.50 16.62 7.55
C THR A 211 64.92 16.95 7.18
N TYR A 212 65.13 17.94 6.32
CA TYR A 212 66.46 18.35 5.91
C TYR A 212 66.98 19.40 6.88
N ALA A 213 68.29 19.65 6.80
CA ALA A 213 68.94 20.60 7.68
C ALA A 213 68.45 22.01 7.41
N ALA A 214 68.91 22.98 8.20
CA ALA A 214 68.38 24.33 8.09
C ALA A 214 68.86 25.02 6.83
N ASP A 215 70.11 24.79 6.44
CA ASP A 215 70.69 25.54 5.33
C ASP A 215 70.05 25.18 4.01
N ARG A 216 69.63 23.93 3.83
CA ARG A 216 69.15 23.49 2.53
C ARG A 216 67.88 24.21 2.10
N PHE A 217 67.15 24.81 3.02
CA PHE A 217 65.92 25.50 2.71
C PHE A 217 66.14 27.01 2.75
N LYS A 218 65.50 27.72 1.82
CA LYS A 218 65.66 29.16 1.80
C LYS A 218 64.39 29.82 1.25
N GLN A 219 63.93 30.85 1.93
CA GLN A 219 62.72 31.57 1.54
C GLN A 219 63.11 32.95 1.03
N VAL A 220 62.64 33.28 -0.16
CA VAL A 220 62.93 34.56 -0.79
C VAL A 220 61.65 35.39 -0.81
N ASP A 221 61.75 36.64 -0.38
CA ASP A 221 60.63 37.57 -0.38
C ASP A 221 60.69 38.46 -1.60
N GLY A 222 59.50 38.86 -2.07
CA GLY A 222 59.44 39.75 -3.22
C GLY A 222 60.07 39.18 -4.47
N PHE A 223 59.81 37.90 -4.75
CA PHE A 223 60.37 37.26 -5.92
C PHE A 223 59.58 37.62 -7.17
N TYR A 224 60.31 37.95 -8.23
CA TYR A 224 59.72 38.23 -9.52
C TYR A 224 60.17 37.16 -10.50
N ALA A 225 59.22 36.55 -11.20
CA ALA A 225 59.47 35.35 -11.99
C ALA A 225 59.33 35.64 -13.47
N ARG A 226 60.44 35.94 -14.14
CA ARG A 226 60.43 36.09 -15.58
C ARG A 226 60.43 34.71 -16.22
N ASP A 227 59.42 34.44 -17.04
CA ASP A 227 59.39 33.18 -17.77
C ASP A 227 60.62 33.05 -18.66
N LEU A 228 60.93 31.81 -19.02
CA LEU A 228 62.11 31.52 -19.81
C LEU A 228 61.60 30.97 -21.14
N THR A 229 61.29 31.88 -22.06
CA THR A 229 60.66 31.49 -23.30
C THR A 229 61.56 31.82 -24.49
N ALA A 236 53.95 40.80 -10.26
CA ALA A 236 53.57 40.85 -8.86
C ALA A 236 54.61 40.16 -7.99
N PRO A 237 54.89 40.72 -6.82
CA PRO A 237 55.82 40.08 -5.89
C PRO A 237 55.26 38.76 -5.39
N THR A 238 56.17 37.81 -5.16
CA THR A 238 55.81 36.50 -4.64
C THR A 238 56.88 36.07 -3.64
N THR A 239 56.51 35.13 -2.78
CA THR A 239 57.42 34.53 -1.82
C THR A 239 57.69 33.10 -2.25
N ARG A 240 58.96 32.72 -2.31
CA ARG A 240 59.35 31.43 -2.87
C ARG A 240 60.08 30.59 -1.84
N ASN A 241 59.66 29.34 -1.68
CA ASN A 241 60.44 28.33 -0.98
C ASN A 241 61.35 27.66 -1.99
N LEU A 242 62.63 27.56 -1.64
CA LEU A 242 63.64 26.93 -2.48
C LEU A 242 64.34 25.88 -1.64
N LEU A 243 64.32 24.63 -2.10
CA LEU A 243 64.94 23.53 -1.38
C LEU A 243 65.90 22.82 -2.30
N THR A 244 67.02 22.36 -1.77
CA THR A 244 68.02 21.66 -2.55
C THR A 244 68.29 20.28 -1.97
N THR A 245 67.48 19.32 -2.36
CA THR A 245 67.70 17.93 -2.02
C THR A 245 68.89 17.40 -2.82
N PRO A 246 69.48 16.27 -2.40
CA PRO A 246 70.73 15.83 -3.05
C PRO A 246 70.59 15.47 -4.51
N LYS A 247 69.41 15.67 -5.10
CA LYS A 247 69.19 15.33 -6.49
C LYS A 247 68.76 16.51 -7.36
N PHE A 248 68.13 17.53 -6.80
CA PHE A 248 67.64 18.63 -7.63
C PHE A 248 67.47 19.86 -6.75
N THR A 249 66.72 20.83 -7.25
CA THR A 249 66.30 21.99 -6.47
C THR A 249 64.85 22.27 -6.79
N VAL A 250 64.00 22.16 -5.81
CA VAL A 250 62.57 22.36 -6.03
C VAL A 250 62.20 23.74 -5.52
N ALA A 251 61.27 24.38 -6.20
CA ALA A 251 60.83 25.72 -5.83
C ALA A 251 59.32 25.81 -5.92
N TRP A 252 58.71 26.45 -4.94
CA TRP A 252 57.26 26.64 -5.01
C TRP A 252 56.83 27.85 -4.20
N ASP A 253 55.68 28.40 -4.56
CA ASP A 253 55.20 29.64 -3.97
C ASP A 253 54.66 29.37 -2.57
N TRP A 254 55.26 29.99 -1.57
CA TRP A 254 54.84 29.77 -0.19
C TRP A 254 53.47 30.38 0.05
N VAL A 255 52.61 29.63 0.74
CA VAL A 255 51.30 30.13 1.13
C VAL A 255 50.99 29.63 2.53
N PRO A 256 50.15 30.36 3.26
CA PRO A 256 49.75 29.90 4.58
C PRO A 256 48.94 28.62 4.50
N LYS A 257 49.07 27.79 5.54
CA LYS A 257 48.51 26.45 5.49
C LYS A 257 46.99 26.48 5.66
N ARG A 258 46.51 26.98 6.80
CA ARG A 258 45.10 26.86 7.13
C ARG A 258 44.16 27.36 6.05
N PRO A 259 44.40 28.46 5.36
CA PRO A 259 43.47 28.86 4.29
C PRO A 259 43.67 28.10 2.98
N SER A 260 44.69 27.26 2.87
CA SER A 260 44.98 26.62 1.59
C SER A 260 44.48 25.18 1.49
N VAL A 261 44.31 24.48 2.60
CA VAL A 261 43.84 23.10 2.55
C VAL A 261 42.55 22.96 3.33
N CYS A 262 41.97 21.77 3.30
CA CYS A 262 40.70 21.50 3.94
C CYS A 262 40.49 20.00 3.94
N THR A 263 40.06 19.45 5.08
CA THR A 263 39.71 18.03 5.15
C THR A 263 38.25 17.79 4.84
N MET A 264 37.62 18.69 4.11
CA MET A 264 36.23 18.53 3.70
C MET A 264 36.07 19.15 2.33
N THR A 265 35.21 18.54 1.53
CA THR A 265 34.96 19.00 0.17
C THR A 265 33.48 19.24 0.00
N LYS A 266 33.13 20.40 -0.54
CA LYS A 266 31.74 20.62 -0.90
C LYS A 266 31.30 19.55 -1.87
N TRP A 267 30.39 18.68 -1.45
CA TRP A 267 29.98 17.57 -2.29
C TRP A 267 28.67 17.85 -3.01
N GLN A 268 27.67 18.38 -2.33
CA GLN A 268 26.40 18.68 -2.98
C GLN A 268 25.82 19.97 -2.44
N GLU A 269 25.07 20.66 -3.28
CA GLU A 269 24.30 21.83 -2.88
C GLU A 269 22.83 21.51 -3.09
N VAL A 270 22.03 21.64 -2.05
CA VAL A 270 20.62 21.32 -2.09
C VAL A 270 19.85 22.60 -1.86
N ASP A 271 19.03 22.96 -2.84
CA ASP A 271 18.20 24.16 -2.72
C ASP A 271 17.25 24.03 -1.54
N GLU A 272 16.57 22.91 -1.43
CA GLU A 272 15.63 22.67 -0.34
C GLU A 272 15.89 21.28 0.23
N MET A 273 16.35 21.24 1.48
CA MET A 273 16.40 20.00 2.24
C MET A 273 15.60 20.21 3.50
N LEU A 274 14.61 19.35 3.72
CA LEU A 274 13.72 19.48 4.84
C LEU A 274 14.34 18.86 6.08
N ARG A 275 14.37 19.62 7.17
CA ARG A 275 14.79 19.10 8.46
C ARG A 275 13.57 18.80 9.30
N SER A 276 13.58 17.64 9.95
CA SER A 276 12.52 17.30 10.88
C SER A 276 13.12 16.57 12.08
N GLU A 277 12.40 16.61 13.18
CA GLU A 277 12.82 15.95 14.41
C GLU A 277 12.03 14.66 14.58
N TYR A 278 12.72 13.59 14.99
CA TYR A 278 12.06 12.30 15.12
C TYR A 278 12.90 11.41 16.01
N GLY A 279 12.29 10.86 17.05
CA GLY A 279 12.95 9.89 17.90
C GLY A 279 14.24 10.37 18.51
N GLY A 280 14.41 11.68 18.67
CA GLY A 280 15.64 12.20 19.20
C GLY A 280 16.73 12.45 18.19
N SER A 281 16.40 12.58 16.91
CA SER A 281 17.43 12.87 15.92
C SER A 281 16.80 13.65 14.77
N PHE A 282 17.65 14.35 14.04
CA PHE A 282 17.20 15.10 12.87
C PHE A 282 17.28 14.27 11.61
N ARG A 283 16.22 14.32 10.83
CA ARG A 283 16.20 13.79 9.47
C ARG A 283 16.32 14.97 8.52
N PHE A 284 17.34 14.95 7.67
CA PHE A 284 17.48 15.92 6.59
C PHE A 284 17.21 15.18 5.29
N SER A 285 16.07 15.48 4.66
CA SER A 285 15.64 14.75 3.47
C SER A 285 15.56 15.69 2.27
N SER A 286 16.06 15.22 1.14
CA SER A 286 16.07 16.00 -0.10
C SER A 286 15.52 15.17 -1.24
N ASP A 287 14.56 15.74 -1.97
CA ASP A 287 14.04 15.11 -3.17
C ASP A 287 14.82 15.49 -4.42
N ALA A 288 15.71 16.47 -4.33
CA ALA A 288 16.56 16.78 -5.46
C ALA A 288 17.52 15.65 -5.76
N ILE A 289 17.93 14.92 -4.72
CA ILE A 289 18.83 13.78 -4.88
C ILE A 289 18.26 12.51 -4.26
N SER A 290 17.05 12.56 -3.69
CA SER A 290 16.41 11.40 -3.08
C SER A 290 17.30 10.79 -2.00
N THR A 291 17.52 11.59 -0.95
CA THR A 291 18.47 11.18 0.07
C THR A 291 18.06 11.70 1.43
N THR A 292 18.16 10.85 2.44
CA THR A 292 17.75 11.17 3.81
C THR A 292 18.89 10.88 4.77
N PHE A 293 19.55 11.93 5.25
CA PHE A 293 20.57 11.77 6.26
C PHE A 293 19.96 11.87 7.65
N THR A 294 20.63 11.26 8.62
CA THR A 294 20.22 11.28 10.02
C THR A 294 21.35 11.81 10.87
N THR A 295 21.04 12.76 11.77
CA THR A 295 22.05 13.41 12.57
C THR A 295 21.61 13.50 14.02
N ASN A 296 22.60 13.66 14.90
CA ASN A 296 22.32 13.91 16.31
C ASN A 296 21.66 15.28 16.47
N LEU A 297 20.89 15.42 17.55
CA LEU A 297 20.15 16.66 17.78
C LEU A 297 21.08 17.84 17.96
N THR A 298 22.14 17.69 18.75
CA THR A 298 23.07 18.76 18.98
C THR A 298 23.90 19.01 17.73
N GLU A 299 24.44 20.23 17.63
CA GLU A 299 25.22 20.60 16.45
C GLU A 299 26.59 19.94 16.50
N TYR A 300 27.43 20.29 15.54
CA TYR A 300 28.80 19.80 15.47
C TYR A 300 29.71 21.02 15.33
N PRO A 301 30.41 21.40 16.39
CA PRO A 301 31.25 22.61 16.31
C PRO A 301 32.39 22.42 15.35
N LEU A 302 32.56 23.38 14.44
CA LEU A 302 33.62 23.29 13.44
C LEU A 302 35.00 23.27 14.08
N SER A 303 35.13 23.78 15.30
CA SER A 303 36.43 23.78 15.96
C SER A 303 36.97 22.37 16.13
N ARG A 304 36.09 21.37 16.20
CA ARG A 304 36.54 19.99 16.33
C ARG A 304 37.08 19.43 15.02
N VAL A 305 36.74 20.02 13.89
CA VAL A 305 37.19 19.51 12.60
C VAL A 305 38.62 19.94 12.36
N ASP A 306 39.48 18.97 12.09
CA ASP A 306 40.87 19.28 11.80
C ASP A 306 40.97 20.00 10.45
N LEU A 307 41.72 21.10 10.42
CA LEU A 307 42.01 21.84 9.20
C LEU A 307 40.74 22.35 8.51
N GLY A 308 39.62 22.39 9.22
CA GLY A 308 38.38 22.79 8.60
C GLY A 308 38.17 24.28 8.58
N ASP A 309 38.92 24.99 7.72
CA ASP A 309 38.76 26.43 7.59
C ASP A 309 38.03 26.83 6.31
N CYS A 310 37.95 25.93 5.33
CA CYS A 310 37.22 26.24 4.11
C CYS A 310 35.72 26.05 4.26
N ILE A 311 35.29 25.32 5.30
CA ILE A 311 33.89 24.94 5.42
C ILE A 311 33.01 26.16 5.57
N GLY A 312 33.38 27.07 6.47
CA GLY A 312 32.57 28.25 6.67
C GLY A 312 32.43 29.08 5.41
N LYS A 313 33.57 29.33 4.74
CA LYS A 313 33.54 30.16 3.53
C LYS A 313 32.69 29.52 2.45
N ASP A 314 32.93 28.24 2.18
CA ASP A 314 32.20 27.57 1.11
C ASP A 314 30.72 27.53 1.41
N ALA A 315 30.34 27.20 2.65
CA ALA A 315 28.94 27.13 3.01
C ALA A 315 28.28 28.49 2.86
N ARG A 316 28.91 29.54 3.37
CA ARG A 316 28.30 30.86 3.31
C ARG A 316 28.15 31.32 1.87
N ASP A 317 29.17 31.09 1.04
CA ASP A 317 29.09 31.46 -0.36
C ASP A 317 27.94 30.74 -1.05
N ALA A 318 27.85 29.42 -0.84
CA ALA A 318 26.81 28.65 -1.51
C ALA A 318 25.42 29.06 -1.04
N MET A 319 25.22 29.25 0.26
CA MET A 319 23.91 29.68 0.72
C MET A 319 23.56 31.05 0.18
N ASP A 320 24.51 31.99 0.14
CA ASP A 320 24.19 33.30 -0.39
C ASP A 320 23.80 33.23 -1.85
N ARG A 321 24.55 32.48 -2.65
CA ARG A 321 24.25 32.39 -4.07
C ARG A 321 22.90 31.73 -4.31
N ILE A 322 22.60 30.66 -3.57
CA ILE A 322 21.34 29.96 -3.77
C ILE A 322 20.18 30.82 -3.30
N PHE A 323 20.35 31.53 -2.18
CA PHE A 323 19.31 32.42 -1.70
C PHE A 323 19.00 33.50 -2.73
N ALA A 324 20.05 34.08 -3.32
CA ALA A 324 19.82 35.10 -4.34
C ALA A 324 19.10 34.51 -5.55
N ARG A 325 19.52 33.33 -5.99
CA ARG A 325 18.98 32.78 -7.23
C ARG A 325 17.51 32.41 -7.09
N ARG A 326 17.12 31.83 -5.97
CA ARG A 326 15.78 31.29 -5.82
C ARG A 326 14.93 32.05 -4.81
N TYR A 327 15.38 32.17 -3.57
CA TYR A 327 14.55 32.76 -2.52
C TYR A 327 14.81 34.25 -2.38
N ASN A 328 14.68 34.99 -3.48
CA ASN A 328 14.97 36.42 -3.45
C ASN A 328 14.00 37.15 -2.53
N ALA A 329 12.71 36.82 -2.63
CA ALA A 329 11.72 37.55 -1.86
C ALA A 329 10.69 36.65 -1.18
N THR A 330 10.56 35.40 -1.58
CA THR A 330 9.51 34.54 -1.04
C THR A 330 9.87 34.01 0.35
N HIS A 331 11.13 34.05 0.74
CA HIS A 331 11.53 33.52 2.04
C HIS A 331 12.63 34.39 2.62
N ILE A 332 12.84 34.23 3.92
CA ILE A 332 13.86 34.97 4.66
C ILE A 332 14.70 34.01 5.48
N LYS A 333 15.97 34.35 5.66
CA LYS A 333 16.85 33.54 6.49
C LYS A 333 16.44 33.65 7.94
N VAL A 334 16.77 32.62 8.71
CA VAL A 334 16.45 32.55 10.13
C VAL A 334 17.71 32.09 10.85
N GLY A 335 18.46 33.03 11.42
CA GLY A 335 19.61 32.68 12.23
C GLY A 335 20.83 32.33 11.40
N GLN A 336 21.90 32.04 12.11
CA GLN A 336 23.17 31.71 11.50
C GLN A 336 23.14 30.30 10.92
N PRO A 337 24.00 30.00 9.94
CA PRO A 337 24.12 28.64 9.45
C PRO A 337 24.53 27.68 10.56
N GLN A 338 24.00 26.47 10.49
CA GLN A 338 24.24 25.44 11.50
C GLN A 338 25.00 24.29 10.86
N TYR A 339 25.62 23.47 11.71
CA TYR A 339 26.41 22.34 11.22
C TYR A 339 26.08 21.09 12.03
N TYR A 340 25.75 20.01 11.32
CA TYR A 340 25.46 18.73 11.94
C TYR A 340 26.29 17.64 11.28
N GLN A 341 26.45 16.52 11.97
CA GLN A 341 27.16 15.38 11.41
C GLN A 341 26.20 14.21 11.25
N ALA A 342 26.21 13.61 10.07
CA ALA A 342 25.28 12.55 9.71
C ALA A 342 25.96 11.20 9.76
N ASN A 343 25.14 10.15 9.84
CA ASN A 343 25.67 8.80 9.78
C ASN A 343 26.43 8.59 8.48
N GLY A 344 27.59 7.99 8.59
CA GLY A 344 28.43 7.78 7.43
C GLY A 344 29.46 8.86 7.19
N GLY A 345 29.44 9.94 7.96
CA GLY A 345 30.50 10.92 7.92
C GLY A 345 30.21 12.18 7.14
N PHE A 346 29.03 12.31 6.54
CA PHE A 346 28.71 13.51 5.79
C PHE A 346 28.40 14.65 6.76
N LEU A 347 29.04 15.80 6.54
CA LEU A 347 28.83 16.98 7.36
C LEU A 347 27.86 17.91 6.65
N ILE A 348 26.76 18.23 7.31
CA ILE A 348 25.68 18.99 6.70
C ILE A 348 25.73 20.42 7.23
N ALA A 349 25.85 21.38 6.32
CA ALA A 349 25.71 22.79 6.65
C ALA A 349 24.32 23.22 6.25
N TYR A 350 23.54 23.68 7.22
CA TYR A 350 22.11 23.87 7.04
C TYR A 350 21.74 25.29 7.42
N GLN A 351 21.16 26.03 6.48
CA GLN A 351 20.64 27.36 6.73
C GLN A 351 19.13 27.32 6.72
N PRO A 352 18.47 27.48 7.86
CA PRO A 352 17.01 27.45 7.87
C PRO A 352 16.44 28.61 7.08
N LEU A 353 15.24 28.38 6.56
CA LEU A 353 14.50 29.40 5.83
C LEU A 353 13.17 29.63 6.52
N LEU A 354 12.46 30.66 6.07
CA LEU A 354 11.11 30.90 6.58
C LEU A 354 10.27 31.56 5.50
N SER A 355 9.07 31.03 5.28
CA SER A 355 8.16 31.66 4.34
C SER A 355 7.71 33.01 4.87
N ASN A 356 7.28 33.87 3.94
CA ASN A 356 6.82 35.20 4.34
C ASN A 356 5.60 35.10 5.25
N THR A 357 4.67 34.21 4.91
CA THR A 357 3.45 34.04 5.69
C THR A 357 3.73 33.57 7.10
N VAL A 390 40.44 17.80 18.59
CA VAL A 390 40.27 17.80 17.14
C VAL A 390 40.29 16.38 16.62
N GLU A 391 39.71 16.16 15.44
CA GLU A 391 39.61 14.81 14.88
C GLU A 391 39.42 14.93 13.38
N ARG A 392 39.38 13.77 12.72
CA ARG A 392 39.11 13.68 11.29
C ARG A 392 37.92 12.76 11.07
N ILE A 393 37.12 13.09 10.06
CA ILE A 393 35.84 12.43 9.83
C ILE A 393 35.99 11.48 8.66
N LYS A 394 35.57 10.23 8.86
CA LYS A 394 35.65 9.19 7.85
C LYS A 394 34.31 9.07 7.14
N THR A 395 34.32 9.09 5.81
CA THR A 395 33.11 9.06 5.02
C THR A 395 32.99 7.75 4.28
N THR A 396 31.85 7.09 4.44
CA THR A 396 31.60 5.84 3.72
C THR A 396 31.54 6.09 2.22
N SER A 397 31.99 5.11 1.46
CA SER A 397 32.05 5.24 0.00
C SER A 397 30.75 4.83 -0.68
N SER A 398 29.74 4.41 0.09
CA SER A 398 28.45 4.02 -0.46
C SER A 398 27.37 4.86 0.18
N ILE A 399 26.56 5.52 -0.64
CA ILE A 399 25.44 6.31 -0.15
C ILE A 399 24.13 5.55 -0.25
N GLU A 400 24.17 4.29 -0.67
CA GLU A 400 22.92 3.58 -0.90
C GLU A 400 22.13 3.38 0.37
N PHE A 401 22.76 3.44 1.54
CA PHE A 401 21.97 3.42 2.77
C PHE A 401 21.06 4.64 2.84
N ALA A 402 21.56 5.81 2.46
CA ALA A 402 20.76 7.02 2.57
C ALA A 402 19.62 7.03 1.55
N ARG A 403 19.91 6.66 0.31
CA ARG A 403 18.85 6.62 -0.69
C ARG A 403 17.83 5.55 -0.34
N LEU A 404 18.29 4.41 0.16
CA LEU A 404 17.35 3.39 0.61
C LEU A 404 16.49 3.91 1.74
N GLN A 405 17.08 4.66 2.66
CA GLN A 405 16.32 5.23 3.74
C GLN A 405 15.28 6.21 3.21
N PHE A 406 15.66 6.99 2.21
CA PHE A 406 14.71 7.94 1.63
C PHE A 406 13.56 7.22 0.95
N THR A 407 13.87 6.20 0.16
CA THR A 407 12.83 5.45 -0.54
C THR A 407 11.88 4.78 0.46
N TYR A 408 12.46 4.10 1.45
CA TYR A 408 11.63 3.42 2.43
C TYR A 408 10.81 4.42 3.23
N ASN A 409 11.39 5.56 3.59
CA ASN A 409 10.65 6.55 4.35
C ASN A 409 9.50 7.10 3.54
N HIS A 410 9.73 7.40 2.27
CA HIS A 410 8.65 7.90 1.43
C HIS A 410 7.53 6.90 1.33
N ILE A 411 7.88 5.64 1.04
CA ILE A 411 6.85 4.62 0.90
C ILE A 411 6.13 4.39 2.22
N GLN A 412 6.88 4.33 3.31
CA GLN A 412 6.25 4.10 4.61
C GLN A 412 5.28 5.22 4.94
N ARG A 413 5.72 6.46 4.75
CA ARG A 413 4.86 7.59 5.07
C ARG A 413 3.59 7.55 4.25
N HIS A 414 3.72 7.33 2.94
CA HIS A 414 2.53 7.39 2.11
C HIS A 414 1.59 6.22 2.39
N VAL A 415 2.13 5.00 2.48
CA VAL A 415 1.27 3.86 2.74
C VAL A 415 0.62 3.98 4.11
N ASN A 416 1.36 4.46 5.11
CA ASN A 416 0.77 4.63 6.43
C ASN A 416 -0.34 5.67 6.39
N ASP A 417 -0.14 6.76 5.65
CA ASP A 417 -1.19 7.77 5.54
C ASP A 417 -2.44 7.19 4.90
N MET A 418 -2.28 6.50 3.79
CA MET A 418 -3.44 5.98 3.08
C MET A 418 -4.15 4.92 3.90
N LEU A 419 -3.40 4.05 4.58
CA LEU A 419 -4.02 3.03 5.40
C LEU A 419 -4.70 3.62 6.62
N GLY A 420 -4.14 4.68 7.19
CA GLY A 420 -4.83 5.36 8.26
C GLY A 420 -6.16 5.93 7.78
N ARG A 421 -6.16 6.52 6.59
CA ARG A 421 -7.42 7.02 6.05
C ARG A 421 -8.41 5.89 5.81
N VAL A 422 -7.93 4.76 5.31
CA VAL A 422 -8.83 3.63 5.07
C VAL A 422 -9.41 3.13 6.38
N ALA A 423 -8.58 3.01 7.42
CA ALA A 423 -9.06 2.54 8.71
C ALA A 423 -10.07 3.49 9.30
N ILE A 424 -9.81 4.79 9.22
CA ILE A 424 -10.74 5.77 9.77
C ILE A 424 -12.05 5.74 9.00
N ALA A 425 -11.98 5.62 7.68
CA ALA A 425 -13.21 5.52 6.90
C ALA A 425 -13.99 4.26 7.25
N TRP A 426 -13.29 3.14 7.46
CA TRP A 426 -13.98 1.91 7.82
C TRP A 426 -14.67 2.05 9.16
N CYS A 427 -13.97 2.61 10.13
CA CYS A 427 -14.57 2.91 11.43
C CYS A 427 -15.82 3.76 11.30
N GLU A 428 -15.72 4.85 10.55
CA GLU A 428 -16.88 5.72 10.40
C GLU A 428 -18.02 5.00 9.70
N LEU A 429 -17.70 4.16 8.72
CA LEU A 429 -18.74 3.42 8.03
C LEU A 429 -19.48 2.48 8.97
N GLN A 430 -18.75 1.80 9.85
CA GLN A 430 -19.43 0.92 10.80
C GLN A 430 -20.28 1.71 11.79
N ASN A 431 -19.70 2.76 12.37
CA ASN A 431 -20.47 3.59 13.28
C ASN A 431 -21.67 4.20 12.58
N HIS A 432 -21.62 4.30 11.26
CA HIS A 432 -22.66 4.91 10.47
C HIS A 432 -23.75 3.92 10.11
N GLU A 433 -23.39 2.66 9.86
CA GLU A 433 -24.36 1.63 9.53
C GLU A 433 -24.96 0.98 10.75
N LEU A 434 -24.46 1.31 11.94
CA LEU A 434 -25.17 0.85 13.13
C LEU A 434 -26.64 1.29 13.10
N THR A 435 -26.93 2.43 12.47
CA THR A 435 -28.31 2.87 12.37
C THR A 435 -29.14 1.95 11.50
N LEU A 436 -28.62 1.56 10.34
CA LEU A 436 -29.33 0.61 9.50
C LEU A 436 -29.54 -0.70 10.24
N TRP A 437 -28.54 -1.12 11.01
CA TRP A 437 -28.71 -2.37 11.74
C TRP A 437 -29.74 -2.23 12.84
N ASN A 438 -29.82 -1.06 13.48
CA ASN A 438 -30.87 -0.84 14.48
C ASN A 438 -32.24 -0.91 13.84
N GLU A 439 -32.41 -0.34 12.66
CA GLU A 439 -33.73 -0.24 12.08
C GLU A 439 -34.07 -1.41 11.17
N ALA A 440 -33.15 -2.36 11.00
CA ALA A 440 -33.48 -3.59 10.31
C ALA A 440 -33.90 -4.67 11.28
N ARG A 441 -33.30 -4.69 12.47
CA ARG A 441 -33.68 -5.69 13.46
C ARG A 441 -35.12 -5.54 13.90
N LYS A 442 -35.72 -4.38 13.69
CA LYS A 442 -37.13 -4.23 14.04
C LYS A 442 -38.06 -4.84 13.01
N LEU A 443 -37.56 -5.21 11.83
CA LEU A 443 -38.41 -5.80 10.81
C LEU A 443 -38.60 -7.29 11.03
N ASN A 444 -37.51 -8.05 11.10
CA ASN A 444 -37.56 -9.45 11.48
C ASN A 444 -36.31 -9.78 12.29
N PRO A 445 -36.43 -9.84 13.61
CA PRO A 445 -35.23 -10.04 14.43
C PRO A 445 -34.51 -11.35 14.16
N ASN A 446 -35.18 -12.34 13.55
CA ASN A 446 -34.55 -13.64 13.38
C ASN A 446 -33.28 -13.56 12.57
N ALA A 447 -33.37 -12.95 11.38
CA ALA A 447 -32.22 -12.94 10.49
C ALA A 447 -31.09 -12.11 11.07
N ILE A 448 -31.40 -10.94 11.60
CA ILE A 448 -30.37 -10.07 12.15
C ILE A 448 -29.68 -10.74 13.33
N ALA A 449 -30.47 -11.33 14.23
CA ALA A 449 -29.88 -11.96 15.40
C ALA A 449 -29.02 -13.15 14.99
N SER A 450 -29.49 -13.95 14.02
CA SER A 450 -28.71 -15.10 13.60
C SER A 450 -27.40 -14.68 12.95
N VAL A 451 -27.44 -13.71 12.05
CA VAL A 451 -26.22 -13.29 11.39
C VAL A 451 -25.32 -12.53 12.34
N THR A 452 -25.84 -12.03 13.45
CA THR A 452 -25.00 -11.28 14.37
C THR A 452 -24.34 -12.17 15.40
N VAL A 453 -25.12 -13.03 16.06
CA VAL A 453 -24.57 -13.90 17.09
C VAL A 453 -23.57 -14.87 16.48
N GLY A 454 -23.92 -15.48 15.37
CA GLY A 454 -23.05 -16.44 14.71
C GLY A 454 -23.76 -17.76 14.48
N ARG A 455 -24.59 -18.16 15.43
CA ARG A 455 -25.38 -19.36 15.30
C ARG A 455 -26.62 -19.06 14.46
N ARG A 456 -27.57 -19.97 14.46
CA ARG A 456 -28.86 -19.80 13.80
C ARG A 456 -29.89 -19.77 14.92
N VAL A 457 -30.16 -18.58 15.45
CA VAL A 457 -30.98 -18.43 16.64
C VAL A 457 -32.31 -17.83 16.26
N SER A 458 -33.27 -17.93 17.19
CA SER A 458 -34.57 -17.29 17.06
C SER A 458 -34.66 -16.21 18.12
N ALA A 459 -35.09 -15.02 17.71
CA ALA A 459 -35.05 -13.88 18.60
C ALA A 459 -36.33 -13.08 18.48
N ARG A 460 -36.60 -12.31 19.53
CA ARG A 460 -37.63 -11.29 19.47
C ARG A 460 -37.12 -10.08 20.24
N MET A 461 -37.86 -8.98 20.16
CA MET A 461 -37.44 -7.73 20.77
C MET A 461 -38.28 -7.46 22.01
N LEU A 462 -37.60 -7.18 23.11
CA LEU A 462 -38.22 -6.86 24.40
C LEU A 462 -38.17 -5.38 24.68
N GLY A 463 -38.41 -4.54 23.69
CA GLY A 463 -38.20 -3.12 23.86
C GLY A 463 -36.95 -2.68 23.16
N ASP A 464 -35.86 -2.50 23.90
CA ASP A 464 -34.59 -2.09 23.31
C ASP A 464 -33.53 -3.17 23.35
N VAL A 465 -33.92 -4.42 23.60
CA VAL A 465 -32.98 -5.53 23.61
C VAL A 465 -33.59 -6.71 22.88
N MET A 466 -32.73 -7.65 22.51
CA MET A 466 -33.14 -8.85 21.81
C MET A 466 -33.03 -10.05 22.74
N ALA A 467 -34.09 -10.83 22.83
CA ALA A 467 -34.07 -12.09 23.56
C ALA A 467 -33.95 -13.22 22.55
N VAL A 468 -32.98 -14.10 22.76
CA VAL A 468 -32.60 -15.11 21.79
C VAL A 468 -32.83 -16.50 22.36
N SER A 469 -32.78 -17.48 21.48
CA SER A 469 -32.84 -18.90 21.85
C SER A 469 -32.37 -19.74 20.68
N THR A 470 -31.48 -20.70 20.94
CA THR A 470 -30.89 -21.48 19.87
C THR A 470 -31.94 -22.33 19.16
N CYS A 471 -31.78 -22.50 17.85
CA CYS A 471 -32.69 -23.28 17.04
C CYS A 471 -32.12 -24.67 16.80
N VAL A 472 -32.98 -25.68 16.87
CA VAL A 472 -32.59 -27.08 16.76
C VAL A 472 -32.59 -27.52 15.31
N PRO A 473 -31.51 -28.11 14.83
CA PRO A 473 -31.46 -28.56 13.42
C PRO A 473 -32.36 -29.76 13.17
N VAL A 474 -32.78 -29.88 11.92
CA VAL A 474 -33.62 -30.98 11.45
C VAL A 474 -33.05 -31.47 10.14
N ALA A 475 -32.90 -32.78 10.01
CA ALA A 475 -32.28 -33.37 8.83
C ALA A 475 -33.13 -33.11 7.60
N ALA A 476 -32.45 -32.92 6.46
CA ALA A 476 -33.16 -32.52 5.24
C ALA A 476 -34.16 -33.58 4.80
N ASP A 477 -33.77 -34.84 4.85
CA ASP A 477 -34.59 -35.90 4.26
C ASP A 477 -35.88 -36.17 5.03
N ASN A 478 -36.06 -35.58 6.22
CA ASN A 478 -37.22 -35.85 7.05
C ASN A 478 -38.28 -34.76 6.93
N VAL A 479 -38.47 -34.16 5.75
CA VAL A 479 -39.57 -33.19 5.55
C VAL A 479 -40.49 -33.62 4.41
N ILE A 480 -41.77 -33.29 4.55
CA ILE A 480 -42.82 -33.50 3.56
C ILE A 480 -43.49 -32.16 3.32
N VAL A 481 -43.61 -31.74 2.06
CA VAL A 481 -44.41 -30.57 1.67
C VAL A 481 -45.79 -31.05 1.25
N GLN A 482 -46.84 -30.57 1.90
CA GLN A 482 -48.20 -30.94 1.51
C GLN A 482 -48.56 -30.32 0.17
N ASN A 483 -49.37 -30.98 -0.66
CA ASN A 483 -49.52 -30.55 -2.05
C ASN A 483 -50.30 -29.25 -2.17
N SER A 484 -51.42 -29.10 -1.46
CA SER A 484 -52.33 -27.95 -1.57
C SER A 484 -52.11 -26.95 -0.43
N MET A 485 -52.11 -25.66 -0.77
CA MET A 485 -52.04 -24.57 0.20
C MET A 485 -53.41 -24.04 0.62
N ARG A 486 -54.50 -24.54 0.02
CA ARG A 486 -55.87 -24.06 0.29
C ARG A 486 -56.38 -24.61 1.64
N ILE A 487 -57.44 -24.00 2.18
CA ILE A 487 -58.08 -24.42 3.43
C ILE A 487 -59.61 -24.43 3.28
N SER A 488 -60.20 -25.62 3.22
CA SER A 488 -61.62 -25.81 2.88
C SER A 488 -62.60 -25.10 3.81
N SER A 489 -62.31 -25.06 5.11
CA SER A 489 -63.13 -24.40 6.13
C SER A 489 -63.08 -22.86 6.06
N ARG A 490 -62.18 -22.28 5.26
CA ARG A 490 -62.04 -20.82 5.05
C ARG A 490 -62.01 -20.49 3.55
N PRO A 491 -63.15 -20.53 2.84
CA PRO A 491 -63.22 -20.18 1.43
C PRO A 491 -62.63 -18.80 1.13
N GLY A 492 -61.89 -18.68 0.02
CA GLY A 492 -61.22 -17.43 -0.36
C GLY A 492 -59.97 -17.07 0.46
N ALA A 493 -59.58 -17.91 1.43
CA ALA A 493 -58.34 -17.76 2.19
C ALA A 493 -57.45 -19.00 2.04
N CYS A 494 -56.14 -18.80 2.05
CA CYS A 494 -55.14 -19.84 1.79
C CYS A 494 -53.89 -19.59 2.61
N TYR A 495 -53.11 -20.63 2.91
CA TYR A 495 -51.81 -20.47 3.54
C TYR A 495 -50.82 -19.78 2.58
N SER A 496 -50.20 -18.68 3.02
CA SER A 496 -49.34 -17.85 2.16
C SER A 496 -47.93 -18.39 1.93
N ARG A 497 -47.52 -19.40 2.71
CA ARG A 497 -46.29 -20.20 2.56
C ARG A 497 -46.59 -21.68 2.80
N PRO A 498 -45.84 -22.63 2.24
CA PRO A 498 -46.24 -24.03 2.17
C PRO A 498 -46.48 -24.68 3.54
N LEU A 499 -47.50 -25.52 3.64
CA LEU A 499 -47.64 -26.41 4.79
C LEU A 499 -46.62 -27.54 4.71
N VAL A 500 -46.00 -27.87 5.83
CA VAL A 500 -44.99 -28.93 5.92
C VAL A 500 -45.24 -29.83 7.12
N SER A 501 -44.67 -31.02 7.05
CA SER A 501 -44.67 -32.01 8.12
C SER A 501 -43.29 -32.64 8.22
N PHE A 502 -42.84 -32.98 9.42
CA PHE A 502 -41.45 -33.33 9.70
C PHE A 502 -41.31 -34.21 10.95
N ARG A 503 -40.11 -34.74 11.22
CA ARG A 503 -39.84 -35.49 12.44
C ARG A 503 -38.46 -35.12 12.95
N TYR A 504 -38.37 -34.83 14.25
CA TYR A 504 -37.11 -34.33 14.80
C TYR A 504 -36.01 -35.37 14.68
N GLU A 505 -36.26 -36.57 15.16
CA GLU A 505 -35.31 -37.67 15.04
C GLU A 505 -35.60 -38.42 13.75
N ASP A 506 -34.62 -39.21 13.32
CA ASP A 506 -34.78 -39.91 12.06
C ASP A 506 -36.01 -40.82 12.05
N GLN A 507 -36.47 -41.26 13.20
CA GLN A 507 -37.67 -42.09 13.27
C GLN A 507 -38.60 -41.71 14.42
N GLY A 508 -38.73 -40.41 14.71
CA GLY A 508 -39.74 -39.96 15.64
C GLY A 508 -41.10 -39.86 14.98
N PRO A 509 -42.04 -39.27 15.71
CA PRO A 509 -43.39 -39.10 15.16
C PRO A 509 -43.43 -38.03 14.09
N LEU A 510 -44.55 -37.88 13.40
CA LEU A 510 -44.70 -36.85 12.39
C LEU A 510 -45.47 -35.67 12.97
N VAL A 511 -44.86 -34.48 12.92
CA VAL A 511 -45.39 -33.22 13.43
C VAL A 511 -45.63 -32.24 12.28
N GLU A 512 -46.73 -31.50 12.36
CA GLU A 512 -47.06 -30.44 11.43
C GLU A 512 -46.32 -29.14 11.75
N GLY A 513 -46.05 -28.34 10.71
CA GLY A 513 -45.59 -26.96 10.81
C GLY A 513 -45.91 -26.17 9.55
N GLN A 514 -45.26 -25.03 9.38
CA GLN A 514 -45.33 -24.20 8.18
C GLN A 514 -43.94 -23.69 7.79
N LEU A 515 -43.63 -23.69 6.50
CA LEU A 515 -42.33 -23.30 5.98
C LEU A 515 -42.16 -21.79 6.01
N GLY A 516 -41.34 -21.30 6.92
CA GLY A 516 -40.91 -19.90 6.98
C GLY A 516 -39.84 -19.57 5.95
N GLU A 517 -39.19 -18.42 6.12
CA GLU A 517 -38.04 -18.01 5.34
C GLU A 517 -36.80 -18.86 5.68
N ASN A 518 -35.86 -18.97 4.75
CA ASN A 518 -34.51 -19.50 5.02
C ASN A 518 -34.51 -20.81 5.83
N ASN A 519 -35.29 -21.80 5.36
CA ASN A 519 -35.44 -23.14 5.93
C ASN A 519 -36.03 -23.22 7.35
N GLU A 520 -36.55 -22.14 7.91
CA GLU A 520 -37.08 -22.15 9.27
C GLU A 520 -38.48 -22.73 9.27
N LEU A 521 -38.80 -23.64 10.18
CA LEU A 521 -40.16 -24.20 10.32
C LEU A 521 -40.84 -23.55 11.52
N ARG A 522 -41.88 -22.74 11.25
CA ARG A 522 -42.77 -22.29 12.33
C ARG A 522 -43.63 -23.47 12.78
N LEU A 523 -43.94 -23.52 14.07
CA LEU A 523 -44.79 -24.58 14.60
C LEU A 523 -46.27 -24.27 14.49
N THR A 524 -46.63 -23.09 14.00
CA THR A 524 -48.01 -22.65 14.02
C THR A 524 -48.50 -22.44 12.60
N ARG A 525 -49.65 -23.01 12.23
CA ARG A 525 -50.26 -22.82 10.91
C ARG A 525 -51.21 -21.62 10.91
N ASP A 526 -50.66 -20.41 10.85
CA ASP A 526 -51.42 -19.15 10.93
C ASP A 526 -51.12 -18.11 9.84
N ALA A 527 -50.11 -18.27 9.00
CA ALA A 527 -49.74 -17.27 7.98
C ALA A 527 -50.66 -17.32 6.76
N ILE A 528 -51.97 -17.12 6.96
CA ILE A 528 -53.00 -17.12 5.94
C ILE A 528 -53.02 -15.78 5.20
N GLU A 529 -53.30 -15.81 3.90
CA GLU A 529 -53.65 -14.64 3.07
C GLU A 529 -55.03 -14.84 2.43
N PRO A 530 -55.80 -13.78 2.17
CA PRO A 530 -56.92 -13.84 1.25
C PRO A 530 -56.37 -14.11 -0.16
N CYS A 531 -56.65 -15.29 -0.71
CA CYS A 531 -56.02 -15.77 -1.93
C CYS A 531 -56.72 -15.29 -3.20
N THR A 532 -55.95 -15.04 -4.27
CA THR A 532 -56.50 -14.49 -5.50
C THR A 532 -56.03 -15.21 -6.76
N VAL A 533 -56.28 -14.57 -7.90
CA VAL A 533 -56.00 -15.15 -9.21
C VAL A 533 -54.58 -14.77 -9.61
N GLY A 534 -53.98 -15.57 -10.49
CA GLY A 534 -52.64 -15.31 -10.96
C GLY A 534 -51.55 -15.70 -9.99
N HIS A 535 -51.90 -16.30 -8.84
CA HIS A 535 -50.96 -16.72 -7.81
C HIS A 535 -49.91 -17.67 -8.35
N ARG A 536 -48.65 -17.35 -8.12
CA ARG A 536 -47.55 -18.25 -8.44
C ARG A 536 -46.36 -17.83 -7.60
N ARG A 537 -45.87 -18.73 -6.75
CA ARG A 537 -44.75 -18.35 -5.85
C ARG A 537 -43.65 -19.41 -5.80
N TYR A 538 -42.42 -18.91 -5.70
CA TYR A 538 -41.28 -19.75 -5.43
C TYR A 538 -40.99 -19.66 -3.94
N PHE A 539 -40.60 -20.74 -3.29
CA PHE A 539 -40.22 -20.70 -1.87
C PHE A 539 -38.90 -21.43 -1.70
N THR A 540 -38.00 -20.91 -0.87
CA THR A 540 -36.74 -21.59 -0.59
C THR A 540 -37.01 -22.85 0.20
N PHE A 541 -36.40 -23.96 -0.20
CA PHE A 541 -36.69 -25.27 0.37
C PHE A 541 -35.49 -26.20 0.17
N GLY A 542 -34.89 -26.69 1.25
CA GLY A 542 -33.66 -27.44 1.16
C GLY A 542 -32.58 -26.55 0.61
N GLY A 543 -31.96 -26.99 -0.49
CA GLY A 543 -30.97 -26.19 -1.16
C GLY A 543 -31.48 -25.52 -2.41
N GLY A 544 -32.73 -25.80 -2.77
CA GLY A 544 -33.32 -25.27 -3.99
C GLY A 544 -34.61 -24.53 -3.69
N TYR A 545 -35.51 -24.56 -4.67
CA TYR A 545 -36.78 -23.88 -4.55
C TYR A 545 -37.91 -24.86 -4.86
N VAL A 546 -39.07 -24.56 -4.31
CA VAL A 546 -40.33 -25.27 -4.58
C VAL A 546 -41.29 -24.26 -5.23
N TYR A 547 -41.93 -24.62 -6.33
CA TYR A 547 -42.72 -23.69 -7.11
C TYR A 547 -44.16 -24.12 -7.09
N PHE A 548 -45.03 -23.24 -6.61
CA PHE A 548 -46.47 -23.40 -6.50
C PHE A 548 -47.19 -22.51 -7.51
N GLU A 549 -48.28 -23.01 -8.08
CA GLU A 549 -49.16 -22.24 -8.95
C GLU A 549 -50.60 -22.40 -8.48
N GLU A 550 -51.28 -21.28 -8.29
CA GLU A 550 -52.71 -21.28 -7.95
C GLU A 550 -52.98 -22.16 -6.74
N TYR A 551 -52.13 -22.01 -5.70
CA TYR A 551 -52.23 -22.71 -4.43
C TYR A 551 -52.15 -24.25 -4.56
N ALA A 552 -51.37 -24.74 -5.53
CA ALA A 552 -51.18 -26.16 -5.77
C ALA A 552 -49.71 -26.39 -6.09
N TYR A 553 -49.10 -27.36 -5.43
CA TYR A 553 -47.70 -27.66 -5.66
C TYR A 553 -47.48 -28.00 -7.13
N SER A 554 -46.47 -27.39 -7.72
CA SER A 554 -46.16 -27.63 -9.12
C SER A 554 -44.88 -28.44 -9.29
N HIS A 555 -43.74 -27.95 -8.80
CA HIS A 555 -42.54 -28.80 -8.89
C HIS A 555 -41.36 -28.11 -8.21
N GLN A 556 -40.30 -28.88 -8.02
CA GLN A 556 -39.08 -28.36 -7.42
C GLN A 556 -38.13 -27.88 -8.50
N LEU A 557 -37.15 -27.07 -8.06
CA LEU A 557 -36.17 -26.46 -8.94
C LEU A 557 -34.86 -26.35 -8.19
N SER A 558 -33.76 -26.35 -8.93
CA SER A 558 -32.48 -26.09 -8.32
C SER A 558 -32.17 -24.61 -8.36
N ARG A 559 -31.14 -24.22 -7.59
CA ARG A 559 -30.73 -22.82 -7.59
C ARG A 559 -30.22 -22.38 -8.95
N ALA A 560 -29.66 -23.31 -9.72
CA ALA A 560 -29.04 -22.93 -10.99
C ALA A 560 -30.07 -22.53 -12.04
N ASP A 561 -31.33 -22.92 -11.87
CA ASP A 561 -32.34 -22.68 -12.89
C ASP A 561 -32.89 -21.26 -12.85
N ILE A 562 -32.28 -20.37 -12.08
CA ILE A 562 -32.75 -19.00 -11.96
C ILE A 562 -31.57 -18.05 -12.12
N THR A 563 -31.73 -17.05 -12.98
CA THR A 563 -30.65 -16.09 -13.20
C THR A 563 -30.35 -15.34 -11.92
N THR A 564 -29.06 -15.19 -11.59
CA THR A 564 -28.64 -14.68 -10.31
C THR A 564 -28.04 -13.29 -10.49
N VAL A 565 -28.75 -12.28 -10.02
CA VAL A 565 -28.19 -10.93 -9.91
C VAL A 565 -27.33 -10.89 -8.66
N SER A 566 -26.51 -9.86 -8.52
CA SER A 566 -25.56 -9.78 -7.43
C SER A 566 -25.69 -8.44 -6.72
N THR A 567 -25.78 -8.48 -5.38
CA THR A 567 -25.72 -7.28 -4.57
C THR A 567 -24.33 -7.02 -4.03
N PHE A 568 -23.31 -7.54 -4.70
CA PHE A 568 -21.95 -7.50 -4.20
C PHE A 568 -21.13 -6.52 -5.02
N ILE A 569 -20.26 -5.79 -4.35
CA ILE A 569 -19.33 -4.88 -4.99
C ILE A 569 -18.00 -5.60 -5.12
N ASP A 570 -17.59 -5.86 -6.37
CA ASP A 570 -16.38 -6.61 -6.60
C ASP A 570 -15.16 -5.83 -6.16
N LEU A 571 -14.17 -6.55 -5.63
CA LEU A 571 -12.90 -5.96 -5.22
C LEU A 571 -11.82 -6.99 -5.56
N ASN A 572 -11.24 -6.86 -6.75
CA ASN A 572 -10.27 -7.84 -7.25
C ASN A 572 -8.87 -7.42 -6.80
N ILE A 573 -8.60 -7.63 -5.52
CA ILE A 573 -7.31 -7.27 -4.94
C ILE A 573 -6.33 -8.39 -5.22
N THR A 574 -5.28 -8.09 -5.99
CA THR A 574 -4.21 -9.05 -6.19
C THR A 574 -3.11 -8.78 -5.18
N MET A 575 -1.97 -9.42 -5.35
CA MET A 575 -0.88 -9.35 -4.38
C MET A 575 0.40 -8.93 -5.07
N LEU A 576 1.28 -8.27 -4.32
CA LEU A 576 2.61 -7.98 -4.82
C LEU A 576 3.29 -9.28 -5.19
N GLU A 577 3.59 -9.47 -6.47
CA GLU A 577 4.22 -10.70 -6.89
C GLU A 577 5.61 -10.81 -6.28
N ASP A 578 6.06 -12.04 -6.08
CA ASP A 578 7.42 -12.27 -5.64
C ASP A 578 8.39 -11.72 -6.67
N HIS A 579 9.46 -11.11 -6.20
CA HIS A 579 10.52 -10.68 -7.10
C HIS A 579 11.86 -10.99 -6.49
N GLU A 580 12.81 -11.36 -7.34
CA GLU A 580 14.14 -11.76 -6.91
C GLU A 580 15.17 -10.87 -7.57
N PHE A 581 16.12 -10.37 -6.77
CA PHE A 581 17.17 -9.50 -7.27
C PHE A 581 18.46 -10.29 -7.40
N VAL A 582 19.10 -10.18 -8.55
CA VAL A 582 20.37 -10.86 -8.78
C VAL A 582 21.49 -9.85 -8.61
N PRO A 583 22.68 -10.26 -8.19
CA PRO A 583 23.77 -9.31 -8.08
C PRO A 583 24.05 -8.66 -9.42
N LEU A 584 24.42 -7.39 -9.38
CA LEU A 584 24.65 -6.64 -10.61
C LEU A 584 25.68 -5.57 -10.35
N GLU A 585 26.73 -5.57 -11.16
CA GLU A 585 27.80 -4.60 -11.05
C GLU A 585 28.05 -4.01 -12.43
N VAL A 586 28.15 -2.69 -12.50
CA VAL A 586 28.57 -2.07 -13.74
C VAL A 586 29.99 -2.48 -14.07
N TYR A 587 30.87 -2.45 -13.08
CA TYR A 587 32.27 -2.81 -13.24
C TYR A 587 32.67 -3.70 -12.08
N THR A 588 32.90 -4.99 -12.35
CA THR A 588 33.43 -5.86 -11.31
C THR A 588 34.81 -5.39 -10.90
N ARG A 589 35.13 -5.54 -9.62
CA ARG A 589 36.38 -4.99 -9.12
C ARG A 589 37.59 -5.56 -9.84
N HIS A 590 37.46 -6.73 -10.47
CA HIS A 590 38.53 -7.20 -11.32
C HIS A 590 38.73 -6.29 -12.52
N GLU A 591 37.65 -5.82 -13.15
CA GLU A 591 37.79 -4.88 -14.24
C GLU A 591 38.41 -3.58 -13.77
N ILE A 592 37.93 -3.06 -12.64
CA ILE A 592 38.46 -1.81 -12.12
C ILE A 592 39.94 -1.93 -11.85
N LYS A 593 40.37 -3.08 -11.34
CA LYS A 593 41.80 -3.32 -11.21
C LYS A 593 42.47 -3.37 -12.58
N ASP A 594 41.81 -3.98 -13.56
CA ASP A 594 42.42 -4.19 -14.87
C ASP A 594 42.49 -2.93 -15.70
N SER A 595 41.57 -1.98 -15.49
CA SER A 595 41.57 -0.76 -16.27
C SER A 595 42.85 0.02 -16.11
N GLY A 596 43.61 -0.21 -15.05
CA GLY A 596 44.92 0.36 -14.93
C GLY A 596 45.78 -0.09 -16.09
N LEU A 597 46.39 0.86 -16.78
CA LEU A 597 47.18 0.53 -17.96
C LEU A 597 48.40 -0.31 -17.59
N LEU A 598 49.13 0.08 -16.54
CA LEU A 598 50.25 -0.70 -16.04
C LEU A 598 49.97 -1.10 -14.60
N ASP A 599 50.85 -1.93 -14.05
CA ASP A 599 50.65 -2.50 -12.73
C ASP A 599 52.00 -2.72 -12.08
N TYR A 600 52.26 -2.05 -10.96
CA TYR A 600 53.56 -2.15 -10.31
C TYR A 600 53.84 -3.59 -9.90
N THR A 601 52.84 -4.27 -9.37
CA THR A 601 53.03 -5.66 -8.96
C THR A 601 53.48 -6.52 -10.12
N GLU A 602 52.74 -6.49 -11.23
CA GLU A 602 53.05 -7.34 -12.36
C GLU A 602 54.40 -6.98 -12.98
N VAL A 603 54.68 -5.69 -13.10
CA VAL A 603 55.93 -5.27 -13.70
C VAL A 603 57.10 -5.74 -12.84
N GLN A 604 56.99 -5.60 -11.53
CA GLN A 604 58.07 -6.03 -10.66
C GLN A 604 58.19 -7.54 -10.63
N ARG A 605 57.07 -8.25 -10.69
CA ARG A 605 57.11 -9.69 -10.73
C ARG A 605 57.73 -10.20 -11.99
N ARG A 606 57.65 -9.44 -13.07
CA ARG A 606 58.25 -9.88 -14.32
C ARG A 606 59.69 -9.44 -14.47
N ASN A 607 60.06 -8.29 -13.92
CA ASN A 607 61.40 -7.77 -14.12
C ASN A 607 62.41 -8.26 -13.10
N GLN A 608 61.99 -9.04 -12.12
CA GLN A 608 62.92 -9.70 -11.22
C GLN A 608 63.02 -11.19 -11.46
N LEU A 609 62.07 -11.76 -12.19
CA LEU A 609 62.22 -13.09 -12.76
C LEU A 609 63.22 -13.11 -13.89
N HIS A 610 63.79 -11.96 -14.25
CA HIS A 610 64.68 -11.89 -15.39
C HIS A 610 65.92 -12.76 -15.19
N ASP A 611 66.53 -12.67 -14.02
CA ASP A 611 67.78 -13.41 -13.80
C ASP A 611 67.55 -14.91 -13.83
N LEU A 612 66.51 -15.39 -13.17
CA LEU A 612 66.22 -16.81 -13.17
C LEU A 612 65.97 -17.31 -14.58
N ARG A 613 65.10 -16.63 -15.32
CA ARG A 613 64.72 -17.11 -16.65
C ARG A 613 65.89 -17.05 -17.62
N PHE A 614 66.56 -15.90 -17.69
CA PHE A 614 67.50 -15.65 -18.77
C PHE A 614 68.95 -15.72 -18.30
N ALA A 615 69.23 -16.37 -17.19
CA ALA A 615 70.61 -16.52 -16.74
C ALA A 615 70.66 -17.61 -15.68
N ASP A 616 71.88 -17.99 -15.33
CA ASP A 616 72.13 -18.90 -14.21
C ASP A 616 72.59 -18.05 -13.02
N ILE A 617 71.90 -18.19 -11.90
CA ILE A 617 72.22 -17.42 -10.70
C ILE A 617 73.03 -18.22 -9.71
N ASP A 618 73.38 -19.46 -10.03
CA ASP A 618 74.08 -20.32 -9.09
C ASP A 618 75.46 -20.73 -9.55
N THR A 619 75.65 -20.99 -10.84
CA THR A 619 76.90 -21.56 -11.33
C THR A 619 78.02 -20.56 -11.16
N VAL A 620 78.87 -20.78 -10.16
CA VAL A 620 80.02 -19.91 -9.95
C VAL A 620 81.18 -20.39 -10.80
N ILE A 621 81.96 -19.43 -11.29
CA ILE A 621 83.09 -19.72 -12.15
C ILE A 621 84.36 -19.24 -11.47
N HIS A 622 85.46 -19.95 -11.69
CA HIS A 622 86.74 -19.61 -11.09
C HIS A 622 87.85 -19.71 -12.12
N ALA B 9 -33.35 15.58 -17.51
CA ALA B 9 -33.63 14.20 -17.09
C ALA B 9 -34.76 13.60 -17.92
N ASN B 10 -35.20 12.41 -17.54
CA ASN B 10 -36.23 11.69 -18.25
C ASN B 10 -37.30 11.21 -17.27
N PHE B 11 -38.48 10.89 -17.77
CA PHE B 11 -39.49 10.18 -16.98
C PHE B 11 -39.52 8.72 -17.39
N TYR B 12 -40.13 7.90 -16.55
CA TYR B 12 -40.22 6.46 -16.79
C TYR B 12 -41.63 5.99 -16.52
N VAL B 13 -42.15 5.14 -17.38
CA VAL B 13 -43.42 4.46 -17.16
C VAL B 13 -43.11 2.99 -16.95
N CYS B 14 -43.78 2.39 -15.96
CA CYS B 14 -43.42 1.05 -15.51
C CYS B 14 -44.62 0.11 -15.52
N PRO B 15 -44.61 -0.91 -16.40
CA PRO B 15 -45.71 -1.87 -16.39
C PRO B 15 -45.68 -2.70 -15.12
N PRO B 16 -46.83 -3.21 -14.69
CA PRO B 16 -46.83 -4.18 -13.59
C PRO B 16 -46.17 -5.47 -14.03
N PRO B 17 -45.15 -5.92 -13.32
CA PRO B 17 -44.32 -7.03 -13.81
C PRO B 17 -45.06 -8.35 -13.71
N THR B 18 -45.20 -9.02 -14.85
CA THR B 18 -45.71 -10.38 -14.87
C THR B 18 -44.66 -11.33 -14.31
N GLY B 19 -45.13 -12.51 -13.92
CA GLY B 19 -44.23 -13.51 -13.37
C GLY B 19 -43.36 -14.17 -14.41
N ALA B 20 -43.14 -13.49 -15.53
CA ALA B 20 -42.37 -14.09 -16.62
C ALA B 20 -40.89 -14.17 -16.27
N THR B 21 -40.34 -13.13 -15.68
CA THR B 21 -38.92 -13.09 -15.36
C THR B 21 -38.73 -13.11 -13.84
N VAL B 22 -37.69 -13.80 -13.40
CA VAL B 22 -37.43 -13.98 -11.98
C VAL B 22 -35.95 -13.75 -11.72
N VAL B 23 -35.65 -13.07 -10.62
CA VAL B 23 -34.27 -12.81 -10.20
C VAL B 23 -34.14 -13.06 -8.71
N GLN B 24 -32.91 -13.29 -8.28
CA GLN B 24 -32.64 -13.56 -6.88
C GLN B 24 -31.29 -12.95 -6.51
N PHE B 25 -31.17 -12.49 -5.27
CA PHE B 25 -29.91 -11.94 -4.81
C PHE B 25 -28.86 -13.03 -4.67
N GLU B 26 -27.63 -12.71 -5.06
CA GLU B 26 -26.54 -13.65 -4.89
C GLU B 26 -26.30 -13.90 -3.41
N GLN B 27 -26.13 -15.16 -3.05
CA GLN B 27 -25.92 -15.55 -1.66
C GLN B 27 -24.51 -15.20 -1.20
N PRO B 28 -24.30 -15.10 0.11
CA PRO B 28 -22.97 -14.67 0.60
C PRO B 28 -21.89 -15.61 0.14
N ARG B 29 -20.75 -15.04 -0.21
CA ARG B 29 -19.63 -15.79 -0.74
C ARG B 29 -18.53 -15.87 0.30
N ARG B 30 -17.99 -17.08 0.50
CA ARG B 30 -16.89 -17.25 1.43
C ARG B 30 -15.63 -16.59 0.87
N CYS B 31 -14.75 -16.19 1.77
CA CYS B 31 -13.50 -15.55 1.38
C CYS B 31 -12.41 -15.85 2.39
N PRO B 32 -11.25 -16.30 1.92
CA PRO B 32 -10.32 -17.04 2.78
C PRO B 32 -9.81 -16.26 3.96
N THR B 33 -9.24 -16.98 4.92
CA THR B 33 -8.60 -16.35 6.07
C THR B 33 -7.26 -15.78 5.62
N ARG B 34 -6.60 -15.12 6.55
CA ARG B 34 -5.32 -14.51 6.25
C ARG B 34 -4.30 -15.59 5.94
N PRO B 35 -3.27 -15.31 5.16
CA PRO B 35 -2.20 -16.28 4.97
C PRO B 35 -1.61 -16.70 6.31
N GLU B 36 -1.22 -17.97 6.43
CA GLU B 36 -0.83 -18.49 7.74
C GLU B 36 0.35 -17.73 8.33
N GLY B 37 1.21 -17.17 7.49
CA GLY B 37 2.38 -16.49 8.00
C GLY B 37 3.60 -17.38 7.97
N GLN B 38 4.76 -16.76 7.81
CA GLN B 38 5.99 -17.51 7.65
C GLN B 38 6.53 -17.97 9.00
N ASN B 39 7.15 -19.14 9.00
CA ASN B 39 7.77 -19.69 10.20
C ASN B 39 9.20 -19.15 10.27
N TYR B 40 9.42 -18.21 11.18
CA TYR B 40 10.71 -17.55 11.32
C TYR B 40 11.50 -18.19 12.45
N THR B 41 12.67 -18.73 12.12
CA THR B 41 13.55 -19.36 13.10
C THR B 41 14.66 -18.39 13.45
N GLU B 42 14.70 -17.94 14.69
CA GLU B 42 15.73 -17.00 15.11
C GLU B 42 17.10 -17.67 15.05
N GLY B 43 18.13 -16.87 15.27
CA GLY B 43 19.47 -17.42 15.28
C GLY B 43 20.50 -16.33 15.48
N ILE B 44 21.74 -16.78 15.66
CA ILE B 44 22.89 -15.90 15.76
C ILE B 44 23.77 -16.18 14.55
N ALA B 45 24.16 -15.14 13.83
CA ALA B 45 24.79 -15.38 12.54
C ALA B 45 26.06 -14.58 12.39
N VAL B 46 26.99 -15.14 11.62
CA VAL B 46 28.23 -14.47 11.26
C VAL B 46 28.38 -14.55 9.76
N VAL B 47 28.46 -13.39 9.10
CA VAL B 47 28.50 -13.32 7.66
C VAL B 47 29.93 -13.06 7.24
N PHE B 48 30.45 -13.94 6.37
CA PHE B 48 31.81 -13.87 5.88
C PHE B 48 31.82 -13.43 4.42
N LYS B 49 32.73 -12.55 4.08
CA LYS B 49 32.99 -12.12 2.72
C LYS B 49 34.28 -12.75 2.24
N GLU B 50 34.52 -12.70 0.93
CA GLU B 50 35.77 -13.21 0.40
C GLU B 50 36.90 -12.28 0.81
N ASN B 51 37.83 -12.81 1.61
CA ASN B 51 38.98 -12.02 2.02
C ASN B 51 39.79 -11.59 0.82
N ILE B 52 40.12 -10.31 0.75
CA ILE B 52 40.98 -9.80 -0.30
C ILE B 52 42.22 -9.11 0.24
N ALA B 53 42.22 -8.65 1.48
CA ALA B 53 43.44 -8.10 2.04
C ALA B 53 44.51 -9.18 2.08
N PRO B 54 45.74 -8.87 1.74
CA PRO B 54 46.78 -9.90 1.71
C PRO B 54 47.07 -10.44 3.09
N TYR B 55 47.88 -11.48 3.16
CA TYR B 55 48.40 -12.00 4.41
C TYR B 55 49.65 -11.22 4.76
N LYS B 56 49.63 -10.55 5.91
CA LYS B 56 50.67 -9.62 6.31
C LYS B 56 51.45 -10.18 7.49
N PHE B 57 52.75 -9.96 7.49
CA PHE B 57 53.57 -10.39 8.62
C PHE B 57 54.81 -9.52 8.68
N LYS B 58 55.73 -9.86 9.58
CA LYS B 58 56.92 -9.09 9.82
C LYS B 58 58.15 -9.87 9.37
N ALA B 59 59.12 -9.17 8.80
CA ALA B 59 60.35 -9.81 8.35
C ALA B 59 61.50 -8.86 8.59
N THR B 60 62.72 -9.37 8.43
CA THR B 60 63.92 -8.58 8.64
C THR B 60 64.87 -8.77 7.47
N MET B 61 65.35 -7.67 6.92
CA MET B 61 66.29 -7.70 5.80
C MET B 61 67.67 -7.34 6.31
N TYR B 62 68.65 -8.17 5.98
CA TYR B 62 70.05 -7.93 6.26
C TYR B 62 70.77 -7.79 4.93
N TYR B 63 71.40 -6.64 4.70
CA TYR B 63 72.18 -6.52 3.48
C TYR B 63 73.21 -5.41 3.63
N LYS B 64 74.22 -5.47 2.80
CA LYS B 64 75.32 -4.53 2.83
C LYS B 64 75.29 -3.68 1.57
N ASP B 65 75.02 -2.39 1.72
CA ASP B 65 75.16 -1.48 0.61
C ASP B 65 76.64 -1.34 0.30
N VAL B 66 77.06 -1.89 -0.83
CA VAL B 66 78.41 -1.71 -1.33
C VAL B 66 78.37 -0.56 -2.31
N THR B 67 79.31 0.38 -2.18
CA THR B 67 79.31 1.58 -3.00
C THR B 67 80.74 1.88 -3.42
N VAL B 68 81.07 1.53 -4.65
CA VAL B 68 82.36 1.85 -5.22
C VAL B 68 82.21 3.15 -5.98
N SER B 69 83.13 4.07 -5.78
CA SER B 69 83.07 5.36 -6.45
C SER B 69 84.43 5.67 -7.03
N GLN B 70 84.46 6.10 -8.29
CA GLN B 70 85.69 6.48 -8.96
C GLN B 70 85.72 7.98 -9.11
N VAL B 71 86.85 8.60 -8.76
CA VAL B 71 86.96 10.05 -8.71
C VAL B 71 88.12 10.49 -9.58
N TRP B 72 87.95 11.62 -10.25
CA TRP B 72 89.04 12.31 -10.92
C TRP B 72 89.37 13.58 -10.16
N PHE B 73 90.66 13.90 -10.13
CA PHE B 73 91.20 14.97 -9.29
C PHE B 73 91.88 16.00 -10.18
N GLY B 74 91.16 17.09 -10.47
CA GLY B 74 91.68 18.13 -11.32
C GLY B 74 92.68 19.01 -10.61
N HIS B 75 93.12 20.04 -11.33
CA HIS B 75 94.10 20.95 -10.79
C HIS B 75 93.50 22.00 -9.85
N ARG B 76 92.16 22.16 -9.84
CA ARG B 76 91.49 22.95 -8.81
C ARG B 76 90.19 22.35 -8.33
N TYR B 77 89.85 21.13 -8.73
CA TYR B 77 88.53 20.58 -8.43
C TYR B 77 88.59 19.06 -8.45
N SER B 78 87.47 18.45 -8.10
CA SER B 78 87.31 17.01 -8.14
C SER B 78 85.98 16.67 -8.80
N GLN B 79 85.89 15.48 -9.37
CA GLN B 79 84.75 15.14 -10.21
C GLN B 79 84.51 13.64 -10.15
N PHE B 80 83.32 13.23 -9.72
CA PHE B 80 82.94 11.84 -9.86
C PHE B 80 82.90 11.45 -11.33
N MET B 81 83.38 10.25 -11.62
CA MET B 81 83.31 9.69 -12.96
C MET B 81 82.70 8.30 -12.94
N GLY B 82 81.76 8.07 -12.03
CA GLY B 82 81.11 6.78 -11.93
C GLY B 82 80.92 6.35 -10.49
N ILE B 83 79.71 5.89 -10.15
CA ILE B 83 79.40 5.44 -8.80
C ILE B 83 78.65 4.12 -8.94
N PHE B 84 79.37 3.01 -8.87
CA PHE B 84 78.74 1.71 -8.84
C PHE B 84 78.14 1.46 -7.47
N GLU B 85 76.90 1.00 -7.42
CA GLU B 85 76.24 0.68 -6.18
C GLU B 85 75.68 -0.72 -6.27
N ASP B 86 75.54 -1.37 -5.11
CA ASP B 86 75.12 -2.76 -5.10
C ASP B 86 74.60 -3.09 -3.70
N ARG B 87 73.79 -4.14 -3.62
CA ARG B 87 73.25 -4.62 -2.35
C ARG B 87 73.70 -6.07 -2.18
N ALA B 88 74.77 -6.27 -1.46
CA ALA B 88 75.25 -7.60 -1.20
C ALA B 88 74.46 -8.26 -0.09
N PRO B 89 74.31 -9.57 -0.11
CA PRO B 89 73.62 -10.27 0.97
C PRO B 89 74.57 -10.59 2.12
N VAL B 90 73.98 -10.78 3.29
CA VAL B 90 74.72 -11.14 4.49
C VAL B 90 74.59 -12.65 4.69
N PRO B 91 75.67 -13.40 4.69
CA PRO B 91 75.56 -14.86 4.77
C PRO B 91 74.97 -15.31 6.08
N PHE B 92 74.77 -16.63 6.16
CA PHE B 92 73.95 -17.22 7.21
C PHE B 92 74.61 -17.08 8.58
N GLU B 93 75.80 -17.68 8.72
CA GLU B 93 76.50 -17.60 9.99
C GLU B 93 76.77 -16.16 10.40
N GLU B 94 76.82 -15.24 9.45
CA GLU B 94 76.95 -13.84 9.83
C GLU B 94 75.68 -13.32 10.48
N VAL B 95 74.51 -13.83 10.06
CA VAL B 95 73.28 -13.45 10.75
C VAL B 95 73.22 -14.08 12.13
N ILE B 96 73.64 -15.34 12.24
CA ILE B 96 73.47 -16.04 13.51
C ILE B 96 74.52 -15.62 14.52
N ASP B 97 75.80 -15.85 14.20
CA ASP B 97 76.87 -15.66 15.17
C ASP B 97 77.14 -14.20 15.47
N LYS B 98 76.83 -13.29 14.55
CA LYS B 98 77.30 -11.92 14.66
C LYS B 98 76.18 -10.91 14.84
N ILE B 99 75.17 -10.92 13.98
CA ILE B 99 74.14 -9.91 14.08
C ILE B 99 73.24 -10.17 15.27
N ASN B 100 72.67 -11.37 15.36
CA ASN B 100 71.73 -11.66 16.42
C ASN B 100 72.41 -11.88 17.76
N ALA B 101 73.63 -12.42 17.77
CA ALA B 101 74.28 -12.73 19.04
C ALA B 101 74.94 -11.51 19.66
N LYS B 102 75.93 -10.94 18.97
CA LYS B 102 76.73 -9.86 19.53
C LYS B 102 76.32 -8.48 19.03
N GLY B 103 75.30 -8.39 18.17
CA GLY B 103 74.89 -7.10 17.66
C GLY B 103 75.98 -6.39 16.88
N VAL B 104 76.78 -7.14 16.14
CA VAL B 104 77.84 -6.56 15.32
C VAL B 104 77.76 -7.16 13.93
N CYS B 105 78.35 -6.47 12.96
CA CYS B 105 78.38 -6.92 11.58
C CYS B 105 79.82 -6.92 11.11
N ARG B 106 80.09 -7.67 10.06
CA ARG B 106 81.45 -8.09 9.77
C ARG B 106 82.27 -7.13 8.92
N SER B 107 81.71 -5.98 8.53
CA SER B 107 82.47 -4.94 7.84
C SER B 107 83.19 -5.46 6.60
N THR B 108 82.72 -6.55 6.02
CA THR B 108 83.23 -7.05 4.77
C THR B 108 82.14 -7.87 4.10
N ALA B 109 82.14 -7.89 2.78
CA ALA B 109 81.04 -8.49 2.03
C ALA B 109 81.60 -9.47 1.02
N LYS B 110 81.26 -10.75 1.17
CA LYS B 110 81.58 -11.78 0.21
C LYS B 110 80.29 -12.24 -0.44
N TYR B 111 80.23 -12.15 -1.77
CA TYR B 111 78.98 -12.50 -2.41
C TYR B 111 79.24 -12.85 -3.87
N VAL B 112 78.34 -13.62 -4.44
CA VAL B 112 78.44 -14.03 -5.83
C VAL B 112 77.54 -13.10 -6.65
N ARG B 113 78.17 -12.34 -7.53
CA ARG B 113 77.48 -11.45 -8.45
C ARG B 113 77.97 -11.73 -9.86
N ASN B 114 77.05 -11.73 -10.81
CA ASN B 114 77.35 -12.07 -12.20
C ASN B 114 78.26 -13.28 -12.27
N ASN B 115 77.88 -14.31 -11.52
CA ASN B 115 78.56 -15.59 -11.56
C ASN B 115 80.03 -15.45 -11.18
N LEU B 116 80.30 -14.65 -10.15
CA LEU B 116 81.66 -14.44 -9.70
C LEU B 116 81.65 -14.18 -8.20
N GLU B 117 82.73 -14.59 -7.54
CA GLU B 117 82.89 -14.39 -6.10
C GLU B 117 83.64 -13.09 -5.87
N THR B 118 83.00 -12.14 -5.19
CA THR B 118 83.55 -10.80 -5.01
C THR B 118 83.55 -10.41 -3.54
N THR B 119 84.60 -9.70 -3.14
CA THR B 119 84.85 -9.34 -1.76
C THR B 119 85.06 -7.84 -1.65
N ALA B 120 84.37 -7.22 -0.69
CA ALA B 120 84.44 -5.78 -0.48
C ALA B 120 84.83 -5.50 0.96
N PHE B 121 85.79 -4.59 1.15
CA PHE B 121 86.25 -4.19 2.48
C PHE B 121 85.92 -2.73 2.70
N HIS B 122 85.43 -2.40 3.90
CA HIS B 122 84.71 -1.15 4.12
C HIS B 122 85.51 0.08 3.75
N ARG B 123 86.82 0.02 3.81
CA ARG B 123 87.61 1.17 3.39
C ARG B 123 88.81 0.73 2.57
N ASP B 124 88.69 -0.42 1.94
CA ASP B 124 89.81 -1.15 1.33
C ASP B 124 90.86 -1.55 2.36
N ASP B 125 90.57 -1.34 3.64
CA ASP B 125 91.45 -1.69 4.74
C ASP B 125 91.12 -3.10 5.23
N HIS B 126 91.62 -3.47 6.40
CA HIS B 126 91.45 -4.82 6.89
C HIS B 126 90.01 -5.06 7.36
N GLU B 127 89.70 -6.33 7.60
CA GLU B 127 88.40 -6.73 8.09
C GLU B 127 88.29 -6.49 9.59
N THR B 128 87.18 -5.87 10.00
CA THR B 128 86.91 -5.63 11.41
C THR B 128 85.46 -5.98 11.68
N ASP B 129 85.00 -5.67 12.88
CA ASP B 129 83.61 -5.84 13.26
C ASP B 129 83.05 -4.50 13.68
N MET B 130 82.04 -4.02 12.97
CA MET B 130 81.47 -2.71 13.22
C MET B 130 80.34 -2.83 14.23
N GLU B 131 80.22 -1.83 15.09
CA GLU B 131 79.21 -1.82 16.14
C GLU B 131 77.90 -1.34 15.53
N LEU B 132 76.99 -2.28 15.29
CA LEU B 132 75.71 -1.93 14.71
C LEU B 132 74.96 -0.99 15.64
N LYS B 133 74.39 0.07 15.09
CA LYS B 133 73.82 1.17 15.86
C LYS B 133 72.50 1.61 15.26
N PRO B 134 71.67 2.30 16.04
CA PRO B 134 70.42 2.82 15.48
C PRO B 134 70.67 3.87 14.42
N ALA B 135 69.74 3.96 13.48
CA ALA B 135 69.81 4.91 12.38
C ALA B 135 69.04 6.18 12.74
N ASN B 136 69.04 7.13 11.82
CA ASN B 136 68.29 8.35 12.04
C ASN B 136 66.80 8.02 12.10
N ALA B 137 66.04 8.96 12.64
CA ALA B 137 64.61 8.77 12.80
C ALA B 137 63.86 9.47 11.67
N ALA B 138 62.68 8.94 11.37
CA ALA B 138 61.84 9.54 10.35
C ALA B 138 60.40 9.12 10.60
N THR B 139 59.48 9.87 10.02
CA THR B 139 58.07 9.59 10.22
C THR B 139 57.66 8.33 9.47
N ARG B 140 56.87 7.50 10.14
CA ARG B 140 56.24 6.34 9.51
C ARG B 140 57.26 5.42 8.85
N THR B 141 58.41 5.25 9.48
CA THR B 141 59.40 4.28 9.03
C THR B 141 59.73 3.34 10.18
N SER B 142 60.07 2.10 9.82
CA SER B 142 60.34 1.09 10.83
C SER B 142 61.77 1.21 11.32
N ARG B 143 62.07 0.48 12.40
CA ARG B 143 63.39 0.53 12.99
C ARG B 143 64.43 0.03 12.01
N GLY B 144 65.51 0.80 11.85
CA GLY B 144 66.61 0.42 11.00
C GLY B 144 67.92 0.54 11.76
N TRP B 145 68.96 -0.05 11.18
CA TRP B 145 70.26 -0.05 11.84
C TRP B 145 71.36 -0.11 10.80
N HIS B 146 72.35 0.77 10.93
CA HIS B 146 73.46 0.80 10.00
C HIS B 146 74.75 1.02 10.77
N THR B 147 75.85 0.62 10.16
CA THR B 147 77.15 0.68 10.82
C THR B 147 78.02 1.84 10.34
N THR B 148 77.62 2.55 9.29
CA THR B 148 78.38 3.68 8.80
C THR B 148 77.41 4.71 8.22
N ASP B 149 77.84 5.97 8.22
CA ASP B 149 77.04 7.03 7.64
C ASP B 149 77.85 8.02 6.84
N LEU B 150 79.12 7.75 6.55
CA LEU B 150 79.94 8.63 5.73
C LEU B 150 80.59 7.80 4.63
N LYS B 151 80.07 7.92 3.42
CA LYS B 151 80.61 7.17 2.30
C LYS B 151 82.08 7.53 2.10
N TYR B 152 82.94 6.54 2.26
CA TYR B 152 84.37 6.79 2.12
C TYR B 152 84.71 7.07 0.66
N ASN B 153 85.54 8.08 0.46
CA ASN B 153 85.99 8.47 -0.87
C ASN B 153 87.49 8.66 -0.86
N PRO B 154 88.16 8.42 -1.98
CA PRO B 154 89.62 8.41 -1.97
C PRO B 154 90.18 9.78 -1.65
N SER B 155 91.35 9.78 -1.01
CA SER B 155 92.04 11.02 -0.70
C SER B 155 92.51 11.71 -1.97
N ARG B 156 92.62 13.03 -1.90
CA ARG B 156 93.00 13.79 -3.08
C ARG B 156 94.40 13.44 -3.54
N VAL B 157 94.55 13.22 -4.84
CA VAL B 157 95.82 12.97 -5.49
C VAL B 157 95.78 13.82 -6.74
N GLU B 158 96.77 13.70 -7.62
CA GLU B 158 96.79 14.43 -8.88
C GLU B 158 95.87 13.78 -9.91
N ALA B 159 96.06 14.11 -11.19
CA ALA B 159 95.11 13.77 -12.25
C ALA B 159 94.69 12.31 -12.25
N PHE B 160 95.39 11.44 -11.54
CA PHE B 160 95.00 10.03 -11.44
C PHE B 160 93.57 9.90 -10.96
N HIS B 161 92.81 9.05 -11.63
CA HIS B 161 91.57 8.57 -11.04
C HIS B 161 91.89 7.71 -9.84
N ARG B 162 91.02 7.73 -8.84
CA ARG B 162 91.20 6.91 -7.66
C ARG B 162 89.88 6.27 -7.28
N TYR B 163 89.96 5.06 -6.76
CA TYR B 163 88.79 4.25 -6.45
C TYR B 163 88.59 4.17 -4.95
N GLY B 164 87.34 4.31 -4.52
CA GLY B 164 87.03 4.22 -3.12
C GLY B 164 85.84 3.33 -2.87
N THR B 165 86.03 2.30 -2.05
CA THR B 165 84.98 1.38 -1.70
C THR B 165 84.21 1.92 -0.50
N THR B 166 83.04 1.35 -0.23
CA THR B 166 82.32 1.67 0.99
C THR B 166 81.29 0.60 1.28
N VAL B 167 81.44 -0.08 2.40
CA VAL B 167 80.54 -1.16 2.77
C VAL B 167 79.76 -0.72 3.99
N ASN B 168 78.44 -0.67 3.85
CA ASN B 168 77.57 -0.25 4.95
C ASN B 168 76.63 -1.39 5.25
N CYS B 169 76.83 -2.05 6.39
CA CYS B 169 75.93 -3.10 6.82
C CYS B 169 74.62 -2.50 7.31
N ILE B 170 73.50 -3.08 6.91
CA ILE B 170 72.20 -2.53 7.20
C ILE B 170 71.26 -3.66 7.59
N VAL B 171 70.47 -3.42 8.63
CA VAL B 171 69.45 -4.34 9.09
C VAL B 171 68.17 -3.55 9.28
N GLU B 172 67.11 -3.96 8.60
CA GLU B 172 65.83 -3.28 8.72
C GLU B 172 64.74 -4.27 9.06
N GLU B 173 63.71 -3.76 9.72
CA GLU B 173 62.47 -4.49 9.92
C GLU B 173 61.47 -4.01 8.90
N VAL B 174 60.82 -4.94 8.21
CA VAL B 174 59.96 -4.61 7.08
C VAL B 174 58.67 -5.40 7.18
N ASP B 175 57.56 -4.75 6.87
CA ASP B 175 56.33 -5.49 6.64
C ASP B 175 56.47 -6.32 5.38
N ALA B 176 55.86 -7.49 5.39
CA ALA B 176 55.87 -8.36 4.24
C ALA B 176 54.45 -8.79 3.95
N ARG B 177 54.15 -8.96 2.67
CA ARG B 177 52.78 -9.26 2.25
C ARG B 177 52.78 -10.36 1.20
N SER B 178 51.75 -11.20 1.25
CA SER B 178 51.58 -12.24 0.26
C SER B 178 50.11 -12.36 -0.11
N VAL B 179 49.85 -12.91 -1.30
CA VAL B 179 48.49 -13.03 -1.81
C VAL B 179 48.30 -14.46 -2.30
N TYR B 180 47.04 -14.89 -2.31
CA TYR B 180 46.72 -16.26 -2.67
C TYR B 180 47.25 -16.58 -4.07
N PRO B 181 47.80 -17.78 -4.30
CA PRO B 181 47.88 -18.92 -3.40
C PRO B 181 49.09 -18.91 -2.47
N TYR B 182 49.59 -17.73 -2.14
CA TYR B 182 50.74 -17.59 -1.27
C TYR B 182 51.93 -18.36 -1.83
N ASP B 183 52.21 -18.13 -3.10
CA ASP B 183 53.35 -18.74 -3.76
C ASP B 183 54.62 -17.92 -3.65
N GLU B 184 54.51 -16.62 -3.44
CA GLU B 184 55.67 -15.77 -3.21
C GLU B 184 55.20 -14.52 -2.51
N PHE B 185 56.12 -13.83 -1.87
CA PHE B 185 55.75 -12.70 -1.04
C PHE B 185 56.70 -11.54 -1.31
N VAL B 186 56.34 -10.38 -0.75
CA VAL B 186 56.97 -9.12 -1.11
C VAL B 186 57.31 -8.36 0.16
N LEU B 187 58.28 -7.47 0.05
CA LEU B 187 58.65 -6.59 1.14
C LEU B 187 58.27 -5.16 0.79
N ALA B 188 58.16 -4.33 1.82
CA ALA B 188 57.83 -2.92 1.58
C ALA B 188 58.92 -2.20 0.81
N THR B 189 60.15 -2.71 0.83
CA THR B 189 61.21 -2.08 0.05
C THR B 189 60.95 -2.22 -1.44
N GLY B 190 60.08 -3.12 -1.85
CA GLY B 190 59.79 -3.37 -3.24
C GLY B 190 60.46 -4.61 -3.78
N ASP B 191 61.45 -5.13 -3.10
CA ASP B 191 62.10 -6.35 -3.55
C ASP B 191 61.17 -7.53 -3.40
N PHE B 192 61.47 -8.62 -4.11
CA PHE B 192 60.65 -9.81 -4.02
C PHE B 192 61.43 -10.97 -3.47
N VAL B 193 60.68 -12.01 -3.07
CA VAL B 193 61.26 -13.27 -2.65
C VAL B 193 60.40 -14.37 -3.22
N TYR B 194 60.98 -15.20 -4.07
CA TYR B 194 60.21 -16.14 -4.88
C TYR B 194 60.09 -17.49 -4.18
N MET B 195 59.48 -17.47 -3.00
CA MET B 195 59.19 -18.70 -2.29
C MET B 195 58.05 -18.44 -1.33
N SER B 196 57.27 -19.47 -1.09
CA SER B 196 56.10 -19.31 -0.26
C SER B 196 56.52 -18.91 1.16
N PRO B 197 55.75 -18.07 1.82
CA PRO B 197 56.11 -17.68 3.20
C PRO B 197 56.10 -18.84 4.16
N PHE B 198 55.41 -19.93 3.81
CA PHE B 198 55.24 -21.07 4.69
C PHE B 198 56.13 -22.25 4.35
N TYR B 199 57.01 -22.10 3.38
CA TYR B 199 57.93 -23.18 3.06
C TYR B 199 58.79 -23.49 4.27
N GLY B 200 59.08 -24.77 4.47
CA GLY B 200 59.87 -25.19 5.60
C GLY B 200 60.13 -26.68 5.55
N TYR B 201 61.08 -27.10 6.38
CA TYR B 201 61.40 -28.52 6.47
C TYR B 201 60.35 -29.29 7.24
N ARG B 202 59.82 -28.70 8.31
CA ARG B 202 58.93 -29.39 9.20
C ARG B 202 57.55 -29.60 8.58
N GLU B 203 56.87 -30.67 9.01
CA GLU B 203 55.45 -30.88 8.75
C GLU B 203 55.16 -31.01 7.26
N GLY B 204 56.13 -31.50 6.50
CA GLY B 204 55.93 -31.61 5.07
C GLY B 204 55.80 -30.30 4.35
N SER B 205 56.21 -29.20 4.98
CA SER B 205 56.09 -27.90 4.34
C SER B 205 56.90 -27.83 3.06
N HIS B 206 57.86 -28.73 2.87
CA HIS B 206 58.65 -28.76 1.65
C HIS B 206 57.77 -29.05 0.45
N THR B 207 56.49 -29.32 0.68
CA THR B 207 55.55 -29.37 -0.42
C THR B 207 55.34 -27.99 -1.04
N GLU B 208 55.47 -26.93 -0.24
CA GLU B 208 55.20 -25.58 -0.72
C GLU B 208 56.22 -25.17 -1.78
N HIS B 209 55.95 -24.03 -2.40
CA HIS B 209 56.70 -23.58 -3.56
C HIS B 209 57.93 -22.80 -3.14
N THR B 210 59.07 -23.23 -3.65
CA THR B 210 60.28 -22.42 -3.65
C THR B 210 60.82 -22.38 -5.06
N THR B 211 61.45 -21.27 -5.41
CA THR B 211 62.04 -21.13 -6.72
C THR B 211 63.55 -21.12 -6.67
N TYR B 212 64.13 -20.87 -5.50
CA TYR B 212 65.58 -20.87 -5.35
C TYR B 212 66.06 -22.27 -5.02
N ALA B 213 67.38 -22.46 -5.15
CA ALA B 213 67.99 -23.76 -4.90
C ALA B 213 67.84 -24.16 -3.45
N ALA B 214 68.30 -25.36 -3.11
CA ALA B 214 68.08 -25.86 -1.75
C ALA B 214 68.97 -25.16 -0.75
N ASP B 215 70.21 -24.84 -1.13
CA ASP B 215 71.15 -24.31 -0.16
C ASP B 215 70.78 -22.91 0.31
N ARG B 216 70.16 -22.11 -0.56
CA ARG B 216 69.92 -20.71 -0.23
C ARG B 216 68.96 -20.55 0.93
N PHE B 217 68.18 -21.56 1.24
CA PHE B 217 67.20 -21.50 2.31
C PHE B 217 67.70 -22.28 3.52
N LYS B 218 67.43 -21.76 4.71
CA LYS B 218 67.87 -22.45 5.91
C LYS B 218 66.93 -22.16 7.06
N GLN B 219 66.54 -23.20 7.77
CA GLN B 219 65.61 -23.09 8.89
C GLN B 219 66.37 -23.35 10.18
N VAL B 220 66.26 -22.44 11.13
CA VAL B 220 66.93 -22.55 12.42
C VAL B 220 65.88 -22.78 13.49
N ASP B 221 66.12 -23.78 14.33
CA ASP B 221 65.23 -24.11 15.44
C ASP B 221 65.74 -23.48 16.73
N GLY B 222 64.80 -23.14 17.61
CA GLY B 222 65.17 -22.57 18.89
C GLY B 222 65.94 -21.28 18.78
N PHE B 223 65.51 -20.39 17.89
CA PHE B 223 66.20 -19.12 17.70
C PHE B 223 65.80 -18.13 18.78
N TYR B 224 66.80 -17.45 19.32
CA TYR B 224 66.59 -16.38 20.30
C TYR B 224 67.03 -15.07 19.69
N ALA B 225 66.17 -14.07 19.76
CA ALA B 225 66.35 -12.83 19.00
C ALA B 225 66.61 -11.67 19.96
N ARG B 226 67.88 -11.36 20.19
CA ARG B 226 68.24 -10.17 20.96
C ARG B 226 68.11 -8.95 20.07
N ASP B 227 67.28 -7.99 20.47
CA ASP B 227 67.16 -6.76 19.74
C ASP B 227 68.51 -6.05 19.68
N LEU B 228 68.65 -5.17 18.69
CA LEU B 228 69.91 -4.47 18.45
C LEU B 228 69.61 -3.00 18.72
N THR B 229 69.70 -2.61 19.98
CA THR B 229 69.32 -1.27 20.39
C THR B 229 70.51 -0.50 20.93
N ALA B 236 61.76 -16.37 24.44
CA ALA B 236 61.09 -17.57 23.97
C ALA B 236 61.74 -18.10 22.70
N PRO B 237 61.86 -19.43 22.59
CA PRO B 237 62.40 -20.01 21.36
C PRO B 237 61.50 -19.75 20.18
N THR B 238 62.12 -19.60 19.02
CA THR B 238 61.40 -19.37 17.77
C THR B 238 62.11 -20.13 16.66
N THR B 239 61.38 -20.39 15.59
CA THR B 239 61.90 -21.03 14.40
C THR B 239 61.99 -19.99 13.29
N ARG B 240 63.14 -19.89 12.64
CA ARG B 240 63.37 -18.83 11.67
C ARG B 240 63.68 -19.40 10.30
N ASN B 241 62.99 -18.88 9.28
CA ASN B 241 63.37 -19.08 7.89
C ASN B 241 64.35 -17.98 7.51
N LEU B 242 65.46 -18.37 6.91
CA LEU B 242 66.49 -17.45 6.46
C LEU B 242 66.76 -17.73 5.00
N LEU B 243 66.60 -16.73 4.14
CA LEU B 243 66.81 -16.89 2.72
C LEU B 243 67.80 -15.84 2.24
N THR B 244 68.66 -16.21 1.30
CA THR B 244 69.66 -15.30 0.78
C THR B 244 69.51 -15.17 -0.74
N THR B 245 68.63 -14.27 -1.15
CA THR B 245 68.50 -13.92 -2.55
C THR B 245 69.70 -13.10 -2.99
N PRO B 246 69.95 -12.97 -4.30
CA PRO B 246 71.20 -12.33 -4.74
C PRO B 246 71.33 -10.87 -4.37
N LYS B 247 70.39 -10.33 -3.60
CA LYS B 247 70.42 -8.93 -3.20
C LYS B 247 70.44 -8.71 -1.71
N PHE B 248 69.93 -9.62 -0.90
CA PHE B 248 69.85 -9.38 0.53
C PHE B 248 69.73 -10.72 1.24
N THR B 249 69.32 -10.67 2.51
CA THR B 249 68.98 -11.88 3.26
C THR B 249 67.72 -11.57 4.06
N VAL B 250 66.66 -12.27 3.77
CA VAL B 250 65.39 -12.03 4.44
C VAL B 250 65.19 -13.10 5.49
N ALA B 251 64.58 -12.72 6.61
CA ALA B 251 64.34 -13.64 7.70
C ALA B 251 62.94 -13.44 8.24
N TRP B 252 62.26 -14.55 8.53
CA TRP B 252 60.94 -14.42 9.13
C TRP B 252 60.58 -15.67 9.92
N ASP B 253 59.68 -15.49 10.87
CA ASP B 253 59.33 -16.55 11.80
C ASP B 253 58.44 -17.57 11.11
N TRP B 254 58.91 -18.81 11.02
CA TRP B 254 58.14 -19.86 10.35
C TRP B 254 56.89 -20.21 11.15
N VAL B 255 55.78 -20.35 10.45
CA VAL B 255 54.53 -20.79 11.06
C VAL B 255 53.82 -21.74 10.11
N PRO B 256 52.99 -22.63 10.64
CA PRO B 256 52.21 -23.51 9.78
C PRO B 256 51.21 -22.73 8.96
N LYS B 257 50.93 -23.24 7.77
CA LYS B 257 50.14 -22.49 6.80
C LYS B 257 48.67 -22.49 7.16
N ARG B 258 48.06 -23.66 7.23
CA ARG B 258 46.61 -23.75 7.37
C ARG B 258 46.04 -22.95 8.54
N PRO B 259 46.66 -22.90 9.73
CA PRO B 259 46.09 -22.07 10.80
C PRO B 259 46.44 -20.59 10.68
N SER B 260 47.26 -20.18 9.71
CA SER B 260 47.71 -18.81 9.65
C SER B 260 46.98 -17.96 8.61
N VAL B 261 46.43 -18.57 7.57
CA VAL B 261 45.71 -17.80 6.55
C VAL B 261 44.28 -18.28 6.46
N CYS B 262 43.50 -17.61 5.62
CA CYS B 262 42.08 -17.90 5.46
C CYS B 262 41.59 -17.15 4.24
N THR B 263 40.81 -17.82 3.40
CA THR B 263 40.19 -17.15 2.26
C THR B 263 38.82 -16.61 2.59
N MET B 264 38.56 -16.34 3.86
CA MET B 264 37.30 -15.77 4.29
C MET B 264 37.58 -14.85 5.47
N THR B 265 36.82 -13.77 5.55
CA THR B 265 36.98 -12.79 6.60
C THR B 265 35.66 -12.60 7.31
N LYS B 266 35.67 -12.65 8.63
CA LYS B 266 34.47 -12.30 9.38
C LYS B 266 34.07 -10.89 9.01
N TRP B 267 32.94 -10.74 8.33
CA TRP B 267 32.52 -9.41 7.89
C TRP B 267 31.49 -8.79 8.81
N GLN B 268 30.48 -9.54 9.24
CA GLN B 268 29.49 -8.97 10.13
C GLN B 268 29.06 -10.01 11.17
N GLU B 269 28.67 -9.53 12.33
CA GLU B 269 28.08 -10.35 13.37
C GLU B 269 26.66 -9.86 13.61
N VAL B 270 25.69 -10.75 13.48
CA VAL B 270 24.29 -10.40 13.62
C VAL B 270 23.76 -11.13 14.82
N ASP B 271 23.26 -10.37 15.80
CA ASP B 271 22.68 -10.98 17.00
C ASP B 271 21.49 -11.83 16.64
N GLU B 272 20.58 -11.30 15.82
CA GLU B 272 19.40 -12.03 15.41
C GLU B 272 19.24 -11.89 13.90
N MET B 273 19.38 -12.99 13.17
CA MET B 273 19.02 -13.05 11.78
C MET B 273 18.00 -14.17 11.61
N LEU B 274 16.85 -13.83 11.07
CA LEU B 274 15.76 -14.77 10.94
C LEU B 274 15.95 -15.61 9.68
N ARG B 275 15.87 -16.93 9.84
CA ARG B 275 15.88 -17.85 8.71
C ARG B 275 14.46 -18.30 8.42
N SER B 276 14.10 -18.29 7.15
CA SER B 276 12.80 -18.82 6.74
C SER B 276 12.97 -19.57 5.43
N GLU B 277 12.03 -20.48 5.18
CA GLU B 277 12.02 -21.26 3.95
C GLU B 277 10.98 -20.70 3.00
N TYR B 278 11.33 -20.61 1.73
CA TYR B 278 10.42 -20.02 0.75
C TYR B 278 10.84 -20.46 -0.64
N GLY B 279 9.90 -21.03 -1.39
CA GLY B 279 10.16 -21.36 -2.78
C GLY B 279 11.33 -22.27 -3.01
N GLY B 280 11.72 -23.05 -2.01
CA GLY B 280 12.88 -23.91 -2.14
C GLY B 280 14.20 -23.27 -1.80
N SER B 281 14.20 -22.19 -1.03
CA SER B 281 15.46 -21.58 -0.62
C SER B 281 15.28 -20.89 0.72
N PHE B 282 16.40 -20.68 1.40
CA PHE B 282 16.39 -19.99 2.68
C PHE B 282 16.58 -18.50 2.50
N ARG B 283 15.75 -17.73 3.19
CA ARG B 283 15.95 -16.30 3.35
C ARG B 283 16.51 -16.05 4.74
N PHE B 284 17.67 -15.41 4.81
CA PHE B 284 18.25 -14.97 6.07
C PHE B 284 18.13 -13.45 6.10
N SER B 285 17.26 -12.92 6.95
CA SER B 285 16.97 -11.50 6.97
C SER B 285 17.36 -10.91 8.32
N SER B 286 18.01 -9.75 8.29
CA SER B 286 18.44 -9.06 9.49
C SER B 286 18.02 -7.60 9.44
N ASP B 287 17.38 -7.13 10.52
CA ASP B 287 17.04 -5.73 10.65
C ASP B 287 18.14 -4.92 11.31
N ALA B 288 19.16 -5.58 11.86
CA ALA B 288 20.30 -4.84 12.39
C ALA B 288 21.06 -4.14 11.28
N ILE B 289 21.08 -4.72 10.08
CA ILE B 289 21.73 -4.12 8.93
C ILE B 289 20.80 -3.97 7.74
N SER B 290 19.54 -4.37 7.87
CA SER B 290 18.55 -4.26 6.80
C SER B 290 19.03 -5.01 5.55
N THR B 291 19.16 -6.33 5.70
CA THR B 291 19.76 -7.12 4.64
C THR B 291 19.15 -8.51 4.60
N THR B 292 18.85 -8.98 3.39
CA THR B 292 18.21 -10.27 3.18
C THR B 292 19.02 -11.09 2.19
N PHE B 293 19.74 -12.09 2.68
CA PHE B 293 20.45 -13.01 1.81
C PHE B 293 19.56 -14.19 1.46
N THR B 294 19.87 -14.81 0.32
CA THR B 294 19.16 -15.99 -0.16
C THR B 294 20.16 -17.12 -0.40
N THR B 295 19.83 -18.31 0.09
CA THR B 295 20.74 -19.43 0.01
C THR B 295 20.01 -20.68 -0.42
N ASN B 296 20.78 -21.64 -0.96
CA ASN B 296 20.23 -22.94 -1.29
C ASN B 296 19.84 -23.69 -0.01
N LEU B 297 18.89 -24.61 -0.16
CA LEU B 297 18.37 -25.32 1.00
C LEU B 297 19.46 -26.16 1.68
N THR B 298 20.25 -26.88 0.90
CA THR B 298 21.30 -27.70 1.45
C THR B 298 22.43 -26.83 1.99
N GLU B 299 23.21 -27.39 2.90
CA GLU B 299 24.28 -26.64 3.53
C GLU B 299 25.45 -26.51 2.56
N TYR B 300 26.54 -25.93 3.05
CA TYR B 300 27.77 -25.79 2.27
C TYR B 300 28.90 -26.35 3.11
N PRO B 301 29.41 -27.53 2.78
CA PRO B 301 30.45 -28.14 3.61
C PRO B 301 31.74 -27.33 3.55
N LEU B 302 32.29 -27.03 4.73
CA LEU B 302 33.51 -26.24 4.78
C LEU B 302 34.67 -26.93 4.09
N SER B 303 34.63 -28.25 3.95
CA SER B 303 35.71 -28.97 3.29
C SER B 303 35.92 -28.48 1.87
N ARG B 304 34.86 -27.97 1.23
CA ARG B 304 34.98 -27.45 -0.12
C ARG B 304 35.69 -26.11 -0.18
N VAL B 305 35.74 -25.38 0.92
CA VAL B 305 36.36 -24.06 0.94
C VAL B 305 37.87 -24.22 1.00
N ASP B 306 38.57 -23.61 0.05
CA ASP B 306 40.02 -23.66 0.06
C ASP B 306 40.56 -22.84 1.23
N LEU B 307 41.50 -23.44 1.97
CA LEU B 307 42.20 -22.76 3.07
C LEU B 307 41.25 -22.27 4.15
N GLY B 308 40.03 -22.79 4.19
CA GLY B 308 39.06 -22.31 5.16
C GLY B 308 39.16 -22.99 6.50
N ASP B 309 40.21 -22.67 7.25
CA ASP B 309 40.37 -23.24 8.59
C ASP B 309 40.05 -22.25 9.70
N CYS B 310 40.01 -20.95 9.40
CA CYS B 310 39.66 -19.96 10.41
C CYS B 310 38.15 -19.84 10.59
N ILE B 311 37.37 -20.35 9.64
CA ILE B 311 35.93 -20.10 9.65
C ILE B 311 35.30 -20.74 10.88
N GLY B 312 35.63 -22.00 11.16
CA GLY B 312 35.04 -22.66 12.30
C GLY B 312 35.37 -21.95 13.60
N LYS B 313 36.64 -21.62 13.79
CA LYS B 313 37.06 -20.97 15.03
C LYS B 313 36.36 -19.62 15.20
N ASP B 314 36.41 -18.78 14.17
CA ASP B 314 35.82 -17.46 14.27
C ASP B 314 34.33 -17.54 14.52
N ALA B 315 33.63 -18.42 13.80
CA ALA B 315 32.19 -18.54 13.98
C ALA B 315 31.86 -19.01 15.39
N ARG B 316 32.56 -20.03 15.88
CA ARG B 316 32.24 -20.55 17.20
C ARG B 316 32.52 -19.50 18.28
N ASP B 317 33.65 -18.79 18.16
CA ASP B 317 33.96 -17.74 19.12
C ASP B 317 32.88 -16.67 19.12
N ALA B 318 32.49 -16.21 17.94
CA ALA B 318 31.50 -15.14 17.87
C ALA B 318 30.15 -15.59 18.40
N MET B 319 29.69 -16.78 18.04
CA MET B 319 28.42 -17.26 18.57
C MET B 319 28.48 -17.41 20.09
N ASP B 320 29.57 -17.93 20.63
CA ASP B 320 29.66 -18.08 22.08
C ASP B 320 29.59 -16.73 22.76
N ARG B 321 30.36 -15.75 22.27
CA ARG B 321 30.38 -14.45 22.91
C ARG B 321 29.01 -13.78 22.83
N ILE B 322 28.35 -13.86 21.68
CA ILE B 322 27.06 -13.21 21.52
C ILE B 322 26.01 -13.91 22.37
N PHE B 323 26.06 -15.24 22.43
CA PHE B 323 25.13 -15.98 23.28
C PHE B 323 25.28 -15.60 24.73
N ALA B 324 26.53 -15.46 25.20
CA ALA B 324 26.75 -15.05 26.57
C ALA B 324 26.22 -13.63 26.81
N ARG B 325 26.50 -12.72 25.88
CA ARG B 325 26.15 -11.32 26.11
C ARG B 325 24.64 -11.10 26.16
N ARG B 326 23.90 -11.76 25.28
CA ARG B 326 22.48 -11.48 25.13
C ARG B 326 21.59 -12.64 25.56
N TYR B 327 21.76 -13.82 24.99
CA TYR B 327 20.84 -14.91 25.26
C TYR B 327 21.35 -15.80 26.40
N ASN B 328 21.63 -15.18 27.55
CA ASN B 328 22.18 -15.94 28.67
C ASN B 328 21.18 -16.99 29.16
N ALA B 329 19.92 -16.60 29.29
CA ALA B 329 18.93 -17.52 29.85
C ALA B 329 17.62 -17.56 29.08
N THR B 330 17.33 -16.58 28.22
CA THR B 330 16.06 -16.53 27.55
C THR B 330 15.96 -17.52 26.38
N HIS B 331 17.09 -18.02 25.89
CA HIS B 331 17.07 -18.92 24.75
C HIS B 331 18.16 -19.97 24.93
N ILE B 332 18.04 -21.04 24.16
CA ILE B 332 18.98 -22.15 24.18
C ILE B 332 19.40 -22.48 22.76
N LYS B 333 20.64 -22.94 22.61
CA LYS B 333 21.13 -23.37 21.31
C LYS B 333 20.43 -24.65 20.87
N VAL B 334 20.36 -24.84 19.56
CA VAL B 334 19.72 -26.01 18.97
C VAL B 334 20.66 -26.54 17.90
N GLY B 335 21.43 -27.57 18.24
CA GLY B 335 22.27 -28.23 17.26
C GLY B 335 23.56 -27.47 16.99
N GLN B 336 24.36 -28.07 16.12
CA GLN B 336 25.65 -27.50 15.76
C GLN B 336 25.47 -26.31 14.81
N PRO B 337 26.46 -25.42 14.75
CA PRO B 337 26.42 -24.34 13.77
C PRO B 337 26.37 -24.89 12.35
N GLN B 338 25.63 -24.18 11.50
CA GLN B 338 25.43 -24.58 10.11
C GLN B 338 26.08 -23.56 9.20
N TYR B 339 26.32 -23.95 7.95
CA TYR B 339 26.96 -23.07 6.98
C TYR B 339 26.22 -23.13 5.66
N TYR B 340 25.85 -21.95 5.14
CA TYR B 340 25.18 -21.84 3.86
C TYR B 340 25.91 -20.83 2.99
N GLN B 341 25.69 -20.90 1.68
CA GLN B 341 26.27 -19.94 0.76
C GLN B 341 25.16 -19.12 0.10
N ALA B 342 25.31 -17.80 0.12
CA ALA B 342 24.30 -16.89 -0.37
C ALA B 342 24.67 -16.34 -1.74
N ASN B 343 23.67 -15.81 -2.43
CA ASN B 343 23.92 -15.17 -3.71
C ASN B 343 24.90 -14.02 -3.53
N GLY B 344 25.88 -13.94 -4.41
CA GLY B 344 26.90 -12.93 -4.31
C GLY B 344 28.15 -13.36 -3.58
N GLY B 345 28.16 -14.55 -2.99
CA GLY B 345 29.37 -15.10 -2.43
C GLY B 345 29.52 -15.01 -0.94
N PHE B 346 28.56 -14.42 -0.23
CA PHE B 346 28.66 -14.33 1.21
C PHE B 346 28.38 -15.68 1.85
N LEU B 347 29.26 -16.11 2.74
CA LEU B 347 29.10 -17.37 3.45
C LEU B 347 28.51 -17.10 4.82
N ILE B 348 27.39 -17.73 5.11
CA ILE B 348 26.65 -17.44 6.33
C ILE B 348 26.84 -18.60 7.30
N ALA B 349 27.36 -18.29 8.48
CA ALA B 349 27.43 -19.25 9.57
C ALA B 349 26.27 -18.96 10.52
N TYR B 350 25.40 -19.94 10.69
CA TYR B 350 24.12 -19.72 11.34
C TYR B 350 23.96 -20.70 12.49
N GLN B 351 23.77 -20.18 13.70
CA GLN B 351 23.48 -20.99 14.86
C GLN B 351 22.03 -20.80 15.26
N PRO B 352 21.17 -21.79 15.08
CA PRO B 352 19.77 -21.63 15.45
C PRO B 352 19.63 -21.43 16.96
N LEU B 353 18.56 -20.75 17.34
CA LEU B 353 18.22 -20.52 18.73
C LEU B 353 16.84 -21.10 19.00
N LEU B 354 16.47 -21.14 20.26
CA LEU B 354 15.11 -21.54 20.63
C LEU B 354 14.70 -20.82 21.90
N SER B 355 13.50 -20.27 21.89
CA SER B 355 12.96 -19.64 23.09
C SER B 355 12.68 -20.72 24.14
N ASN B 356 12.66 -20.29 25.40
CA ASN B 356 12.38 -21.22 26.48
C ASN B 356 11.00 -21.83 26.34
N THR B 357 10.01 -21.01 26.00
CA THR B 357 8.63 -21.46 25.86
C THR B 357 8.49 -22.50 24.75
N VAL B 390 37.76 -28.78 -4.09
CA VAL B 390 37.92 -27.50 -3.40
C VAL B 390 37.79 -26.36 -4.39
N GLU B 391 37.45 -25.18 -3.90
CA GLU B 391 37.22 -24.03 -4.76
C GLU B 391 37.43 -22.76 -3.95
N ARG B 392 37.30 -21.62 -4.62
CA ARG B 392 37.36 -20.30 -4.00
C ARG B 392 36.09 -19.54 -4.34
N ILE B 393 35.62 -18.74 -3.40
CA ILE B 393 34.33 -18.07 -3.50
C ILE B 393 34.55 -16.61 -3.84
N LYS B 394 33.86 -16.14 -4.87
CA LYS B 394 33.96 -14.76 -5.33
C LYS B 394 32.82 -13.95 -4.75
N THR B 395 33.14 -12.81 -4.15
CA THR B 395 32.16 -11.98 -3.47
C THR B 395 31.96 -10.68 -4.24
N THR B 396 30.70 -10.37 -4.55
CA THR B 396 30.39 -9.12 -5.23
C THR B 396 30.71 -7.93 -4.33
N SER B 397 31.14 -6.84 -4.96
CA SER B 397 31.54 -5.65 -4.21
C SER B 397 30.38 -4.72 -3.90
N SER B 398 29.17 -5.07 -4.31
CA SER B 398 27.98 -4.27 -4.04
C SER B 398 26.96 -5.11 -3.30
N ILE B 399 26.52 -4.63 -2.15
CA ILE B 399 25.50 -5.32 -1.38
C ILE B 399 24.12 -4.72 -1.61
N GLU B 400 24.01 -3.76 -2.52
CA GLU B 400 22.73 -3.07 -2.67
C GLU B 400 21.63 -3.99 -3.17
N PHE B 401 21.98 -5.11 -3.81
CA PHE B 401 20.94 -6.07 -4.14
C PHE B 401 20.30 -6.62 -2.89
N ALA B 402 21.10 -6.92 -1.86
CA ALA B 402 20.54 -7.52 -0.66
C ALA B 402 19.69 -6.52 0.11
N ARG B 403 20.18 -5.29 0.28
CA ARG B 403 19.39 -4.29 0.98
C ARG B 403 18.13 -3.95 0.20
N LEU B 404 18.22 -3.89 -1.13
CA LEU B 404 17.04 -3.68 -1.93
C LEU B 404 16.05 -4.82 -1.74
N GLN B 405 16.56 -6.05 -1.68
CA GLN B 405 15.68 -7.19 -1.44
C GLN B 405 15.01 -7.08 -0.09
N PHE B 406 15.76 -6.65 0.92
CA PHE B 406 15.17 -6.49 2.25
C PHE B 406 14.08 -5.43 2.25
N THR B 407 14.37 -4.28 1.66
CA THR B 407 13.38 -3.20 1.60
C THR B 407 12.13 -3.64 0.86
N TYR B 408 12.31 -4.23 -0.32
CA TYR B 408 11.16 -4.66 -1.09
C TYR B 408 10.40 -5.75 -0.37
N ASN B 409 11.09 -6.67 0.28
CA ASN B 409 10.40 -7.73 1.00
C ASN B 409 9.59 -7.18 2.15
N HIS B 410 10.17 -6.24 2.90
CA HIS B 410 9.43 -5.65 4.00
C HIS B 410 8.19 -4.95 3.51
N ILE B 411 8.34 -4.12 2.47
CA ILE B 411 7.20 -3.39 1.96
C ILE B 411 6.16 -4.35 1.38
N GLN B 412 6.60 -5.35 0.63
CA GLN B 412 5.68 -6.30 0.04
C GLN B 412 4.89 -7.02 1.12
N ARG B 413 5.60 -7.51 2.14
CA ARG B 413 4.92 -8.25 3.20
C ARG B 413 3.90 -7.37 3.89
N HIS B 414 4.28 -6.15 4.24
CA HIS B 414 3.34 -5.32 4.99
C HIS B 414 2.15 -4.89 4.14
N VAL B 415 2.40 -4.44 2.91
CA VAL B 415 1.31 -4.02 2.05
C VAL B 415 0.39 -5.19 1.76
N ASN B 416 0.96 -6.37 1.49
CA ASN B 416 0.13 -7.53 1.23
C ASN B 416 -0.72 -7.89 2.44
N ASP B 417 -0.13 -7.81 3.64
CA ASP B 417 -0.91 -8.09 4.85
C ASP B 417 -2.07 -7.12 4.98
N MET B 418 -1.80 -5.82 4.83
CA MET B 418 -2.85 -4.83 5.04
C MET B 418 -3.93 -4.96 3.98
N LEU B 419 -3.53 -5.21 2.73
CA LEU B 419 -4.51 -5.35 1.67
C LEU B 419 -5.33 -6.62 1.83
N GLY B 420 -4.71 -7.70 2.32
CA GLY B 420 -5.49 -8.88 2.62
C GLY B 420 -6.53 -8.60 3.69
N ARG B 421 -6.15 -7.85 4.72
CA ARG B 421 -7.12 -7.49 5.74
C ARG B 421 -8.22 -6.63 5.16
N VAL B 422 -7.88 -5.68 4.27
CA VAL B 422 -8.91 -4.84 3.68
C VAL B 422 -9.86 -5.68 2.84
N ALA B 423 -9.32 -6.61 2.05
CA ALA B 423 -10.17 -7.44 1.21
C ALA B 423 -11.08 -8.31 2.05
N ILE B 424 -10.55 -8.90 3.11
CA ILE B 424 -11.38 -9.75 3.96
C ILE B 424 -12.47 -8.92 4.64
N ALA B 425 -12.12 -7.72 5.10
CA ALA B 425 -13.13 -6.87 5.72
C ALA B 425 -14.20 -6.48 4.70
N TRP B 426 -13.80 -6.18 3.47
CA TRP B 426 -14.78 -5.83 2.45
C TRP B 426 -15.72 -6.99 2.18
N CYS B 427 -15.17 -8.18 2.03
CA CYS B 427 -15.97 -9.38 1.86
C CYS B 427 -16.96 -9.55 3.00
N GLU B 428 -16.49 -9.43 4.24
CA GLU B 428 -17.39 -9.60 5.37
C GLU B 428 -18.45 -8.52 5.40
N LEU B 429 -18.09 -7.30 5.01
CA LEU B 429 -19.08 -6.22 4.98
C LEU B 429 -20.17 -6.51 3.97
N GLN B 430 -19.82 -7.02 2.80
CA GLN B 430 -20.85 -7.34 1.82
C GLN B 430 -21.73 -8.49 2.31
N ASN B 431 -21.10 -9.57 2.77
CA ASN B 431 -21.89 -10.68 3.30
C ASN B 431 -22.76 -10.23 4.46
N HIS B 432 -22.38 -9.15 5.12
CA HIS B 432 -23.08 -8.64 6.28
C HIS B 432 -24.23 -7.73 5.90
N GLU B 433 -24.07 -6.95 4.84
CA GLU B 433 -25.11 -6.06 4.37
C GLU B 433 -26.11 -6.73 3.45
N LEU B 434 -25.84 -7.98 3.07
CA LEU B 434 -26.88 -8.71 2.36
C LEU B 434 -28.18 -8.74 3.16
N THR B 435 -28.09 -8.71 4.48
CA THR B 435 -29.30 -8.70 5.29
C THR B 435 -30.08 -7.40 5.13
N LEU B 436 -29.39 -6.26 5.16
CA LEU B 436 -30.06 -4.99 4.92
C LEU B 436 -30.68 -4.98 3.54
N TRP B 437 -29.99 -5.54 2.56
CA TRP B 437 -30.56 -5.56 1.22
C TRP B 437 -31.77 -6.47 1.14
N ASN B 438 -31.77 -7.59 1.88
CA ASN B 438 -32.95 -8.44 1.92
C ASN B 438 -34.13 -7.71 2.52
N GLU B 439 -33.90 -6.95 3.58
CA GLU B 439 -35.01 -6.34 4.29
C GLU B 439 -35.35 -4.95 3.80
N ALA B 440 -34.63 -4.45 2.81
CA ALA B 440 -35.02 -3.21 2.15
C ALA B 440 -35.86 -3.48 0.93
N ARG B 441 -35.57 -4.57 0.21
CA ARG B 441 -36.34 -4.90 -0.97
C ARG B 441 -37.79 -5.20 -0.64
N LYS B 442 -38.09 -5.52 0.62
CA LYS B 442 -39.49 -5.73 0.99
C LYS B 442 -40.26 -4.44 1.19
N LEU B 443 -39.58 -3.31 1.25
CA LEU B 443 -40.27 -2.03 1.44
C LEU B 443 -40.79 -1.49 0.12
N ASN B 444 -39.92 -1.29 -0.86
CA ASN B 444 -40.33 -0.94 -2.22
C ASN B 444 -39.39 -1.62 -3.20
N PRO B 445 -39.82 -2.72 -3.80
CA PRO B 445 -38.90 -3.47 -4.67
C PRO B 445 -38.42 -2.68 -5.87
N ASN B 446 -39.10 -1.60 -6.25
CA ASN B 446 -38.73 -0.88 -7.47
C ASN B 446 -37.31 -0.35 -7.39
N ALA B 447 -37.00 0.39 -6.33
CA ALA B 447 -35.70 1.04 -6.25
C ALA B 447 -34.59 0.01 -6.12
N ILE B 448 -34.78 -0.99 -5.26
CA ILE B 448 -33.75 -2.00 -5.06
C ILE B 448 -33.50 -2.77 -6.34
N ALA B 449 -34.57 -3.19 -7.02
CA ALA B 449 -34.40 -3.95 -8.25
C ALA B 449 -33.73 -3.11 -9.32
N SER B 450 -34.09 -1.83 -9.43
CA SER B 450 -33.49 -0.99 -10.45
C SER B 450 -32.01 -0.78 -10.17
N VAL B 451 -31.65 -0.46 -8.93
CA VAL B 451 -30.26 -0.22 -8.62
C VAL B 451 -29.46 -1.51 -8.66
N THR B 452 -30.11 -2.66 -8.57
CA THR B 452 -29.38 -3.91 -8.57
C THR B 452 -29.17 -4.45 -9.98
N VAL B 453 -30.23 -4.52 -10.78
CA VAL B 453 -30.10 -5.04 -12.13
C VAL B 453 -29.20 -4.16 -12.97
N GLY B 454 -29.41 -2.85 -12.89
CA GLY B 454 -28.62 -1.92 -13.67
C GLY B 454 -29.49 -1.00 -14.49
N ARG B 455 -30.58 -1.54 -15.02
CA ARG B 455 -31.55 -0.76 -15.77
C ARG B 455 -32.47 -0.04 -14.78
N ARG B 456 -33.56 0.51 -15.30
CA ARG B 456 -34.60 1.12 -14.49
C ARG B 456 -35.84 0.26 -14.68
N VAL B 457 -35.98 -0.75 -13.83
CA VAL B 457 -37.00 -1.77 -14.00
C VAL B 457 -38.08 -1.58 -12.93
N SER B 458 -39.21 -2.24 -13.16
CA SER B 458 -40.29 -2.29 -12.19
C SER B 458 -40.41 -3.72 -11.70
N ALA B 459 -40.49 -3.91 -10.40
CA ALA B 459 -40.44 -5.23 -9.83
C ALA B 459 -41.47 -5.38 -8.73
N ARG B 460 -41.82 -6.64 -8.46
CA ARG B 460 -42.59 -6.97 -7.28
C ARG B 460 -42.04 -8.27 -6.73
N MET B 461 -42.52 -8.65 -5.56
CA MET B 461 -42.01 -9.84 -4.88
C MET B 461 -43.03 -10.96 -4.95
N LEU B 462 -42.58 -12.13 -5.39
CA LEU B 462 -43.42 -13.32 -5.52
C LEU B 462 -43.15 -14.31 -4.40
N GLY B 463 -42.98 -13.81 -3.17
CA GLY B 463 -42.54 -14.68 -2.11
C GLY B 463 -41.09 -14.42 -1.77
N ASP B 464 -40.19 -15.27 -2.25
CA ASP B 464 -38.77 -15.09 -1.99
C ASP B 464 -37.98 -14.72 -3.23
N VAL B 465 -38.65 -14.29 -4.30
CA VAL B 465 -37.97 -13.86 -5.51
C VAL B 465 -38.62 -12.58 -6.02
N MET B 466 -37.90 -11.90 -6.90
CA MET B 466 -38.37 -10.67 -7.50
C MET B 466 -38.70 -10.90 -8.97
N ALA B 467 -39.89 -10.50 -9.38
CA ALA B 467 -40.29 -10.51 -10.77
C ALA B 467 -40.17 -9.10 -11.32
N VAL B 468 -39.47 -8.97 -12.44
CA VAL B 468 -39.07 -7.67 -12.97
C VAL B 468 -39.69 -7.47 -14.35
N SER B 469 -39.65 -6.23 -14.81
CA SER B 469 -40.06 -5.86 -16.16
C SER B 469 -39.51 -4.48 -16.50
N THR B 470 -38.92 -4.34 -17.68
CA THR B 470 -38.26 -3.09 -18.03
C THR B 470 -39.26 -1.96 -18.16
N CYS B 471 -38.84 -0.76 -17.76
CA CYS B 471 -39.68 0.43 -17.82
C CYS B 471 -39.35 1.24 -19.06
N VAL B 472 -40.39 1.77 -19.70
CA VAL B 472 -40.27 2.50 -20.96
C VAL B 472 -40.03 3.98 -20.69
N PRO B 473 -38.99 4.57 -21.29
CA PRO B 473 -38.71 5.99 -21.06
C PRO B 473 -39.75 6.88 -21.72
N VAL B 474 -39.90 8.09 -21.15
CA VAL B 474 -40.80 9.11 -21.65
C VAL B 474 -40.05 10.43 -21.64
N ALA B 475 -40.14 11.16 -22.75
CA ALA B 475 -39.39 12.40 -22.90
C ALA B 475 -39.87 13.44 -21.89
N ALA B 476 -38.93 14.26 -21.42
CA ALA B 476 -39.24 15.19 -20.34
C ALA B 476 -40.30 16.20 -20.77
N ASP B 477 -40.20 16.74 -21.98
CA ASP B 477 -41.05 17.84 -22.39
C ASP B 477 -42.50 17.44 -22.59
N ASN B 478 -42.82 16.15 -22.57
CA ASN B 478 -44.18 15.69 -22.83
C ASN B 478 -44.95 15.38 -21.56
N VAL B 479 -44.74 16.12 -20.47
CA VAL B 479 -45.55 15.95 -19.24
C VAL B 479 -46.25 17.24 -18.85
N ILE B 480 -47.45 17.10 -18.27
CA ILE B 480 -48.26 18.18 -17.73
C ILE B 480 -48.57 17.81 -16.28
N VAL B 481 -48.33 18.71 -15.33
CA VAL B 481 -48.77 18.56 -13.94
C VAL B 481 -50.07 19.31 -13.78
N GLN B 482 -51.13 18.63 -13.35
CA GLN B 482 -52.42 19.30 -13.13
C GLN B 482 -52.33 20.20 -11.89
N ASN B 483 -53.03 21.34 -11.87
CA ASN B 483 -52.78 22.33 -10.84
C ASN B 483 -53.25 21.89 -9.46
N SER B 484 -54.45 21.32 -9.34
CA SER B 484 -55.06 20.96 -8.05
C SER B 484 -54.91 19.47 -7.76
N MET B 485 -54.58 19.14 -6.51
CA MET B 485 -54.52 17.75 -6.03
C MET B 485 -55.83 17.29 -5.38
N ARG B 486 -56.82 18.17 -5.23
CA ARG B 486 -58.09 17.84 -4.56
C ARG B 486 -59.00 16.99 -5.47
N ILE B 487 -60.00 16.34 -4.89
CA ILE B 487 -60.99 15.53 -5.63
C ILE B 487 -62.42 15.83 -5.14
N SER B 488 -63.20 16.53 -5.97
CA SER B 488 -64.52 17.08 -5.58
C SER B 488 -65.53 16.02 -5.11
N SER B 489 -65.54 14.85 -5.74
CA SER B 489 -66.42 13.73 -5.38
C SER B 489 -66.06 13.03 -4.06
N ARG B 490 -64.90 13.36 -3.46
CA ARG B 490 -64.44 12.82 -2.17
C ARG B 490 -63.99 13.96 -1.23
N PRO B 491 -64.93 14.70 -0.63
CA PRO B 491 -64.61 15.78 0.31
C PRO B 491 -63.70 15.30 1.45
N GLY B 492 -62.72 16.12 1.84
CA GLY B 492 -61.74 15.77 2.89
C GLY B 492 -60.68 14.75 2.47
N ALA B 493 -60.69 14.27 1.22
CA ALA B 493 -59.65 13.40 0.67
C ALA B 493 -59.01 14.04 -0.57
N CYS B 494 -57.72 13.79 -0.78
CA CYS B 494 -56.92 14.42 -1.83
C CYS B 494 -55.86 13.45 -2.34
N TYR B 495 -55.39 13.62 -3.57
CA TYR B 495 -54.27 12.84 -4.08
C TYR B 495 -52.97 13.23 -3.34
N SER B 496 -52.26 12.26 -2.78
CA SER B 496 -51.08 12.49 -1.92
C SER B 496 -49.80 12.81 -2.69
N ARG B 497 -49.78 12.57 -4.01
CA ARG B 497 -48.72 12.96 -4.96
C ARG B 497 -49.37 13.51 -6.25
N PRO B 498 -48.70 14.38 -7.02
CA PRO B 498 -49.35 15.15 -8.07
C PRO B 498 -50.01 14.31 -9.16
N LEU B 499 -51.18 14.74 -9.64
CA LEU B 499 -51.75 14.19 -10.86
C LEU B 499 -50.98 14.70 -12.07
N VAL B 500 -50.70 13.82 -13.03
CA VAL B 500 -49.98 14.15 -14.25
C VAL B 500 -50.66 13.58 -15.48
N SER B 501 -50.33 14.14 -16.62
CA SER B 501 -50.76 13.70 -17.94
C SER B 501 -49.60 13.77 -18.91
N PHE B 502 -49.52 12.84 -19.86
CA PHE B 502 -48.32 12.62 -20.67
C PHE B 502 -48.65 11.94 -22.00
N ARG B 503 -47.68 11.84 -22.92
CA ARG B 503 -47.84 11.12 -24.17
C ARG B 503 -46.57 10.35 -24.47
N TYR B 504 -46.71 9.07 -24.83
CA TYR B 504 -45.55 8.21 -25.00
C TYR B 504 -44.67 8.70 -26.13
N GLU B 505 -45.25 8.89 -27.31
CA GLU B 505 -44.55 9.43 -28.45
C GLU B 505 -44.68 10.94 -28.44
N ASP B 506 -43.80 11.59 -29.20
CA ASP B 506 -43.80 13.06 -29.20
C ASP B 506 -45.13 13.63 -29.61
N GLN B 507 -45.93 12.88 -30.37
CA GLN B 507 -47.25 13.36 -30.77
C GLN B 507 -48.33 12.28 -30.69
N GLY B 508 -48.27 11.42 -29.68
CA GLY B 508 -49.36 10.50 -29.42
C GLY B 508 -50.48 11.16 -28.66
N PRO B 509 -51.43 10.36 -28.22
CA PRO B 509 -52.56 10.90 -27.45
C PRO B 509 -52.13 11.30 -26.05
N LEU B 510 -53.02 11.95 -25.30
CA LEU B 510 -52.73 12.35 -23.94
C LEU B 510 -53.36 11.36 -22.99
N VAL B 511 -52.55 10.76 -22.12
CA VAL B 511 -52.92 9.75 -21.11
C VAL B 511 -52.69 10.30 -19.70
N GLU B 512 -53.62 10.00 -18.80
CA GLU B 512 -53.51 10.32 -17.38
C GLU B 512 -52.61 9.34 -16.63
N GLY B 513 -51.96 9.81 -15.58
CA GLY B 513 -51.27 9.01 -14.57
C GLY B 513 -51.14 9.76 -13.25
N GLN B 514 -50.26 9.27 -12.38
CA GLN B 514 -49.89 9.93 -11.13
C GLN B 514 -48.37 9.87 -10.91
N LEU B 515 -47.78 10.95 -10.43
CA LEU B 515 -46.34 11.08 -10.24
C LEU B 515 -45.89 10.29 -9.01
N GLY B 516 -45.22 9.17 -9.22
CA GLY B 516 -44.55 8.40 -8.18
C GLY B 516 -43.23 9.02 -7.74
N GLU B 517 -42.42 8.24 -7.03
CA GLU B 517 -41.06 8.60 -6.66
C GLU B 517 -40.14 8.59 -7.88
N ASN B 518 -39.04 9.34 -7.83
CA ASN B 518 -37.92 9.22 -8.78
C ASN B 518 -38.37 9.15 -10.26
N ASN B 519 -39.19 10.12 -10.66
CA ASN B 519 -39.72 10.30 -12.02
C ASN B 519 -40.63 9.16 -12.55
N GLU B 520 -41.05 8.20 -11.72
CA GLU B 520 -41.86 7.09 -12.19
C GLU B 520 -43.32 7.54 -12.29
N LEU B 521 -44.01 7.22 -13.38
CA LEU B 521 -45.43 7.51 -13.53
C LEU B 521 -46.25 6.23 -13.31
N ARG B 522 -47.02 6.17 -12.22
CA ARG B 522 -48.02 5.12 -12.05
C ARG B 522 -49.17 5.40 -13.01
N LEU B 523 -49.77 4.34 -13.53
CA LEU B 523 -50.91 4.48 -14.44
C LEU B 523 -52.24 4.59 -13.71
N THR B 524 -52.24 4.47 -12.39
CA THR B 524 -53.47 4.39 -11.63
C THR B 524 -53.57 5.58 -10.69
N ARG B 525 -54.70 6.30 -10.69
CA ARG B 525 -54.94 7.42 -9.77
C ARG B 525 -55.61 6.94 -8.48
N ASP B 526 -54.82 6.35 -7.58
CA ASP B 526 -55.32 5.75 -6.33
C ASP B 526 -54.59 6.15 -5.04
N ALA B 527 -53.46 6.86 -5.09
CA ALA B 527 -52.69 7.21 -3.89
C ALA B 527 -53.30 8.40 -3.14
N ILE B 528 -54.53 8.26 -2.69
CA ILE B 528 -55.30 9.27 -1.95
C ILE B 528 -54.89 9.26 -0.47
N GLU B 529 -54.85 10.43 0.15
CA GLU B 529 -54.77 10.61 1.61
C GLU B 529 -55.98 11.42 2.11
N PRO B 530 -56.43 11.22 3.36
CA PRO B 530 -57.31 12.17 4.02
C PRO B 530 -56.52 13.47 4.25
N CYS B 531 -56.89 14.54 3.57
CA CYS B 531 -56.10 15.77 3.53
C CYS B 531 -56.39 16.71 4.69
N THR B 532 -55.36 17.43 5.16
CA THR B 532 -55.49 18.29 6.34
C THR B 532 -54.90 19.68 6.14
N VAL B 533 -54.76 20.40 7.26
CA VAL B 533 -54.31 21.77 7.26
C VAL B 533 -52.78 21.78 7.37
N GLY B 534 -52.17 22.87 6.90
CA GLY B 534 -50.73 23.01 6.96
C GLY B 534 -49.99 22.25 5.89
N HIS B 535 -50.70 21.58 4.97
CA HIS B 535 -50.13 20.78 3.88
C HIS B 535 -49.18 21.60 3.02
N ARG B 536 -47.97 21.09 2.83
CA ARG B 536 -47.03 21.70 1.91
C ARG B 536 -46.01 20.63 1.55
N ARG B 537 -45.91 20.29 0.27
CA ARG B 537 -44.98 19.20 -0.11
C ARG B 537 -44.14 19.54 -1.35
N TYR B 538 -42.89 19.09 -1.31
CA TYR B 538 -42.03 19.13 -2.47
C TYR B 538 -42.08 17.77 -3.13
N PHE B 539 -42.06 17.68 -4.45
CA PHE B 539 -42.02 16.40 -5.15
C PHE B 539 -40.95 16.46 -6.21
N THR B 540 -40.18 15.39 -6.39
CA THR B 540 -39.17 15.34 -7.44
C THR B 540 -39.86 15.29 -8.80
N PHE B 541 -39.41 16.11 -9.74
CA PHE B 541 -40.07 16.29 -11.03
C PHE B 541 -39.05 16.78 -12.06
N GLY B 542 -38.84 16.01 -13.12
CA GLY B 542 -37.79 16.32 -14.08
C GLY B 542 -36.45 16.25 -13.38
N GLY B 543 -35.71 17.36 -13.43
CA GLY B 543 -34.44 17.43 -12.74
C GLY B 543 -34.51 18.26 -11.48
N GLY B 544 -35.68 18.84 -11.20
CA GLY B 544 -35.86 19.70 -10.05
C GLY B 544 -37.01 19.22 -9.19
N TYR B 545 -37.65 20.18 -8.52
CA TYR B 545 -38.76 19.89 -7.64
C TYR B 545 -39.95 20.75 -8.02
N VAL B 546 -41.14 20.26 -7.68
CA VAL B 546 -42.40 20.97 -7.81
C VAL B 546 -42.97 21.15 -6.40
N TYR B 547 -43.40 22.36 -6.03
CA TYR B 547 -43.79 22.66 -4.67
C TYR B 547 -45.26 23.01 -4.66
N PHE B 548 -46.02 22.26 -3.86
CA PHE B 548 -47.46 22.39 -3.64
C PHE B 548 -47.73 22.92 -2.24
N GLU B 549 -48.74 23.78 -2.10
CA GLU B 549 -49.24 24.25 -0.82
C GLU B 549 -50.73 24.07 -0.77
N GLU B 550 -51.22 23.44 0.31
CA GLU B 550 -52.65 23.31 0.56
C GLU B 550 -53.36 22.70 -0.65
N TYR B 551 -52.76 21.65 -1.21
CA TYR B 551 -53.29 20.88 -2.35
C TYR B 551 -53.48 21.74 -3.63
N ALA B 552 -52.61 22.74 -3.84
CA ALA B 552 -52.65 23.62 -5.00
C ALA B 552 -51.23 23.84 -5.46
N TYR B 553 -50.99 23.67 -6.75
CA TYR B 553 -49.66 23.88 -7.30
C TYR B 553 -49.18 25.28 -7.00
N SER B 554 -47.96 25.40 -6.50
CA SER B 554 -47.38 26.70 -6.18
C SER B 554 -46.29 27.09 -7.16
N HIS B 555 -45.22 26.31 -7.27
CA HIS B 555 -44.22 26.66 -8.28
C HIS B 555 -43.12 25.62 -8.34
N GLN B 556 -42.30 25.71 -9.38
CA GLN B 556 -41.17 24.81 -9.55
C GLN B 556 -39.92 25.40 -8.92
N LEU B 557 -38.93 24.53 -8.71
CA LEU B 557 -37.68 24.89 -8.07
C LEU B 557 -36.58 24.04 -8.68
N SER B 558 -35.37 24.56 -8.66
CA SER B 558 -34.23 23.76 -9.08
C SER B 558 -33.63 23.05 -7.88
N ARG B 559 -32.75 22.08 -8.17
CA ARG B 559 -32.09 21.35 -7.09
C ARG B 559 -31.20 22.26 -6.27
N ALA B 560 -30.66 23.32 -6.88
CA ALA B 560 -29.71 24.17 -6.16
C ALA B 560 -30.38 25.00 -5.07
N ASP B 561 -31.69 25.19 -5.13
CA ASP B 561 -32.37 26.06 -4.18
C ASP B 561 -32.62 25.40 -2.84
N ILE B 562 -32.04 24.24 -2.59
CA ILE B 562 -32.26 23.51 -1.34
C ILE B 562 -30.92 23.06 -0.80
N THR B 563 -30.66 23.34 0.48
CA THR B 563 -29.39 22.95 1.09
C THR B 563 -29.25 21.44 1.07
N THR B 564 -28.08 20.95 0.69
CA THR B 564 -27.87 19.53 0.46
C THR B 564 -26.98 18.96 1.55
N VAL B 565 -27.57 18.13 2.40
CA VAL B 565 -26.80 17.33 3.34
C VAL B 565 -26.25 16.12 2.58
N SER B 566 -25.30 15.42 3.16
CA SER B 566 -24.63 14.32 2.48
C SER B 566 -24.65 13.08 3.34
N THR B 567 -25.05 11.95 2.76
CA THR B 567 -24.95 10.64 3.40
C THR B 567 -23.69 9.91 2.98
N PHE B 568 -22.67 10.63 2.56
CA PHE B 568 -21.47 10.04 1.98
C PHE B 568 -20.31 10.18 2.95
N ILE B 569 -19.49 9.15 3.03
CA ILE B 569 -18.28 9.16 3.84
C ILE B 569 -17.13 9.48 2.90
N ASP B 570 -16.51 10.63 3.11
CA ASP B 570 -15.44 11.08 2.23
C ASP B 570 -14.22 10.18 2.36
N LEU B 571 -13.55 9.96 1.24
CA LEU B 571 -12.31 9.19 1.19
C LEU B 571 -11.41 9.87 0.16
N ASN B 572 -10.55 10.77 0.64
CA ASN B 572 -9.71 11.57 -0.25
C ASN B 572 -8.40 10.83 -0.47
N ILE B 573 -8.47 9.79 -1.30
CA ILE B 573 -7.30 8.97 -1.61
C ILE B 573 -6.52 9.65 -2.72
N THR B 574 -5.30 10.06 -2.43
CA THR B 574 -4.42 10.59 -3.45
C THR B 574 -3.55 9.46 -3.98
N MET B 575 -2.54 9.79 -4.78
CA MET B 575 -1.72 8.80 -5.44
C MET B 575 -0.25 9.06 -5.14
N LEU B 576 0.54 7.99 -5.15
CA LEU B 576 1.98 8.14 -5.06
C LEU B 576 2.47 9.02 -6.21
N GLU B 577 3.00 10.20 -5.88
CA GLU B 577 3.46 11.09 -6.93
C GLU B 577 4.62 10.46 -7.67
N ASP B 578 4.76 10.84 -8.94
CA ASP B 578 5.92 10.41 -9.71
C ASP B 578 7.18 10.94 -9.06
N HIS B 579 8.22 10.11 -9.05
CA HIS B 579 9.51 10.58 -8.58
C HIS B 579 10.60 10.06 -9.50
N GLU B 580 11.63 10.86 -9.70
CA GLU B 580 12.71 10.53 -10.61
C GLU B 580 14.03 10.57 -9.86
N PHE B 581 14.84 9.54 -10.04
CA PHE B 581 16.13 9.42 -9.38
C PHE B 581 17.23 9.78 -10.36
N VAL B 582 18.13 10.65 -9.93
CA VAL B 582 19.26 11.06 -10.77
C VAL B 582 20.48 10.29 -10.30
N PRO B 583 21.44 10.00 -11.17
CA PRO B 583 22.65 9.32 -10.72
C PRO B 583 23.35 10.14 -9.66
N LEU B 584 23.94 9.45 -8.68
CA LEU B 584 24.58 10.13 -7.57
C LEU B 584 25.72 9.27 -7.06
N GLU B 585 26.91 9.86 -7.01
CA GLU B 585 28.10 9.18 -6.53
C GLU B 585 28.76 10.06 -5.48
N VAL B 586 29.14 9.47 -4.36
CA VAL B 586 29.94 10.20 -3.40
C VAL B 586 31.29 10.53 -4.00
N TYR B 587 31.91 9.56 -4.66
CA TYR B 587 33.21 9.73 -5.30
C TYR B 587 33.15 9.10 -6.68
N THR B 588 33.17 9.93 -7.72
CA THR B 588 33.27 9.41 -9.07
C THR B 588 34.58 8.68 -9.24
N ARG B 589 34.57 7.60 -10.03
CA ARG B 589 35.75 6.76 -10.12
C ARG B 589 36.96 7.52 -10.64
N HIS B 590 36.75 8.65 -11.31
CA HIS B 590 37.87 9.52 -11.64
C HIS B 590 38.52 10.08 -10.38
N GLU B 591 37.72 10.52 -9.41
CA GLU B 591 38.29 11.00 -8.16
C GLU B 591 39.03 9.89 -7.44
N ILE B 592 38.42 8.71 -7.36
CA ILE B 592 39.04 7.59 -6.68
C ILE B 592 40.37 7.26 -7.32
N LYS B 593 40.44 7.33 -8.65
CA LYS B 593 41.73 7.18 -9.31
C LYS B 593 42.68 8.32 -8.93
N ASP B 594 42.15 9.53 -8.83
CA ASP B 594 42.99 10.71 -8.61
C ASP B 594 43.48 10.82 -7.18
N SER B 595 42.75 10.26 -6.21
CA SER B 595 43.17 10.36 -4.82
C SER B 595 44.51 9.70 -4.58
N GLY B 596 44.93 8.81 -5.47
CA GLY B 596 46.28 8.28 -5.40
C GLY B 596 47.27 9.42 -5.52
N LEU B 597 48.20 9.49 -4.58
CA LEU B 597 49.16 10.58 -4.57
C LEU B 597 50.08 10.54 -5.78
N LEU B 598 50.60 9.37 -6.12
CA LEU B 598 51.40 9.18 -7.32
C LEU B 598 50.73 8.15 -8.21
N ASP B 599 51.28 7.99 -9.41
CA ASP B 599 50.68 7.13 -10.43
C ASP B 599 51.78 6.54 -11.28
N TYR B 600 51.90 5.21 -11.27
CA TYR B 600 52.96 4.56 -12.02
C TYR B 600 52.87 4.86 -13.50
N THR B 601 51.64 4.86 -14.04
CA THR B 601 51.46 5.14 -15.46
C THR B 601 51.99 6.53 -15.80
N GLU B 602 51.54 7.55 -15.07
CA GLU B 602 51.93 8.91 -15.39
C GLU B 602 53.42 9.12 -15.20
N VAL B 603 53.97 8.57 -14.11
CA VAL B 603 55.39 8.75 -13.85
C VAL B 603 56.22 8.11 -14.95
N GLN B 604 55.83 6.91 -15.38
CA GLN B 604 56.59 6.25 -16.44
C GLN B 604 56.39 6.94 -17.78
N ARG B 605 55.19 7.47 -18.03
CA ARG B 605 54.95 8.19 -19.26
C ARG B 605 55.74 9.48 -19.32
N ARG B 606 56.07 10.04 -18.16
CA ARG B 606 56.83 11.28 -18.16
C ARG B 606 58.33 11.05 -18.11
N ASN B 607 58.79 9.97 -17.49
CA ASN B 607 60.21 9.74 -17.32
C ASN B 607 60.84 8.99 -18.48
N GLN B 608 60.06 8.55 -19.46
CA GLN B 608 60.61 7.99 -20.68
C GLN B 608 60.47 8.92 -21.87
N LEU B 609 59.62 9.93 -21.77
CA LEU B 609 59.64 11.06 -22.70
C LEU B 609 60.84 11.94 -22.49
N HIS B 610 61.70 11.62 -21.52
CA HIS B 610 62.82 12.49 -21.20
C HIS B 610 63.78 12.60 -22.37
N ASP B 611 64.11 11.47 -23.00
CA ASP B 611 65.11 11.50 -24.06
C ASP B 611 64.61 12.29 -25.27
N LEU B 612 63.36 12.06 -25.68
CA LEU B 612 62.81 12.79 -26.81
C LEU B 612 62.81 14.28 -26.54
N ARG B 613 62.27 14.69 -25.39
CA ARG B 613 62.11 16.10 -25.11
C ARG B 613 63.47 16.79 -24.96
N PHE B 614 64.34 16.23 -24.13
CA PHE B 614 65.54 16.93 -23.71
C PHE B 614 66.81 16.41 -24.37
N ALA B 615 66.69 15.74 -25.50
CA ALA B 615 67.87 15.27 -26.23
C ALA B 615 67.46 14.87 -27.63
N ASP B 616 68.47 14.61 -28.45
CA ASP B 616 68.28 14.06 -29.78
C ASP B 616 68.61 12.57 -29.73
N ILE B 617 67.66 11.73 -30.14
CA ILE B 617 67.85 10.29 -30.10
C ILE B 617 68.24 9.73 -31.45
N ASP B 618 68.40 10.57 -32.47
CA ASP B 618 68.68 10.10 -33.82
C ASP B 618 70.03 10.55 -34.34
N THR B 619 70.45 11.77 -34.05
CA THR B 619 71.64 12.34 -34.68
C THR B 619 72.87 11.57 -34.21
N VAL B 620 73.41 10.74 -35.08
CA VAL B 620 74.62 10.00 -34.77
C VAL B 620 75.83 10.85 -35.11
N ILE B 621 76.88 10.72 -34.30
CA ILE B 621 78.10 11.49 -34.49
C ILE B 621 79.24 10.52 -34.73
N HIS B 622 80.19 10.95 -35.56
CA HIS B 622 81.34 10.12 -35.88
C HIS B 622 82.62 10.95 -35.84
N ALA C 9 -24.92 10.57 30.20
CA ALA C 9 -25.55 10.96 28.94
C ALA C 9 -26.55 12.09 29.14
N ASN C 10 -27.29 12.41 28.10
CA ASN C 10 -28.24 13.51 28.13
C ASN C 10 -29.57 13.03 27.57
N PHE C 11 -30.65 13.74 27.87
CA PHE C 11 -31.93 13.54 27.20
C PHE C 11 -32.15 14.64 26.18
N TYR C 12 -33.08 14.42 25.27
CA TYR C 12 -33.39 15.38 24.22
C TYR C 12 -34.89 15.54 24.08
N VAL C 13 -35.35 16.77 23.93
CA VAL C 13 -36.73 17.06 23.62
C VAL C 13 -36.79 17.60 22.20
N CYS C 14 -37.76 17.15 21.42
CA CYS C 14 -37.78 17.41 19.99
C CYS C 14 -39.10 18.03 19.55
N PRO C 15 -39.09 19.30 19.12
CA PRO C 15 -40.32 19.90 18.63
C PRO C 15 -40.75 19.25 17.33
N PRO C 16 -42.04 19.27 17.02
CA PRO C 16 -42.47 18.83 15.70
C PRO C 16 -42.00 19.81 14.64
N PRO C 17 -41.28 19.33 13.62
CA PRO C 17 -40.59 20.24 12.70
C PRO C 17 -41.58 20.91 11.77
N THR C 18 -41.57 22.23 11.79
CA THR C 18 -42.31 23.00 10.81
C THR C 18 -41.63 22.91 9.45
N GLY C 19 -42.39 23.24 8.41
CA GLY C 19 -41.86 23.18 7.06
C GLY C 19 -40.91 24.33 6.76
N ALA C 20 -40.32 24.91 7.79
CA ALA C 20 -39.43 26.06 7.59
C ALA C 20 -38.12 25.66 6.93
N THR C 21 -37.53 24.56 7.37
CA THR C 21 -36.25 24.12 6.85
C THR C 21 -36.43 22.82 6.07
N VAL C 22 -35.67 22.70 4.98
CA VAL C 22 -35.79 21.55 4.08
C VAL C 22 -34.39 21.06 3.73
N VAL C 23 -34.23 19.73 3.70
CA VAL C 23 -32.97 19.11 3.32
C VAL C 23 -33.24 17.97 2.37
N GLN C 24 -32.21 17.59 1.63
CA GLN C 24 -32.32 16.50 0.66
C GLN C 24 -31.01 15.74 0.61
N PHE C 25 -31.10 14.44 0.38
CA PHE C 25 -29.90 13.63 0.27
C PHE C 25 -29.14 13.96 -1.00
N GLU C 26 -27.81 14.00 -0.91
CA GLU C 26 -27.00 14.23 -2.09
C GLU C 26 -27.15 13.08 -3.06
N GLN C 27 -27.32 13.41 -4.33
CA GLN C 27 -27.53 12.40 -5.37
C GLN C 27 -26.22 11.69 -5.70
N PRO C 28 -26.29 10.49 -6.30
CA PRO C 28 -25.08 9.72 -6.54
C PRO C 28 -24.10 10.49 -7.41
N ARG C 29 -22.82 10.38 -7.08
CA ARG C 29 -21.78 11.10 -7.79
C ARG C 29 -20.98 10.14 -8.67
N ARG C 30 -20.76 10.53 -9.90
CA ARG C 30 -19.96 9.73 -10.81
C ARG C 30 -18.50 9.73 -10.35
N CYS C 31 -17.80 8.67 -10.69
CA CYS C 31 -16.39 8.53 -10.33
C CYS C 31 -15.64 7.72 -11.37
N PRO C 32 -14.51 8.23 -11.86
CA PRO C 32 -13.97 7.79 -13.14
C PRO C 32 -13.61 6.32 -13.19
N THR C 33 -13.42 5.82 -14.41
CA THR C 33 -12.96 4.45 -14.59
C THR C 33 -11.48 4.40 -14.30
N ARG C 34 -10.93 3.20 -14.36
CA ARG C 34 -9.52 3.02 -14.08
C ARG C 34 -8.68 3.73 -15.14
N PRO C 35 -7.47 4.14 -14.81
CA PRO C 35 -6.59 4.69 -15.85
C PRO C 35 -6.43 3.71 -16.99
N GLU C 36 -6.32 4.22 -18.22
CA GLU C 36 -6.35 3.34 -19.39
C GLU C 36 -5.22 2.32 -19.37
N GLY C 37 -4.10 2.65 -18.75
CA GLY C 37 -2.98 1.76 -18.75
C GLY C 37 -1.97 2.12 -19.82
N GLN C 38 -0.71 1.81 -19.56
CA GLN C 38 0.35 2.21 -20.47
C GLN C 38 0.47 1.24 -21.63
N ASN C 39 0.83 1.78 -22.79
CA ASN C 39 1.04 0.98 -23.99
C ASN C 39 2.48 0.49 -23.97
N TYR C 40 2.67 -0.80 -23.69
CA TYR C 40 4.00 -1.38 -23.58
C TYR C 40 4.36 -2.10 -24.86
N THR C 41 5.45 -1.65 -25.50
CA THR C 41 5.93 -2.25 -26.72
C THR C 41 7.11 -3.16 -26.39
N GLU C 42 6.94 -4.46 -26.62
CA GLU C 42 8.01 -5.41 -26.33
C GLU C 42 9.20 -5.15 -27.24
N GLY C 43 10.28 -5.86 -26.98
CA GLY C 43 11.45 -5.72 -27.82
C GLY C 43 12.60 -6.56 -27.30
N ILE C 44 13.65 -6.61 -28.10
CA ILE C 44 14.89 -7.27 -27.74
C ILE C 44 15.96 -6.19 -27.67
N ALA C 45 16.69 -6.14 -26.57
CA ALA C 45 17.55 -4.99 -26.34
C ALA C 45 18.95 -5.41 -25.95
N VAL C 46 19.91 -4.56 -26.32
CA VAL C 46 21.30 -4.73 -25.94
C VAL C 46 21.78 -3.43 -25.35
N VAL C 47 22.23 -3.47 -24.10
CA VAL C 47 22.63 -2.29 -23.36
C VAL C 47 24.14 -2.21 -23.36
N PHE C 48 24.66 -1.08 -23.82
CA PHE C 48 26.09 -0.83 -23.91
C PHE C 48 26.50 0.18 -22.87
N LYS C 49 27.64 -0.08 -22.23
CA LYS C 49 28.28 0.83 -21.31
C LYS C 49 29.51 1.43 -21.97
N GLU C 50 30.04 2.49 -21.38
CA GLU C 50 31.26 3.07 -21.90
C GLU C 50 32.42 2.13 -21.65
N ASN C 51 33.02 1.64 -22.72
CA ASN C 51 34.17 0.75 -22.59
C ASN C 51 35.30 1.48 -21.89
N ILE C 52 35.88 0.83 -20.88
CA ILE C 52 37.05 1.37 -20.21
C ILE C 52 38.24 0.43 -20.24
N ALA C 53 38.04 -0.86 -20.44
CA ALA C 53 39.18 -1.75 -20.59
C ALA C 53 39.98 -1.33 -21.82
N PRO C 54 41.29 -1.33 -21.74
CA PRO C 54 42.09 -0.90 -22.88
C PRO C 54 41.94 -1.81 -24.08
N TYR C 55 42.50 -1.41 -25.21
CA TYR C 55 42.60 -2.26 -26.38
C TYR C 55 43.86 -3.10 -26.24
N LYS C 56 43.70 -4.42 -26.23
CA LYS C 56 44.79 -5.34 -25.94
C LYS C 56 45.14 -6.13 -27.17
N PHE C 57 46.43 -6.38 -27.37
CA PHE C 57 46.86 -7.21 -28.49
C PHE C 57 48.19 -7.84 -28.15
N LYS C 58 48.79 -8.52 -29.12
CA LYS C 58 50.03 -9.24 -28.92
C LYS C 58 51.15 -8.58 -29.71
N ALA C 59 52.35 -8.55 -29.13
CA ALA C 59 53.50 -7.98 -29.80
C ALA C 59 54.72 -8.80 -29.46
N THR C 60 55.82 -8.51 -30.15
CA THR C 60 57.06 -9.23 -29.93
C THR C 60 58.21 -8.24 -29.81
N MET C 61 59.01 -8.38 -28.76
CA MET C 61 60.15 -7.51 -28.53
C MET C 61 61.43 -8.28 -28.85
N TYR C 62 62.27 -7.67 -29.68
CA TYR C 62 63.60 -8.17 -30.01
C TYR C 62 64.62 -7.19 -29.46
N TYR C 63 65.50 -7.65 -28.57
CA TYR C 63 66.55 -6.75 -28.11
C TYR C 63 67.70 -7.56 -27.56
N LYS C 64 68.85 -6.93 -27.49
CA LYS C 64 70.07 -7.57 -27.04
C LYS C 64 70.49 -6.93 -25.73
N ASP C 65 70.45 -7.69 -24.65
CA ASP C 65 71.03 -7.22 -23.41
C ASP C 65 72.53 -7.19 -23.57
N VAL C 66 73.09 -5.99 -23.61
CA VAL C 66 74.52 -5.79 -23.59
C VAL C 66 74.94 -5.55 -22.16
N THR C 67 75.98 -6.24 -21.72
CA THR C 67 76.40 -6.17 -20.32
C THR C 67 77.92 -6.11 -20.29
N VAL C 68 78.45 -4.91 -20.08
CA VAL C 68 79.88 -4.74 -19.92
C VAL C 68 80.17 -4.73 -18.43
N SER C 69 81.17 -5.49 -18.01
CA SER C 69 81.53 -5.57 -16.61
C SER C 69 83.02 -5.38 -16.46
N GLN C 70 83.42 -4.54 -15.52
CA GLN C 70 84.81 -4.28 -15.23
C GLN C 70 85.18 -4.94 -13.91
N VAL C 71 86.28 -5.67 -13.88
CA VAL C 71 86.66 -6.48 -12.73
C VAL C 71 88.05 -6.09 -12.29
N TRP C 72 88.26 -6.09 -10.98
CA TRP C 72 89.59 -5.98 -10.39
C TRP C 72 89.98 -7.31 -9.78
N PHE C 73 91.26 -7.64 -9.89
CA PHE C 73 91.78 -8.97 -9.55
C PHE C 73 92.84 -8.80 -8.47
N GLY C 74 92.43 -9.04 -7.22
CA GLY C 74 93.33 -8.91 -6.10
C GLY C 74 94.28 -10.07 -5.98
N HIS C 75 95.06 -10.03 -4.91
CA HIS C 75 96.05 -11.08 -4.67
C HIS C 75 95.45 -12.34 -4.07
N ARG C 76 94.22 -12.30 -3.57
CA ARG C 76 93.49 -13.52 -3.21
C ARG C 76 92.02 -13.48 -3.57
N TYR C 77 91.55 -12.47 -4.30
CA TYR C 77 90.12 -12.31 -4.52
C TYR C 77 89.89 -11.53 -5.80
N SER C 78 88.62 -11.38 -6.16
CA SER C 78 88.20 -10.59 -7.30
C SER C 78 87.02 -9.72 -6.89
N GLN C 79 86.84 -8.60 -7.58
CA GLN C 79 85.88 -7.60 -7.15
C GLN C 79 85.35 -6.85 -8.35
N PHE C 80 84.04 -6.89 -8.57
CA PHE C 80 83.44 -6.00 -9.55
C PHE C 80 83.66 -4.54 -9.17
N MET C 81 83.96 -3.73 -10.18
CA MET C 81 84.11 -2.30 -9.98
C MET C 81 83.24 -1.53 -10.99
N GLY C 82 82.08 -2.09 -11.34
CA GLY C 82 81.20 -1.45 -12.27
C GLY C 82 80.60 -2.42 -13.26
N ILE C 83 79.29 -2.35 -13.46
CA ILE C 83 78.59 -3.24 -14.39
C ILE C 83 77.65 -2.36 -15.22
N PHE C 84 78.11 -1.93 -16.38
CA PHE C 84 77.25 -1.20 -17.30
C PHE C 84 76.30 -2.19 -17.99
N GLU C 85 75.03 -1.85 -18.02
CA GLU C 85 74.04 -2.68 -18.70
C GLU C 85 73.25 -1.82 -19.67
N ASP C 86 72.74 -2.46 -20.71
CA ASP C 86 72.06 -1.71 -21.76
C ASP C 86 71.19 -2.67 -22.55
N ARG C 87 70.19 -2.11 -23.23
CA ARG C 87 69.29 -2.89 -24.08
C ARG C 87 69.39 -2.34 -25.49
N ALA C 88 70.20 -2.95 -26.30
CA ALA C 88 70.35 -2.53 -27.68
C ALA C 88 69.21 -3.06 -28.54
N PRO C 89 68.82 -2.34 -29.57
CA PRO C 89 67.78 -2.84 -30.47
C PRO C 89 68.36 -3.74 -31.56
N VAL C 90 67.48 -4.58 -32.10
CA VAL C 90 67.84 -5.49 -33.18
C VAL C 90 67.37 -4.87 -34.48
N PRO C 91 68.26 -4.59 -35.43
CA PRO C 91 67.86 -3.89 -36.65
C PRO C 91 66.89 -4.71 -37.48
N PHE C 92 66.44 -4.09 -38.56
CA PHE C 92 65.30 -4.59 -39.32
C PHE C 92 65.64 -5.89 -40.03
N GLU C 93 66.62 -5.83 -40.94
CA GLU C 93 67.01 -7.01 -41.67
C GLU C 93 67.45 -8.13 -40.74
N GLU C 94 67.89 -7.80 -39.53
CA GLU C 94 68.20 -8.86 -38.58
C GLU C 94 66.93 -9.55 -38.09
N VAL C 95 65.83 -8.82 -37.99
CA VAL C 95 64.56 -9.47 -37.64
C VAL C 95 64.06 -10.31 -38.80
N ILE C 96 64.19 -9.80 -40.03
CA ILE C 96 63.60 -10.50 -41.17
C ILE C 96 64.45 -11.69 -41.59
N ASP C 97 65.69 -11.42 -42.00
CA ASP C 97 66.52 -12.46 -42.60
C ASP C 97 67.01 -13.50 -41.60
N LYS C 98 67.09 -13.15 -40.31
CA LYS C 98 67.78 -14.00 -39.36
C LYS C 98 66.86 -14.56 -38.28
N ILE C 99 66.10 -13.72 -37.61
CA ILE C 99 65.29 -14.22 -36.51
C ILE C 99 64.10 -15.01 -37.04
N ASN C 100 63.32 -14.40 -37.91
CA ASN C 100 62.11 -15.06 -38.39
C ASN C 100 62.40 -16.16 -39.40
N ALA C 101 63.46 -16.01 -40.19
CA ALA C 101 63.72 -17.00 -41.24
C ALA C 101 64.44 -18.22 -40.70
N LYS C 102 65.66 -18.03 -40.18
CA LYS C 102 66.50 -19.14 -39.78
C LYS C 102 66.49 -19.38 -38.27
N GLY C 103 65.74 -18.61 -37.50
CA GLY C 103 65.72 -18.79 -36.07
C GLY C 103 67.06 -18.60 -35.41
N VAL C 104 67.86 -17.67 -35.91
CA VAL C 104 69.17 -17.38 -35.36
C VAL C 104 69.29 -15.88 -35.17
N CYS C 105 70.22 -15.49 -34.31
CA CYS C 105 70.49 -14.07 -34.04
C CYS C 105 71.97 -13.83 -34.23
N ARG C 106 72.33 -12.56 -34.43
CA ARG C 106 73.62 -12.24 -35.04
C ARG C 106 74.77 -12.10 -34.06
N SER C 107 74.56 -12.30 -32.76
CA SER C 107 75.63 -12.34 -31.78
C SER C 107 76.51 -11.09 -31.82
N THR C 108 75.98 -9.99 -32.34
CA THR C 108 76.68 -8.71 -32.31
C THR C 108 75.63 -7.61 -32.37
N ALA C 109 75.93 -6.48 -31.76
CA ALA C 109 74.95 -5.42 -31.60
C ALA C 109 75.52 -4.11 -32.08
N LYS C 110 74.91 -3.56 -33.13
CA LYS C 110 75.25 -2.23 -33.63
C LYS C 110 74.08 -1.31 -33.34
N TYR C 111 74.35 -0.22 -32.63
CA TYR C 111 73.24 0.64 -32.26
C TYR C 111 73.76 2.02 -31.92
N VAL C 112 72.89 3.01 -32.05
CA VAL C 112 73.23 4.39 -31.76
C VAL C 112 72.74 4.69 -30.34
N ARG C 113 73.68 5.00 -29.47
CA ARG C 113 73.41 5.38 -28.10
C ARG C 113 74.16 6.67 -27.82
N ASN C 114 73.50 7.58 -27.10
CA ASN C 114 74.05 8.90 -26.81
C ASN C 114 74.70 9.50 -28.04
N ASN C 115 73.97 9.42 -29.15
CA ASN C 115 74.38 10.06 -30.40
C ASN C 115 75.71 9.50 -30.88
N LEU C 116 75.89 8.19 -30.76
CA LEU C 116 77.12 7.56 -31.19
C LEU C 116 76.82 6.15 -31.68
N GLU C 117 77.61 5.69 -32.64
CA GLU C 117 77.47 4.34 -33.19
C GLU C 117 78.38 3.40 -32.43
N THR C 118 77.79 2.40 -31.78
CA THR C 118 78.53 1.50 -30.92
C THR C 118 78.26 0.05 -31.28
N THR C 119 79.30 -0.77 -31.16
CA THR C 119 79.30 -2.15 -31.60
C THR C 119 79.76 -3.04 -30.46
N ALA C 120 78.99 -4.10 -30.19
CA ALA C 120 79.30 -5.03 -29.11
C ALA C 120 79.38 -6.45 -29.66
N PHE C 121 80.43 -7.18 -29.27
CA PHE C 121 80.64 -8.56 -29.69
C PHE C 121 80.55 -9.47 -28.49
N HIS C 122 79.87 -10.61 -28.65
CA HIS C 122 79.37 -11.37 -27.50
C HIS C 122 80.46 -11.76 -26.52
N ARG C 123 81.69 -11.92 -26.97
CA ARG C 123 82.75 -12.24 -26.03
C ARG C 123 83.99 -11.45 -26.37
N ASP C 124 83.82 -10.29 -26.99
CA ASP C 124 84.88 -9.51 -27.62
C ASP C 124 85.56 -10.30 -28.74
N ASP C 125 85.03 -11.47 -29.10
CA ASP C 125 85.55 -12.31 -30.16
C ASP C 125 84.85 -11.96 -31.46
N HIS C 126 84.99 -12.82 -32.48
CA HIS C 126 84.43 -12.52 -33.78
C HIS C 126 82.91 -12.64 -33.80
N GLU C 127 82.33 -12.16 -34.89
CA GLU C 127 80.88 -12.24 -35.08
C GLU C 127 80.48 -13.63 -35.54
N THR C 128 79.45 -14.18 -34.92
CA THR C 128 78.92 -15.48 -35.31
C THR C 128 77.40 -15.37 -35.31
N ASP C 129 76.73 -16.51 -35.50
CA ASP C 129 75.29 -16.60 -35.41
C ASP C 129 74.92 -17.59 -34.33
N MET C 130 74.21 -17.13 -33.31
CA MET C 130 73.86 -17.96 -32.17
C MET C 130 72.53 -18.64 -32.43
N GLU C 131 72.42 -19.88 -31.97
CA GLU C 131 71.20 -20.67 -32.18
C GLU C 131 70.18 -20.28 -31.11
N LEU C 132 69.20 -19.49 -31.51
CA LEU C 132 68.17 -19.04 -30.59
C LEU C 132 67.43 -20.24 -30.03
N LYS C 133 67.22 -20.26 -28.73
CA LYS C 133 66.70 -21.42 -28.02
C LYS C 133 65.67 -21.00 -26.99
N PRO C 134 64.82 -21.94 -26.55
CA PRO C 134 63.87 -21.60 -25.49
C PRO C 134 64.57 -21.26 -24.19
N ALA C 135 63.91 -20.42 -23.40
CA ALA C 135 64.41 -19.98 -22.11
C ALA C 135 63.84 -20.86 -21.01
N ASN C 136 64.24 -20.56 -19.77
CA ASN C 136 63.70 -21.31 -18.65
C ASN C 136 62.20 -21.04 -18.52
N ALA C 137 61.53 -21.91 -17.79
CA ALA C 137 60.09 -21.80 -17.61
C ALA C 137 59.79 -21.13 -16.29
N ALA C 138 58.63 -20.46 -16.24
CA ALA C 138 58.18 -19.83 -15.02
C ALA C 138 56.67 -19.67 -15.09
N THR C 139 56.07 -19.47 -13.92
CA THR C 139 54.62 -19.35 -13.85
C THR C 139 54.17 -18.02 -14.43
N ARG C 140 53.10 -18.08 -15.22
CA ARG C 140 52.41 -16.87 -15.71
C ARG C 140 53.37 -15.93 -16.45
N THR C 141 54.28 -16.51 -17.22
CA THR C 141 55.15 -15.73 -18.09
C THR C 141 55.02 -16.25 -19.52
N SER C 142 55.18 -15.35 -20.47
CA SER C 142 55.01 -15.71 -21.87
C SER C 142 56.28 -16.34 -22.42
N ARG C 143 56.17 -16.91 -23.61
CA ARG C 143 57.31 -17.58 -24.23
C ARG C 143 58.44 -16.59 -24.48
N GLY C 144 59.64 -16.97 -24.06
CA GLY C 144 60.81 -16.16 -24.29
C GLY C 144 61.91 -16.99 -24.92
N TRP C 145 62.92 -16.31 -25.44
CA TRP C 145 64.00 -17.00 -26.12
C TRP C 145 65.29 -16.21 -25.99
N HIS C 146 66.37 -16.87 -25.60
CA HIS C 146 67.65 -16.21 -25.46
C HIS C 146 68.74 -17.11 -26.00
N THR C 147 69.87 -16.50 -26.36
CA THR C 147 70.96 -17.22 -26.99
C THR C 147 72.12 -17.50 -26.04
N THR C 148 72.11 -16.94 -24.85
CA THR C 148 73.17 -17.19 -23.88
C THR C 148 72.58 -17.13 -22.48
N ASP C 149 73.25 -17.82 -21.55
CA ASP C 149 72.81 -17.80 -20.16
C ASP C 149 73.97 -17.71 -19.18
N LEU C 150 75.19 -17.45 -19.63
CA LEU C 150 76.34 -17.29 -18.74
C LEU C 150 77.04 -16.00 -19.10
N LYS C 151 76.86 -14.98 -18.28
CA LYS C 151 77.49 -13.69 -18.54
C LYS C 151 79.00 -13.86 -18.56
N TYR C 152 79.60 -13.58 -19.70
CA TYR C 152 81.04 -13.73 -19.84
C TYR C 152 81.76 -12.68 -18.99
N ASN C 153 82.80 -13.10 -18.30
CA ASN C 153 83.60 -12.23 -17.47
C ASN C 153 85.07 -12.49 -17.75
N PRO C 154 85.92 -11.48 -17.61
CA PRO C 154 87.32 -11.63 -18.03
C PRO C 154 88.04 -12.68 -17.21
N SER C 155 89.00 -13.33 -17.84
CA SER C 155 89.83 -14.31 -17.15
C SER C 155 90.70 -13.64 -16.11
N ARG C 156 91.05 -14.39 -15.07
CA ARG C 156 91.82 -13.81 -13.98
C ARG C 156 93.20 -13.39 -14.45
N VAL C 157 93.60 -12.18 -14.07
CA VAL C 157 94.93 -11.64 -14.33
C VAL C 157 95.34 -11.01 -13.01
N GLU C 158 96.46 -10.29 -12.97
CA GLU C 158 96.91 -9.60 -11.78
C GLU C 158 96.15 -8.30 -11.58
N ALA C 159 96.70 -7.40 -10.75
CA ALA C 159 95.97 -6.23 -10.27
C ALA C 159 95.28 -5.43 -11.37
N PHE C 160 95.63 -5.66 -12.63
CA PHE C 160 94.96 -4.97 -13.73
C PHE C 160 93.46 -5.16 -13.67
N HIS C 161 92.72 -4.08 -13.84
CA HIS C 161 91.31 -4.20 -14.17
C HIS C 161 91.17 -4.82 -15.56
N ARG C 162 90.11 -5.58 -15.76
CA ARG C 162 89.85 -6.18 -17.05
C ARG C 162 88.38 -6.04 -17.39
N TYR C 163 88.10 -5.86 -18.66
CA TYR C 163 86.76 -5.59 -19.15
C TYR C 163 86.20 -6.80 -19.88
N GLY C 164 84.94 -7.11 -19.61
CA GLY C 164 84.30 -8.22 -20.26
C GLY C 164 82.94 -7.85 -20.78
N THR C 165 82.74 -8.03 -22.08
CA THR C 165 81.47 -7.75 -22.72
C THR C 165 80.56 -8.97 -22.61
N THR C 166 79.28 -8.78 -22.87
CA THR C 166 78.37 -9.91 -22.98
C THR C 166 77.11 -9.50 -23.72
N VAL C 167 76.86 -10.11 -24.86
CA VAL C 167 75.71 -9.78 -25.69
C VAL C 167 74.77 -10.96 -25.66
N ASN C 168 73.55 -10.74 -25.19
CA ASN C 168 72.55 -11.79 -25.11
C ASN C 168 71.36 -11.36 -25.94
N CYS C 169 71.16 -12.02 -27.08
CA CYS C 169 70.00 -11.74 -27.91
C CYS C 169 68.75 -12.34 -27.27
N ILE C 170 67.67 -11.58 -27.24
CA ILE C 170 66.47 -11.98 -26.55
C ILE C 170 65.27 -11.63 -27.40
N VAL C 171 64.31 -12.56 -27.48
CA VAL C 171 63.05 -12.37 -28.18
C VAL C 171 61.94 -12.80 -27.24
N GLU C 172 61.01 -11.90 -26.96
CA GLU C 172 59.90 -12.23 -26.08
C GLU C 172 58.58 -11.89 -26.75
N GLU C 173 57.54 -12.61 -26.36
CA GLU C 173 56.18 -12.28 -26.71
C GLU C 173 55.55 -11.55 -25.54
N VAL C 174 54.91 -10.42 -25.81
CA VAL C 174 54.43 -9.54 -24.75
C VAL C 174 53.01 -9.09 -25.09
N ASP C 175 52.15 -9.04 -24.08
CA ASP C 175 50.89 -8.35 -24.24
C ASP C 175 51.16 -6.86 -24.39
N ALA C 176 50.35 -6.20 -25.20
CA ALA C 176 50.46 -4.76 -25.38
C ALA C 176 49.08 -4.15 -25.20
N ARG C 177 49.07 -2.93 -24.65
CA ARG C 177 47.81 -2.30 -24.31
C ARG C 177 47.83 -0.84 -24.73
N SER C 178 46.69 -0.34 -25.18
CA SER C 178 46.55 1.06 -25.52
C SER C 178 45.22 1.59 -25.02
N VAL C 179 45.14 2.91 -24.86
CA VAL C 179 43.94 3.55 -24.34
C VAL C 179 43.59 4.72 -25.24
N TYR C 180 42.31 5.09 -25.24
CA TYR C 180 41.83 6.14 -26.11
C TYR C 180 42.59 7.43 -25.86
N PRO C 181 42.94 8.19 -26.91
CA PRO C 181 42.59 8.01 -28.31
C PRO C 181 43.53 7.09 -29.09
N TYR C 182 44.15 6.15 -28.40
CA TYR C 182 45.07 5.22 -29.02
C TYR C 182 46.18 5.96 -29.74
N ASP C 183 46.81 6.90 -29.02
CA ASP C 183 47.92 7.66 -29.54
C ASP C 183 49.27 7.00 -29.28
N GLU C 184 49.36 6.16 -28.26
CA GLU C 184 50.58 5.42 -27.99
C GLU C 184 50.20 4.22 -27.14
N PHE C 185 51.07 3.22 -27.13
CA PHE C 185 50.75 1.97 -26.48
C PHE C 185 51.93 1.51 -25.64
N VAL C 186 51.68 0.47 -24.85
CA VAL C 186 52.61 0.06 -23.80
C VAL C 186 52.79 -1.45 -23.86
N LEU C 187 53.90 -1.91 -23.34
CA LEU C 187 54.17 -3.34 -23.23
C LEU C 187 54.17 -3.74 -21.77
N ALA C 188 53.99 -5.03 -21.51
CA ALA C 188 53.99 -5.51 -20.15
C ALA C 188 55.35 -5.35 -19.49
N THR C 189 56.42 -5.23 -20.26
CA THR C 189 57.73 -5.00 -19.68
C THR C 189 57.82 -3.63 -19.01
N GLY C 190 56.90 -2.74 -19.33
CA GLY C 190 56.89 -1.39 -18.80
C GLY C 190 57.42 -0.35 -19.76
N ASP C 191 58.10 -0.77 -20.81
CA ASP C 191 58.60 0.18 -21.79
C ASP C 191 57.45 0.76 -22.58
N PHE C 192 57.70 1.89 -23.23
CA PHE C 192 56.66 2.51 -24.04
C PHE C 192 57.05 2.56 -25.51
N VAL C 193 56.05 2.83 -26.33
CA VAL C 193 56.26 3.06 -27.75
C VAL C 193 55.36 4.22 -28.16
N TYR C 194 55.95 5.31 -28.61
CA TYR C 194 55.22 6.56 -28.80
C TYR C 194 54.68 6.67 -30.22
N MET C 195 53.83 5.72 -30.59
CA MET C 195 53.16 5.78 -31.87
C MET C 195 51.90 4.95 -31.79
N SER C 196 50.89 5.36 -32.53
CA SER C 196 49.62 4.67 -32.45
C SER C 196 49.77 3.24 -32.92
N PRO C 197 49.03 2.30 -32.31
CA PRO C 197 49.13 0.91 -32.74
C PRO C 197 48.68 0.69 -34.15
N PHE C 198 47.89 1.61 -34.71
CA PHE C 198 47.31 1.47 -36.02
C PHE C 198 48.01 2.28 -37.09
N TYR C 199 49.10 2.94 -36.77
CA TYR C 199 49.84 3.68 -37.78
C TYR C 199 50.32 2.72 -38.86
N GLY C 200 50.30 3.18 -40.10
CA GLY C 200 50.73 2.35 -41.20
C GLY C 200 50.70 3.13 -42.49
N TYR C 201 51.32 2.55 -43.51
CA TYR C 201 51.33 3.18 -44.82
C TYR C 201 49.99 3.03 -45.52
N ARG C 202 49.36 1.87 -45.39
CA ARG C 202 48.16 1.56 -46.14
C ARG C 202 46.96 2.34 -45.63
N GLU C 203 46.01 2.59 -46.53
CA GLU C 203 44.67 3.07 -46.18
C GLU C 203 44.72 4.43 -45.50
N GLY C 204 45.73 5.23 -45.82
CA GLY C 204 45.84 6.53 -45.20
C GLY C 204 46.14 6.48 -43.72
N SER C 205 46.60 5.33 -43.21
CA SER C 205 46.89 5.21 -41.80
C SER C 205 47.97 6.18 -41.36
N HIS C 206 48.75 6.70 -42.30
CA HIS C 206 49.78 7.68 -41.97
C HIS C 206 49.17 8.94 -41.38
N THR C 207 47.84 9.01 -41.37
CA THR C 207 47.19 10.08 -40.62
C THR C 207 47.41 9.92 -39.12
N GLU C 208 47.54 8.68 -38.64
CA GLU C 208 47.65 8.41 -37.22
C GLU C 208 48.95 8.99 -36.66
N HIS C 209 49.06 8.96 -35.33
CA HIS C 209 50.14 9.64 -34.64
C HIS C 209 51.36 8.76 -34.53
N THR C 210 52.49 9.28 -34.97
CA THR C 210 53.78 8.73 -34.63
C THR C 210 54.64 9.87 -34.10
N THR C 211 55.54 9.52 -33.18
CA THR C 211 56.43 10.50 -32.61
C THR C 211 57.86 10.29 -33.06
N TYR C 212 58.20 9.12 -33.56
CA TYR C 212 59.54 8.84 -34.05
C TYR C 212 59.66 9.23 -35.51
N ALA C 213 60.90 9.32 -35.98
CA ALA C 213 61.18 9.70 -37.36
C ALA C 213 60.62 8.69 -38.33
N ALA C 214 60.74 8.97 -39.63
CA ALA C 214 60.13 8.10 -40.62
C ALA C 214 60.88 6.78 -40.77
N ASP C 215 62.20 6.82 -40.67
CA ASP C 215 62.98 5.62 -40.95
C ASP C 215 62.79 4.54 -39.90
N ARG C 216 62.56 4.94 -38.64
CA ARG C 216 62.52 3.96 -37.56
C ARG C 216 61.37 2.99 -37.71
N PHE C 217 60.34 3.33 -38.48
CA PHE C 217 59.18 2.49 -38.65
C PHE C 217 59.22 1.81 -40.01
N LYS C 218 58.80 0.56 -40.07
CA LYS C 218 58.80 -0.15 -41.34
C LYS C 218 57.69 -1.18 -41.36
N GLN C 219 56.94 -1.21 -42.46
CA GLN C 219 55.82 -2.13 -42.63
C GLN C 219 56.19 -3.16 -43.68
N VAL C 220 56.05 -4.43 -43.33
CA VAL C 220 56.37 -5.54 -44.22
C VAL C 220 55.07 -6.21 -44.63
N ASP C 221 54.91 -6.45 -45.92
CA ASP C 221 53.75 -7.12 -46.47
C ASP C 221 54.05 -8.60 -46.70
N GLY C 222 53.02 -9.43 -46.57
CA GLY C 222 53.18 -10.85 -46.80
C GLY C 222 54.20 -11.50 -45.89
N PHE C 223 54.16 -11.16 -44.60
CA PHE C 223 55.10 -11.72 -43.65
C PHE C 223 54.66 -13.11 -43.22
N TYR C 224 55.62 -14.03 -43.19
CA TYR C 224 55.39 -15.39 -42.71
C TYR C 224 56.21 -15.59 -41.45
N ALA C 225 55.57 -16.08 -40.40
CA ALA C 225 56.15 -16.09 -39.06
C ALA C 225 56.41 -17.53 -38.61
N ARG C 226 57.63 -18.02 -38.82
CA ARG C 226 58.01 -19.32 -38.30
C ARG C 226 58.33 -19.18 -36.83
N ASP C 227 57.63 -19.94 -35.98
CA ASP C 227 57.93 -19.93 -34.56
C ASP C 227 59.37 -20.39 -34.33
N LEU C 228 59.91 -20.01 -33.18
CA LEU C 228 61.29 -20.31 -32.83
C LEU C 228 61.23 -21.26 -31.64
N THR C 229 61.10 -22.55 -31.94
CA THR C 229 60.89 -23.54 -30.91
C THR C 229 62.05 -24.53 -30.86
N ALA C 236 49.84 -18.41 -43.28
CA ALA C 236 49.07 -17.32 -43.87
C ALA C 236 49.89 -16.03 -43.90
N PRO C 237 49.77 -15.27 -44.98
CA PRO C 237 50.45 -13.98 -45.05
C PRO C 237 49.92 -13.02 -44.01
N THR C 238 50.82 -12.18 -43.51
CA THR C 238 50.47 -11.16 -42.54
C THR C 238 51.25 -9.89 -42.84
N THR C 239 50.75 -8.77 -42.34
CA THR C 239 51.41 -7.48 -42.46
C THR C 239 51.94 -7.08 -41.10
N ARG C 240 53.22 -6.70 -41.03
CA ARG C 240 53.87 -6.46 -39.76
C ARG C 240 54.37 -5.03 -39.67
N ASN C 241 54.05 -4.36 -38.56
CA ASN C 241 54.70 -3.11 -38.18
C ASN C 241 55.92 -3.45 -37.35
N LEU C 242 57.06 -2.86 -37.72
CA LEU C 242 58.31 -3.07 -37.02
C LEU C 242 58.86 -1.70 -36.66
N LEU C 243 59.10 -1.47 -35.37
CA LEU C 243 59.60 -0.20 -34.89
C LEU C 243 60.86 -0.44 -34.07
N THR C 244 61.82 0.46 -34.18
CA THR C 244 63.08 0.34 -33.45
C THR C 244 63.31 1.58 -32.58
N THR C 245 62.74 1.55 -31.39
CA THR C 245 63.00 2.57 -30.40
C THR C 245 64.42 2.39 -29.85
N PRO C 246 64.98 3.41 -29.19
CA PRO C 246 66.40 3.34 -28.80
C PRO C 246 66.72 2.25 -27.80
N LYS C 247 65.74 1.41 -27.45
CA LYS C 247 65.95 0.36 -26.47
C LYS C 247 65.67 -1.04 -26.99
N PHE C 248 64.81 -1.20 -27.99
CA PHE C 248 64.46 -2.53 -28.45
C PHE C 248 63.91 -2.43 -29.87
N THR C 249 63.25 -3.48 -30.32
CA THR C 249 62.51 -3.47 -31.57
C THR C 249 61.18 -4.18 -31.34
N VAL C 250 60.10 -3.46 -31.48
CA VAL C 250 58.78 -4.03 -31.25
C VAL C 250 58.14 -4.35 -32.58
N ALA C 251 57.37 -5.42 -32.60
CA ALA C 251 56.71 -5.86 -33.83
C ALA C 251 55.30 -6.27 -33.53
N TRP C 252 54.36 -5.89 -34.38
CA TRP C 252 52.99 -6.32 -34.18
C TRP C 252 52.22 -6.31 -35.49
N ASP C 253 51.17 -7.11 -35.54
CA ASP C 253 50.41 -7.32 -36.77
C ASP C 253 49.53 -6.11 -37.04
N TRP C 254 49.76 -5.46 -38.17
CA TRP C 254 48.99 -4.27 -38.51
C TRP C 254 47.55 -4.63 -38.83
N VAL C 255 46.62 -3.85 -38.29
CA VAL C 255 45.20 -4.01 -38.59
C VAL C 255 44.56 -2.64 -38.73
N PRO C 256 43.48 -2.55 -39.50
CA PRO C 256 42.77 -1.28 -39.60
C PRO C 256 42.15 -0.88 -38.27
N LYS C 257 42.07 0.43 -38.06
CA LYS C 257 41.68 0.95 -36.76
C LYS C 257 40.20 0.77 -36.51
N ARG C 258 39.37 1.40 -37.34
CA ARG C 258 37.94 1.46 -37.07
C ARG C 258 37.28 0.12 -36.79
N PRO C 259 37.60 -0.97 -37.49
CA PRO C 259 36.98 -2.25 -37.13
C PRO C 259 37.61 -2.95 -35.94
N SER C 260 38.71 -2.43 -35.39
CA SER C 260 39.42 -3.14 -34.33
C SER C 260 39.12 -2.61 -32.93
N VAL C 261 38.72 -1.35 -32.79
CA VAL C 261 38.42 -0.81 -31.47
C VAL C 261 36.98 -0.34 -31.41
N CYS C 262 36.57 0.12 -30.23
CA CYS C 262 35.20 0.54 -30.01
C CYS C 262 35.16 1.24 -28.66
N THR C 263 34.48 2.39 -28.60
CA THR C 263 34.29 3.08 -27.33
C THR C 263 33.00 2.66 -26.65
N MET C 264 32.51 1.46 -26.95
CA MET C 264 31.33 0.93 -26.31
C MET C 264 31.49 -0.57 -26.18
N THR C 265 30.96 -1.12 -25.11
CA THR C 265 31.06 -2.54 -24.83
C THR C 265 29.66 -3.10 -24.62
N LYS C 266 29.36 -4.21 -25.30
CA LYS C 266 28.11 -4.89 -25.02
C LYS C 266 28.09 -5.27 -23.55
N TRP C 267 27.19 -4.65 -22.79
CA TRP C 267 27.15 -4.92 -21.36
C TRP C 267 26.07 -5.91 -20.98
N GLN C 268 24.87 -5.79 -21.52
CA GLN C 268 23.83 -6.74 -21.19
C GLN C 268 22.98 -7.04 -22.41
N GLU C 269 22.42 -8.24 -22.45
CA GLU C 269 21.46 -8.63 -23.47
C GLU C 269 20.15 -8.95 -22.76
N VAL C 270 19.08 -8.27 -23.16
CA VAL C 270 17.78 -8.43 -22.54
C VAL C 270 16.85 -9.01 -23.58
N ASP C 271 16.29 -10.19 -23.26
CA ASP C 271 15.35 -10.84 -24.16
C ASP C 271 14.13 -9.96 -24.37
N GLU C 272 13.56 -9.45 -23.29
CA GLU C 272 12.39 -8.59 -23.36
C GLU C 272 12.62 -7.38 -22.49
N MET C 273 12.70 -6.21 -23.10
CA MET C 273 12.67 -4.94 -22.39
C MET C 273 11.52 -4.12 -22.96
N LEU C 274 10.62 -3.72 -22.09
CA LEU C 274 9.42 -3.01 -22.51
C LEU C 274 9.74 -1.53 -22.66
N ARG C 275 9.38 -0.97 -23.82
CA ARG C 275 9.47 0.45 -24.06
C ARG C 275 8.10 1.08 -23.89
N SER C 276 8.04 2.20 -23.18
CA SER C 276 6.81 2.95 -23.06
C SER C 276 7.12 4.44 -23.12
N GLU C 277 6.12 5.21 -23.49
CA GLU C 277 6.25 6.66 -23.56
C GLU C 277 5.57 7.30 -22.35
N TYR C 278 6.22 8.29 -21.76
CA TYR C 278 5.70 8.92 -20.56
C TYR C 278 6.34 10.28 -20.38
N GLY C 279 5.52 11.30 -20.24
CA GLY C 279 6.00 12.63 -19.94
C GLY C 279 7.01 13.17 -20.91
N GLY C 280 7.00 12.70 -22.15
CA GLY C 280 7.97 13.13 -23.13
C GLY C 280 9.27 12.36 -23.14
N SER C 281 9.30 11.15 -22.60
CA SER C 281 10.52 10.36 -22.64
C SER C 281 10.17 8.88 -22.64
N PHE C 282 11.11 8.08 -23.12
CA PHE C 282 10.94 6.64 -23.14
C PHE C 282 11.46 6.00 -21.86
N ARG C 283 10.66 5.11 -21.31
CA ARG C 283 11.08 4.22 -20.25
C ARG C 283 11.34 2.85 -20.85
N PHE C 284 12.55 2.33 -20.69
CA PHE C 284 12.89 0.97 -21.07
C PHE C 284 13.08 0.18 -19.79
N SER C 285 12.14 -0.73 -19.50
CA SER C 285 12.14 -1.45 -18.24
C SER C 285 12.31 -2.94 -18.50
N SER C 286 13.16 -3.58 -17.69
CA SER C 286 13.43 -5.01 -17.82
C SER C 286 13.32 -5.67 -16.46
N ASP C 287 12.54 -6.76 -16.39
CA ASP C 287 12.46 -7.57 -15.19
C ASP C 287 13.52 -8.66 -15.14
N ALA C 288 14.23 -8.90 -16.23
CA ALA C 288 15.33 -9.85 -16.19
C ALA C 288 16.46 -9.34 -15.30
N ILE C 289 16.63 -8.02 -15.22
CA ILE C 289 17.64 -7.42 -14.37
C ILE C 289 17.06 -6.39 -13.42
N SER C 290 15.75 -6.15 -13.45
CA SER C 290 15.08 -5.20 -12.58
C SER C 290 15.69 -3.81 -12.75
N THR C 291 15.52 -3.27 -13.94
CA THR C 291 16.18 -2.01 -14.28
C THR C 291 15.34 -1.20 -15.25
N THR C 292 15.24 0.10 -14.98
CA THR C 292 14.43 1.02 -15.78
C THR C 292 15.29 2.19 -16.23
N PHE C 293 15.67 2.21 -17.50
CA PHE C 293 16.37 3.35 -18.06
C PHE C 293 15.38 4.36 -18.63
N THR C 294 15.81 5.61 -18.69
CA THR C 294 15.02 6.70 -19.24
C THR C 294 15.81 7.38 -20.35
N THR C 295 15.15 7.62 -21.49
CA THR C 295 15.83 8.18 -22.65
C THR C 295 14.99 9.27 -23.28
N ASN C 296 15.66 10.13 -24.04
CA ASN C 296 14.97 11.15 -24.82
C ASN C 296 14.15 10.48 -25.93
N LEU C 297 13.10 11.18 -26.36
CA LEU C 297 12.20 10.61 -27.36
C LEU C 297 12.91 10.36 -28.68
N THR C 298 13.72 11.32 -29.13
CA THR C 298 14.43 11.15 -30.38
C THR C 298 15.55 10.14 -30.23
N GLU C 299 15.97 9.57 -31.36
CA GLU C 299 17.00 8.54 -31.33
C GLU C 299 18.36 9.18 -31.09
N TYR C 300 19.40 8.34 -31.16
CA TYR C 300 20.78 8.81 -31.01
C TYR C 300 21.55 8.26 -32.21
N PRO C 301 21.88 9.10 -33.18
CA PRO C 301 22.57 8.61 -34.38
C PRO C 301 23.96 8.11 -34.03
N LEU C 302 24.28 6.89 -34.49
CA LEU C 302 25.57 6.31 -34.20
C LEU C 302 26.72 7.14 -34.78
N SER C 303 26.45 7.95 -35.81
CA SER C 303 27.49 8.76 -36.41
C SER C 303 28.11 9.70 -35.39
N ARG C 304 27.35 10.08 -34.36
CA ARG C 304 27.88 10.96 -33.33
C ARG C 304 28.84 10.24 -32.38
N VAL C 305 28.77 8.92 -32.30
CA VAL C 305 29.61 8.17 -31.38
C VAL C 305 31.00 8.03 -31.97
N ASP C 306 32.00 8.45 -31.22
CA ASP C 306 33.38 8.32 -31.67
C ASP C 306 33.77 6.85 -31.70
N LEU C 307 34.38 6.42 -32.80
CA LEU C 307 34.93 5.08 -32.96
C LEU C 307 33.86 3.99 -32.80
N GLY C 308 32.59 4.35 -32.90
CA GLY C 308 31.54 3.39 -32.68
C GLY C 308 31.19 2.58 -33.92
N ASP C 309 32.07 1.68 -34.30
CA ASP C 309 31.81 0.81 -35.45
C ASP C 309 31.43 -0.60 -35.06
N CYS C 310 31.72 -1.02 -33.82
CA CYS C 310 31.34 -2.34 -33.37
C CYS C 310 29.89 -2.41 -32.93
N ILE C 311 29.26 -1.26 -32.69
CA ILE C 311 27.94 -1.25 -32.08
C ILE C 311 26.92 -1.90 -33.00
N GLY C 312 26.93 -1.51 -34.28
CA GLY C 312 25.97 -2.08 -35.20
C GLY C 312 26.11 -3.59 -35.33
N LYS C 313 27.35 -4.06 -35.50
CA LYS C 313 27.59 -5.48 -35.66
C LYS C 313 27.15 -6.26 -34.42
N ASP C 314 27.59 -5.82 -33.24
CA ASP C 314 27.26 -6.53 -32.02
C ASP C 314 25.76 -6.55 -31.79
N ALA C 315 25.10 -5.40 -31.97
CA ALA C 315 23.67 -5.34 -31.75
C ALA C 315 22.93 -6.27 -32.72
N ARG C 316 23.28 -6.23 -33.99
CA ARG C 316 22.57 -7.06 -34.96
C ARG C 316 22.79 -8.53 -34.67
N ASP C 317 24.02 -8.92 -34.34
CA ASP C 317 24.30 -10.31 -34.02
C ASP C 317 23.48 -10.76 -32.81
N ALA C 318 23.46 -9.95 -31.75
CA ALA C 318 22.74 -10.34 -30.55
C ALA C 318 21.25 -10.43 -30.80
N MET C 319 20.67 -9.45 -31.49
CA MET C 319 19.24 -9.53 -31.78
C MET C 319 18.92 -10.74 -32.64
N ASP C 320 19.73 -11.04 -33.64
CA ASP C 320 19.45 -12.20 -34.47
C ASP C 320 19.49 -13.48 -33.65
N ARG C 321 20.52 -13.64 -32.83
CA ARG C 321 20.64 -14.86 -32.04
C ARG C 321 19.49 -15.00 -31.06
N ILE C 322 19.11 -13.90 -30.39
CA ILE C 322 18.04 -13.98 -29.41
C ILE C 322 16.70 -14.23 -30.10
N PHE C 323 16.48 -13.61 -31.25
CA PHE C 323 15.26 -13.84 -32.00
C PHE C 323 15.14 -15.29 -32.41
N ALA C 324 16.24 -15.89 -32.88
CA ALA C 324 16.21 -17.30 -33.23
C ALA C 324 15.93 -18.17 -32.02
N ARG C 325 16.58 -17.88 -30.90
CA ARG C 325 16.47 -18.76 -29.74
C ARG C 325 15.07 -18.76 -29.16
N ARG C 326 14.44 -17.59 -29.08
CA ARG C 326 13.16 -17.46 -28.37
C ARG C 326 12.00 -17.16 -29.28
N TYR C 327 12.07 -16.07 -30.04
CA TYR C 327 10.91 -15.64 -30.84
C TYR C 327 10.97 -16.20 -32.25
N ASN C 328 11.08 -17.53 -32.37
CA ASN C 328 11.20 -18.15 -33.68
C ASN C 328 9.94 -17.92 -34.50
N ALA C 329 8.77 -18.10 -33.88
CA ALA C 329 7.52 -18.00 -34.62
C ALA C 329 6.45 -17.18 -33.92
N THR C 330 6.57 -16.94 -32.63
CA THR C 330 5.51 -16.25 -31.89
C THR C 330 5.50 -14.75 -32.15
N HIS C 331 6.59 -14.19 -32.65
CA HIS C 331 6.67 -12.75 -32.86
C HIS C 331 7.46 -12.47 -34.13
N ILE C 332 7.32 -11.24 -34.63
CA ILE C 332 8.00 -10.79 -35.82
C ILE C 332 8.66 -9.45 -35.55
N LYS C 333 9.79 -9.22 -36.22
CA LYS C 333 10.48 -7.94 -36.10
C LYS C 333 9.67 -6.85 -36.76
N VAL C 334 9.88 -5.61 -36.28
CA VAL C 334 9.18 -4.44 -36.80
C VAL C 334 10.22 -3.36 -37.01
N GLY C 335 10.67 -3.19 -38.25
CA GLY C 335 11.57 -2.11 -38.57
C GLY C 335 13.01 -2.40 -38.17
N GLN C 336 13.87 -1.44 -38.48
CA GLN C 336 15.28 -1.55 -38.21
C GLN C 336 15.57 -1.35 -36.73
N PRO C 337 16.69 -1.86 -36.24
CA PRO C 337 17.09 -1.58 -34.85
C PRO C 337 17.26 -0.08 -34.63
N GLN C 338 16.90 0.35 -33.43
CA GLN C 338 16.96 1.75 -33.05
C GLN C 338 17.99 1.94 -31.94
N TYR C 339 18.42 3.18 -31.75
CA TYR C 339 19.42 3.48 -30.74
C TYR C 339 19.01 4.71 -29.94
N TYR C 340 19.02 4.59 -28.62
CA TYR C 340 18.70 5.70 -27.73
C TYR C 340 19.79 5.83 -26.69
N GLN C 341 19.86 6.99 -26.06
CA GLN C 341 20.82 7.22 -24.99
C GLN C 341 20.07 7.48 -23.68
N ALA C 342 20.47 6.77 -22.64
CA ALA C 342 19.79 6.82 -21.35
C ALA C 342 20.57 7.65 -20.36
N ASN C 343 19.88 8.08 -19.31
CA ASN C 343 20.54 8.80 -18.23
C ASN C 343 21.66 7.96 -17.65
N GLY C 344 22.80 8.57 -17.43
CA GLY C 344 23.95 7.85 -16.93
C GLY C 344 24.89 7.33 -17.99
N GLY C 345 24.54 7.44 -19.26
CA GLY C 345 25.46 7.13 -20.33
C GLY C 345 25.27 5.78 -21.00
N PHE C 346 24.31 4.99 -20.58
CA PHE C 346 24.08 3.69 -21.20
C PHE C 346 23.40 3.88 -22.55
N LEU C 347 23.95 3.26 -23.58
CA LEU C 347 23.40 3.33 -24.92
C LEU C 347 22.57 2.08 -25.18
N ILE C 348 21.29 2.26 -25.52
CA ILE C 348 20.36 1.16 -25.65
C ILE C 348 20.11 0.91 -27.13
N ALA C 349 20.38 -0.31 -27.58
CA ALA C 349 20.01 -0.75 -28.92
C ALA C 349 18.75 -1.58 -28.78
N TYR C 350 17.68 -1.13 -29.44
CA TYR C 350 16.35 -1.66 -29.19
C TYR C 350 15.74 -2.12 -30.51
N GLN C 351 15.38 -3.40 -30.59
CA GLN C 351 14.67 -3.93 -31.74
C GLN C 351 13.24 -4.22 -31.35
N PRO C 352 12.27 -3.46 -31.85
CA PRO C 352 10.88 -3.73 -31.50
C PRO C 352 10.44 -5.09 -32.01
N LEU C 353 9.46 -5.65 -31.31
CA LEU C 353 8.85 -6.92 -31.68
C LEU C 353 7.36 -6.71 -31.89
N LEU C 354 6.70 -7.73 -32.42
CA LEU C 354 5.26 -7.69 -32.55
C LEU C 354 4.70 -9.09 -32.44
N SER C 355 3.67 -9.25 -31.62
CA SER C 355 2.99 -10.54 -31.52
C SER C 355 2.28 -10.85 -32.82
N ASN C 356 2.04 -12.15 -33.06
CA ASN C 356 1.35 -12.55 -34.27
C ASN C 356 -0.06 -11.97 -34.31
N THR C 357 -0.76 -12.00 -33.19
CA THR C 357 -2.13 -11.50 -33.11
C THR C 357 -2.20 -10.01 -33.40
N VAL C 390 31.21 14.72 -33.34
CA VAL C 390 31.44 13.46 -32.64
C VAL C 390 31.76 13.74 -31.19
N GLU C 391 31.56 12.73 -30.33
CA GLU C 391 31.77 12.89 -28.91
C GLU C 391 32.01 11.53 -28.29
N ARG C 392 32.27 11.53 -26.98
CA ARG C 392 32.43 10.32 -26.20
C ARG C 392 31.45 10.35 -25.04
N ILE C 393 30.95 9.18 -24.68
CA ILE C 393 29.86 9.05 -23.71
C ILE C 393 30.43 8.56 -22.40
N LYS C 394 30.10 9.27 -21.32
CA LYS C 394 30.57 8.93 -19.98
C LYS C 394 29.51 8.14 -19.26
N THR C 395 29.89 7.00 -18.68
CA THR C 395 28.96 6.11 -18.02
C THR C 395 29.20 6.10 -16.53
N THR C 396 28.14 6.34 -15.76
CA THR C 396 28.23 6.30 -14.31
C THR C 396 28.56 4.89 -13.83
N SER C 397 29.32 4.82 -12.75
CA SER C 397 29.76 3.54 -12.22
C SER C 397 28.76 2.91 -11.26
N SER C 398 27.63 3.56 -11.02
CA SER C 398 26.60 3.04 -10.14
C SER C 398 25.29 2.95 -10.90
N ILE C 399 24.68 1.76 -10.92
CA ILE C 399 23.40 1.58 -11.57
C ILE C 399 22.25 1.62 -10.57
N GLU C 400 22.54 1.89 -9.30
CA GLU C 400 21.50 1.79 -8.30
C GLU C 400 20.40 2.81 -8.52
N PHE C 401 20.65 3.89 -9.25
CA PHE C 401 19.56 4.79 -9.60
C PHE C 401 18.55 4.07 -10.47
N ALA C 402 19.01 3.27 -11.42
CA ALA C 402 18.09 2.61 -12.33
C ALA C 402 17.29 1.53 -11.62
N ARG C 403 17.96 0.70 -10.82
CA ARG C 403 17.23 -0.33 -10.08
C ARG C 403 16.28 0.28 -9.08
N LEU C 404 16.68 1.37 -8.42
CA LEU C 404 15.78 2.07 -7.53
C LEU C 404 14.58 2.60 -8.30
N GLN C 405 14.81 3.13 -9.49
CA GLN C 405 13.71 3.61 -10.31
C GLN C 405 12.77 2.48 -10.67
N PHE C 406 13.32 1.31 -10.99
CA PHE C 406 12.48 0.17 -11.32
C PHE C 406 11.65 -0.27 -10.13
N THR C 407 12.29 -0.39 -8.96
CA THR C 407 11.57 -0.81 -7.76
C THR C 407 10.46 0.18 -7.42
N TYR C 408 10.79 1.47 -7.42
CA TYR C 408 9.79 2.47 -7.08
C TYR C 408 8.69 2.50 -8.12
N ASN C 409 9.03 2.35 -9.39
CA ASN C 409 8.00 2.37 -10.41
C ASN C 409 7.06 1.18 -10.27
N HIS C 410 7.61 0.00 -10.01
CA HIS C 410 6.77 -1.17 -9.82
C HIS C 410 5.83 -0.98 -8.64
N ILE C 411 6.38 -0.54 -7.51
CA ILE C 411 5.55 -0.36 -6.33
C ILE C 411 4.51 0.72 -6.57
N GLN C 412 4.92 1.84 -7.17
CA GLN C 412 3.99 2.91 -7.42
C GLN C 412 2.86 2.46 -8.32
N ARG C 413 3.19 1.77 -9.40
CA ARG C 413 2.16 1.31 -10.33
C ARG C 413 1.19 0.38 -9.63
N HIS C 414 1.70 -0.58 -8.88
CA HIS C 414 0.80 -1.55 -8.28
C HIS C 414 -0.05 -0.93 -7.19
N VAL C 415 0.56 -0.13 -6.30
CA VAL C 415 -0.21 0.48 -5.23
C VAL C 415 -1.24 1.44 -5.81
N ASN C 416 -0.86 2.21 -6.84
CA ASN C 416 -1.81 3.12 -7.45
C ASN C 416 -2.97 2.36 -8.08
N ASP C 417 -2.68 1.24 -8.73
CA ASP C 417 -3.75 0.44 -9.32
C ASP C 417 -4.70 -0.06 -8.24
N MET C 418 -4.16 -0.64 -7.18
CA MET C 418 -5.02 -1.21 -6.14
C MET C 418 -5.82 -0.13 -5.44
N LEU C 419 -5.20 1.02 -5.17
CA LEU C 419 -5.92 2.10 -4.51
C LEU C 419 -6.98 2.70 -5.41
N GLY C 420 -6.71 2.78 -6.71
CA GLY C 420 -7.75 3.20 -7.63
C GLY C 420 -8.94 2.27 -7.61
N ARG C 421 -8.67 0.96 -7.57
CA ARG C 421 -9.76 0.00 -7.47
C ARG C 421 -10.52 0.17 -6.17
N VAL C 422 -9.81 0.40 -5.07
CA VAL C 422 -10.48 0.58 -3.78
C VAL C 422 -11.35 1.82 -3.81
N ALA C 423 -10.83 2.91 -4.36
CA ALA C 423 -11.61 4.15 -4.42
C ALA C 423 -12.84 3.98 -5.29
N ILE C 424 -12.71 3.33 -6.43
CA ILE C 424 -13.85 3.12 -7.31
C ILE C 424 -14.88 2.24 -6.64
N ALA C 425 -14.43 1.19 -5.96
CA ALA C 425 -15.36 0.33 -5.24
C ALA C 425 -16.08 1.09 -4.13
N TRP C 426 -15.36 1.95 -3.42
CA TRP C 426 -15.98 2.74 -2.36
C TRP C 426 -17.04 3.67 -2.93
N CYS C 427 -16.70 4.35 -4.01
CA CYS C 427 -17.67 5.19 -4.71
C CYS C 427 -18.91 4.41 -5.10
N GLU C 428 -18.73 3.25 -5.73
CA GLU C 428 -19.88 2.48 -6.15
C GLU C 428 -20.68 2.01 -4.96
N LEU C 429 -20.02 1.66 -3.86
CA LEU C 429 -20.74 1.23 -2.67
C LEU C 429 -21.61 2.35 -2.11
N GLN C 430 -21.09 3.58 -2.09
CA GLN C 430 -21.92 4.67 -1.60
C GLN C 430 -23.09 4.96 -2.53
N ASN C 431 -22.81 5.05 -3.84
CA ASN C 431 -23.89 5.26 -4.79
C ASN C 431 -24.91 4.13 -4.72
N HIS C 432 -24.49 2.98 -4.24
CA HIS C 432 -25.32 1.79 -4.17
C HIS C 432 -26.16 1.77 -2.90
N GLU C 433 -25.61 2.24 -1.79
CA GLU C 433 -26.33 2.29 -0.53
C GLU C 433 -27.19 3.53 -0.37
N LEU C 434 -27.09 4.47 -1.31
CA LEU C 434 -28.05 5.56 -1.29
C LEU C 434 -29.48 5.02 -1.32
N THR C 435 -29.69 3.87 -1.94
CA THR C 435 -31.04 3.30 -1.97
C THR C 435 -31.49 2.85 -0.59
N LEU C 436 -30.62 2.16 0.15
CA LEU C 436 -30.96 1.78 1.51
C LEU C 436 -31.23 3.01 2.35
N TRP C 437 -30.45 4.08 2.14
CA TRP C 437 -30.69 5.28 2.92
C TRP C 437 -32.01 5.93 2.54
N ASN C 438 -32.38 5.89 1.26
CA ASN C 438 -33.68 6.41 0.86
C ASN C 438 -34.81 5.65 1.53
N GLU C 439 -34.69 4.33 1.60
CA GLU C 439 -35.80 3.53 2.08
C GLU C 439 -35.74 3.26 3.57
N ALA C 440 -34.71 3.77 4.26
CA ALA C 440 -34.70 3.73 5.71
C ALA C 440 -35.27 5.00 6.30
N ARG C 441 -35.03 6.14 5.65
CA ARG C 441 -35.56 7.39 6.15
C ARG C 441 -37.08 7.41 6.16
N LYS C 442 -37.72 6.54 5.39
CA LYS C 442 -39.17 6.48 5.41
C LYS C 442 -39.71 5.72 6.62
N LEU C 443 -38.86 5.01 7.35
CA LEU C 443 -39.31 4.26 8.52
C LEU C 443 -39.41 5.16 9.75
N ASN C 444 -38.30 5.81 10.12
CA ASN C 444 -38.31 6.81 11.17
C ASN C 444 -37.31 7.91 10.80
N PRO C 445 -37.80 9.03 10.29
CA PRO C 445 -36.87 10.06 9.82
C PRO C 445 -35.97 10.62 10.91
N ASN C 446 -36.32 10.46 12.18
CA ASN C 446 -35.55 11.09 13.26
C ASN C 446 -34.11 10.61 13.25
N ALA C 447 -33.93 9.29 13.29
CA ALA C 447 -32.58 8.75 13.41
C ALA C 447 -31.74 9.05 12.19
N ILE C 448 -32.32 8.86 11.00
CA ILE C 448 -31.58 9.10 9.77
C ILE C 448 -31.19 10.57 9.66
N ALA C 449 -32.14 11.46 9.93
CA ALA C 449 -31.84 12.88 9.83
C ALA C 449 -30.79 13.30 10.84
N SER C 450 -30.86 12.77 12.06
CA SER C 450 -29.88 13.14 13.08
C SER C 450 -28.50 12.64 12.71
N VAL C 451 -28.39 11.39 12.29
CA VAL C 451 -27.08 10.86 11.94
C VAL C 451 -26.56 11.47 10.65
N THR C 452 -27.43 12.05 9.84
CA THR C 452 -26.97 12.63 8.59
C THR C 452 -26.53 14.08 8.74
N VAL C 453 -27.38 14.90 9.37
CA VAL C 453 -27.05 16.32 9.53
C VAL C 453 -25.82 16.48 10.41
N GLY C 454 -25.77 15.76 11.52
CA GLY C 454 -24.66 15.85 12.44
C GLY C 454 -25.14 16.17 13.85
N ARG C 455 -26.15 17.01 13.95
CA ARG C 455 -26.75 17.34 15.24
C ARG C 455 -27.72 16.24 15.63
N ARG C 456 -28.54 16.50 16.64
CA ARG C 456 -29.60 15.60 17.07
C ARG C 456 -30.89 16.33 16.79
N VAL C 457 -31.42 16.14 15.58
CA VAL C 457 -32.56 16.91 15.10
C VAL C 457 -33.80 16.03 15.06
N SER C 458 -34.94 16.67 14.95
CA SER C 458 -36.22 16.00 14.74
C SER C 458 -36.73 16.33 13.36
N ALA C 459 -37.13 15.32 12.61
CA ALA C 459 -37.47 15.52 11.21
C ALA C 459 -38.74 14.77 10.87
N ARG C 460 -39.38 15.23 9.80
CA ARG C 460 -40.45 14.47 9.18
C ARG C 460 -40.30 14.63 7.67
N MET C 461 -41.11 13.87 6.94
CA MET C 461 -41.01 13.86 5.49
C MET C 461 -42.18 14.60 4.88
N LEU C 462 -41.88 15.53 3.98
CA LEU C 462 -42.87 16.34 3.28
C LEU C 462 -43.06 15.86 1.85
N GLY C 463 -43.10 14.55 1.63
CA GLY C 463 -43.09 14.05 0.28
C GLY C 463 -41.74 13.48 -0.07
N ASP C 464 -40.93 14.23 -0.81
CA ASP C 464 -39.60 13.77 -1.18
C ASP C 464 -38.49 14.56 -0.51
N VAL C 465 -38.80 15.32 0.54
CA VAL C 465 -37.79 16.05 1.28
C VAL C 465 -38.04 15.89 2.77
N MET C 466 -37.02 16.21 3.56
CA MET C 466 -37.08 16.14 5.01
C MET C 466 -37.11 17.54 5.59
N ALA C 467 -38.07 17.79 6.46
CA ALA C 467 -38.13 19.03 7.22
C ALA C 467 -37.61 18.75 8.62
N VAL C 468 -36.65 19.56 9.06
CA VAL C 468 -35.91 19.31 10.28
C VAL C 468 -36.14 20.44 11.28
N SER C 469 -35.74 20.19 12.52
CA SER C 469 -35.76 21.18 13.59
C SER C 469 -34.89 20.71 14.74
N THR C 470 -34.02 21.57 15.24
CA THR C 470 -33.06 21.16 16.26
C THR C 470 -33.78 20.79 17.55
N CYS C 471 -33.24 19.78 18.24
CA CYS C 471 -33.79 19.30 19.50
C CYS C 471 -33.04 19.91 20.67
N VAL C 472 -33.77 20.29 21.71
CA VAL C 472 -33.22 20.97 22.88
C VAL C 472 -32.77 19.96 23.92
N PRO C 473 -31.53 20.06 24.40
CA PRO C 473 -31.05 19.09 25.40
C PRO C 473 -31.72 19.30 26.75
N VAL C 474 -31.76 18.22 27.53
CA VAL C 474 -32.30 18.20 28.88
C VAL C 474 -31.33 17.43 29.76
N ALA C 475 -31.01 18.01 30.91
CA ALA C 475 -30.03 17.42 31.81
C ALA C 475 -30.52 16.07 32.35
N ALA C 476 -29.58 15.15 32.53
CA ALA C 476 -29.94 13.78 32.89
C ALA C 476 -30.66 13.73 34.23
N ASP C 477 -30.18 14.48 35.22
CA ASP C 477 -30.68 14.34 36.58
C ASP C 477 -32.09 14.87 36.75
N ASN C 478 -32.66 15.56 35.76
CA ASN C 478 -33.98 16.16 35.88
C ASN C 478 -35.07 15.31 35.24
N VAL C 479 -34.98 13.98 35.29
CA VAL C 479 -36.07 13.11 34.80
C VAL C 479 -36.59 12.18 35.89
N ILE C 480 -37.88 11.89 35.83
CA ILE C 480 -38.58 10.95 36.70
C ILE C 480 -39.29 9.94 35.81
N VAL C 481 -39.09 8.65 36.05
CA VAL C 481 -39.87 7.59 35.39
C VAL C 481 -41.00 7.20 36.30
N GLN C 482 -42.24 7.30 35.84
CA GLN C 482 -43.40 6.90 36.65
C GLN C 482 -43.43 5.36 36.79
N ASN C 483 -43.89 4.83 37.92
CA ASN C 483 -43.70 3.42 38.21
C ASN C 483 -44.54 2.52 37.31
N SER C 484 -45.82 2.84 37.13
CA SER C 484 -46.77 1.99 36.39
C SER C 484 -46.99 2.50 34.97
N MET C 485 -47.03 1.57 34.00
CA MET C 485 -47.35 1.88 32.60
C MET C 485 -48.84 1.70 32.28
N ARG C 486 -49.65 1.22 33.23
CA ARG C 486 -51.09 0.95 33.01
C ARG C 486 -51.90 2.25 32.98
N ILE C 487 -53.12 2.20 32.45
CA ILE C 487 -54.04 3.34 32.40
C ILE C 487 -55.45 2.93 32.82
N SER C 488 -55.88 3.34 34.02
CA SER C 488 -57.12 2.88 34.67
C SER C 488 -58.39 3.12 33.85
N SER C 489 -58.48 4.27 33.16
CA SER C 489 -59.62 4.63 32.32
C SER C 489 -59.71 3.82 31.02
N ARG C 490 -58.69 3.03 30.67
CA ARG C 490 -58.66 2.16 29.48
C ARG C 490 -58.23 0.73 29.86
N PRO C 491 -59.12 -0.08 30.47
CA PRO C 491 -58.82 -1.46 30.82
C PRO C 491 -58.31 -2.27 29.63
N GLY C 492 -57.32 -3.12 29.85
CA GLY C 492 -56.70 -3.93 28.80
C GLY C 492 -55.77 -3.17 27.83
N ALA C 493 -55.58 -1.86 28.02
CA ALA C 493 -54.64 -1.04 27.27
C ALA C 493 -53.62 -0.38 28.20
N CYS C 494 -52.39 -0.21 27.72
CA CYS C 494 -51.27 0.27 28.52
C CYS C 494 -50.32 1.10 27.65
N TYR C 495 -49.55 2.01 28.24
CA TYR C 495 -48.51 2.73 27.52
C TYR C 495 -47.37 1.77 27.12
N SER C 496 -47.01 1.72 25.84
CA SER C 496 -46.04 0.75 25.30
C SER C 496 -44.57 1.10 25.56
N ARG C 497 -44.29 2.34 25.98
CA ARG C 497 -43.00 2.84 26.46
C ARG C 497 -43.20 3.72 27.70
N PRO C 498 -42.22 3.86 28.61
CA PRO C 498 -42.44 4.42 29.94
C PRO C 498 -42.98 5.85 29.93
N LEU C 499 -43.90 6.16 30.85
CA LEU C 499 -44.27 7.53 31.13
C LEU C 499 -43.15 8.23 31.91
N VAL C 500 -42.84 9.47 31.54
CA VAL C 500 -41.80 10.25 32.19
C VAL C 500 -42.27 11.67 32.48
N SER C 501 -41.59 12.31 33.42
CA SER C 501 -41.78 13.71 33.78
C SER C 501 -40.42 14.37 33.97
N PHE C 502 -40.31 15.65 33.62
CA PHE C 502 -39.02 16.33 33.48
C PHE C 502 -39.15 17.85 33.63
N ARG C 503 -38.04 18.58 33.70
CA ARG C 503 -38.04 20.04 33.75
C ARG C 503 -36.90 20.56 32.88
N TYR C 504 -37.21 21.53 32.02
CA TYR C 504 -36.22 22.00 31.06
C TYR C 504 -35.03 22.63 31.75
N GLU C 505 -35.27 23.59 32.62
CA GLU C 505 -34.23 24.21 33.42
C GLU C 505 -34.06 23.43 34.71
N ASP C 506 -32.92 23.64 35.38
CA ASP C 506 -32.64 22.89 36.58
C ASP C 506 -33.71 23.09 37.64
N GLN C 507 -34.44 24.20 37.61
CA GLN C 507 -35.51 24.42 38.57
C GLN C 507 -36.75 25.03 37.93
N GLY C 508 -37.10 24.61 36.72
CA GLY C 508 -38.38 24.98 36.14
C GLY C 508 -39.50 24.10 36.65
N PRO C 509 -40.67 24.24 36.03
CA PRO C 509 -41.82 23.42 36.44
C PRO C 509 -41.66 21.99 36.00
N LEU C 510 -42.54 21.10 36.45
CA LEU C 510 -42.52 19.71 36.05
C LEU C 510 -43.54 19.47 34.94
N VAL C 511 -43.07 18.96 33.81
CA VAL C 511 -43.85 18.65 32.60
C VAL C 511 -43.86 17.16 32.33
N GLU C 512 -45.00 16.64 31.90
CA GLU C 512 -45.17 15.26 31.48
C GLU C 512 -44.69 15.04 30.05
N GLY C 513 -44.21 13.82 29.76
CA GLY C 513 -43.95 13.32 28.43
C GLY C 513 -43.99 11.79 28.39
N GLN C 514 -43.45 11.21 27.32
CA GLN C 514 -43.25 9.77 27.17
C GLN C 514 -41.87 9.47 26.58
N LEU C 515 -41.21 8.43 27.10
CA LEU C 515 -39.85 8.06 26.71
C LEU C 515 -39.87 7.36 25.34
N GLY C 516 -39.39 8.05 24.32
CA GLY C 516 -39.15 7.51 22.99
C GLY C 516 -37.87 6.67 22.92
N GLU C 517 -37.42 6.39 21.71
CA GLU C 517 -36.14 5.74 21.45
C GLU C 517 -34.97 6.69 21.74
N ASN C 518 -33.79 6.15 22.03
CA ASN C 518 -32.54 6.90 22.07
C ASN C 518 -32.63 8.24 22.83
N ASN C 519 -33.13 8.17 24.08
CA ASN C 519 -33.28 9.29 25.01
C ASN C 519 -34.24 10.42 24.57
N GLU C 520 -35.01 10.26 23.51
CA GLU C 520 -35.91 11.31 23.03
C GLU C 520 -37.18 11.31 23.85
N LEU C 521 -37.65 12.48 24.30
CA LEU C 521 -38.92 12.61 25.02
C LEU C 521 -39.99 13.16 24.08
N ARG C 522 -40.99 12.34 23.74
CA ARG C 522 -42.19 12.85 23.07
C ARG C 522 -43.00 13.64 24.07
N LEU C 523 -43.67 14.69 23.62
CA LEU C 523 -44.50 15.50 24.48
C LEU C 523 -45.92 14.96 24.60
N THR C 524 -46.25 13.90 23.89
CA THR C 524 -47.62 13.43 23.81
C THR C 524 -47.70 12.02 24.38
N ARG C 525 -48.64 11.77 25.30
CA ARG C 525 -48.87 10.43 25.87
C ARG C 525 -49.90 9.65 25.05
N ASP C 526 -49.47 9.11 23.91
CA ASP C 526 -50.36 8.41 22.96
C ASP C 526 -49.88 7.03 22.48
N ALA C 527 -48.66 6.59 22.77
CA ALA C 527 -48.13 5.31 22.28
C ALA C 527 -48.66 4.12 23.09
N ILE C 528 -49.97 3.94 23.11
CA ILE C 528 -50.68 2.86 23.82
C ILE C 528 -50.63 1.57 22.99
N GLU C 529 -50.51 0.43 23.67
CA GLU C 529 -50.74 -0.91 23.11
C GLU C 529 -51.86 -1.62 23.89
N PRO C 530 -52.62 -2.53 23.26
CA PRO C 530 -53.42 -3.50 24.00
C PRO C 530 -52.48 -4.45 24.73
N CYS C 531 -52.47 -4.39 26.06
CA CYS C 531 -51.47 -5.07 26.88
C CYS C 531 -51.83 -6.51 27.21
N THR C 532 -50.81 -7.39 27.29
CA THR C 532 -51.05 -8.81 27.49
C THR C 532 -50.17 -9.43 28.57
N VAL C 533 -50.16 -10.76 28.60
CA VAL C 533 -49.45 -11.52 29.62
C VAL C 533 -48.04 -11.78 29.15
N GLY C 534 -47.13 -12.00 30.10
CA GLY C 534 -45.74 -12.27 29.78
C GLY C 534 -44.94 -11.04 29.43
N HIS C 535 -45.53 -9.85 29.52
CA HIS C 535 -44.89 -8.57 29.20
C HIS C 535 -43.62 -8.36 30.03
N ARG C 536 -42.52 -8.06 29.35
CA ARG C 536 -41.29 -7.68 30.02
C ARG C 536 -40.45 -6.93 29.01
N ARG C 537 -40.11 -5.67 29.29
CA ARG C 537 -39.35 -4.89 28.30
C ARG C 537 -38.21 -4.11 28.94
N TYR C 538 -37.11 -4.04 28.19
CA TYR C 538 -36.00 -3.15 28.53
C TYR C 538 -36.16 -1.88 27.71
N PHE C 539 -35.86 -0.72 28.26
CA PHE C 539 -35.90 0.53 27.51
C PHE C 539 -34.61 1.30 27.76
N THR C 540 -34.05 1.92 26.73
CA THR C 540 -32.85 2.74 26.90
C THR C 540 -33.21 3.99 27.69
N PHE C 541 -32.40 4.31 28.70
CA PHE C 541 -32.69 5.38 29.64
C PHE C 541 -31.39 5.91 30.26
N GLY C 542 -31.08 7.18 30.05
CA GLY C 542 -29.80 7.73 30.47
C GLY C 542 -28.70 7.03 29.70
N GLY C 543 -27.77 6.44 30.43
CA GLY C 543 -26.70 5.68 29.81
C GLY C 543 -26.91 4.18 29.91
N GLY C 544 -27.97 3.76 30.60
CA GLY C 544 -28.24 2.36 30.83
C GLY C 544 -29.64 1.99 30.35
N TYR C 545 -30.22 0.99 31.02
CA TYR C 545 -31.54 0.51 30.67
C TYR C 545 -32.42 0.51 31.91
N VAL C 546 -33.72 0.60 31.68
CA VAL C 546 -34.76 0.47 32.69
C VAL C 546 -35.60 -0.75 32.33
N TYR C 547 -35.86 -1.64 33.29
CA TYR C 547 -36.49 -2.92 33.02
C TYR C 547 -37.83 -2.97 33.72
N PHE C 548 -38.89 -3.17 32.93
CA PHE C 548 -40.27 -3.28 33.34
C PHE C 548 -40.77 -4.72 33.20
N GLU C 549 -41.59 -5.17 34.14
CA GLU C 549 -42.28 -6.46 34.07
C GLU C 549 -43.75 -6.26 34.32
N GLU C 550 -44.58 -6.80 33.43
CA GLU C 550 -46.02 -6.78 33.60
C GLU C 550 -46.54 -5.37 33.87
N TYR C 551 -46.04 -4.41 33.08
CA TYR C 551 -46.42 -3.00 33.14
C TYR C 551 -46.15 -2.33 34.50
N ALA C 552 -45.08 -2.75 35.18
CA ALA C 552 -44.68 -2.22 36.48
C ALA C 552 -43.17 -2.10 36.49
N TYR C 553 -42.67 -0.93 36.88
CA TYR C 553 -41.24 -0.70 36.93
C TYR C 553 -40.58 -1.74 37.83
N SER C 554 -39.51 -2.35 37.34
CA SER C 554 -38.79 -3.35 38.11
C SER C 554 -37.44 -2.84 38.59
N HIS C 555 -36.54 -2.45 37.69
CA HIS C 555 -35.28 -1.87 38.18
C HIS C 555 -34.43 -1.39 37.02
N GLN C 556 -33.38 -0.64 37.36
CA GLN C 556 -32.45 -0.15 36.36
C GLN C 556 -31.29 -1.12 36.21
N LEU C 557 -30.56 -0.95 35.10
CA LEU C 557 -29.45 -1.80 34.74
C LEU C 557 -28.42 -0.97 34.01
N SER C 558 -27.16 -1.38 34.08
CA SER C 558 -26.13 -0.73 33.30
C SER C 558 -25.98 -1.44 31.97
N ARG C 559 -25.27 -0.78 31.05
CA ARG C 559 -25.02 -1.40 29.74
C ARG C 559 -24.19 -2.66 29.86
N ALA C 560 -23.33 -2.75 30.88
CA ALA C 560 -22.43 -3.88 30.98
C ALA C 560 -23.16 -5.18 31.34
N ASP C 561 -24.37 -5.09 31.90
CA ASP C 561 -25.07 -6.27 32.38
C ASP C 561 -25.74 -7.04 31.27
N ILE C 562 -25.48 -6.71 30.01
CA ILE C 562 -26.11 -7.38 28.88
C ILE C 562 -25.04 -7.75 27.87
N THR C 563 -25.04 -9.00 27.42
CA THR C 563 -24.05 -9.45 26.45
C THR C 563 -24.22 -8.68 25.15
N THR C 564 -23.09 -8.22 24.59
CA THR C 564 -23.11 -7.31 23.46
C THR C 564 -22.63 -8.03 22.21
N VAL C 565 -23.55 -8.27 21.28
CA VAL C 565 -23.19 -8.73 19.95
C VAL C 565 -22.72 -7.53 19.16
N SER C 566 -22.09 -7.75 18.02
CA SER C 566 -21.50 -6.68 17.24
C SER C 566 -21.95 -6.77 15.80
N THR C 567 -22.41 -5.64 15.25
CA THR C 567 -22.73 -5.53 13.83
C THR C 567 -21.57 -4.91 13.05
N PHE C 568 -20.36 -5.04 13.57
CA PHE C 568 -19.20 -4.36 13.00
C PHE C 568 -18.29 -5.38 12.33
N ILE C 569 -17.73 -5.00 11.20
CA ILE C 569 -16.76 -5.81 10.49
C ILE C 569 -15.38 -5.31 10.87
N ASP C 570 -14.61 -6.14 11.56
CA ASP C 570 -13.31 -5.73 12.04
C ASP C 570 -12.35 -5.50 10.88
N LEU C 571 -11.49 -4.50 11.04
CA LEU C 571 -10.44 -4.20 10.06
C LEU C 571 -9.22 -3.77 10.86
N ASN C 572 -8.33 -4.73 11.14
CA ASN C 572 -7.17 -4.48 11.99
C ASN C 572 -6.01 -4.03 11.11
N ILE C 573 -6.09 -2.79 10.65
CA ILE C 573 -5.06 -2.22 9.79
C ILE C 573 -3.92 -1.71 10.66
N THR C 574 -2.74 -2.31 10.51
CA THR C 574 -1.56 -1.79 11.19
C THR C 574 -0.83 -0.85 10.24
N MET C 575 0.38 -0.45 10.61
CA MET C 575 1.12 0.55 9.86
C MET C 575 2.50 0.01 9.53
N LEU C 576 3.05 0.48 8.41
CA LEU C 576 4.44 0.18 8.09
C LEU C 576 5.34 0.64 9.22
N GLU C 577 5.99 -0.29 9.90
CA GLU C 577 6.85 0.10 11.00
C GLU C 577 8.01 0.94 10.50
N ASP C 578 8.51 1.80 11.37
CA ASP C 578 9.71 2.55 11.06
C ASP C 578 10.87 1.61 10.83
N HIS C 579 11.69 1.91 9.84
CA HIS C 579 12.90 1.14 9.65
C HIS C 579 14.05 2.08 9.33
N GLU C 580 15.24 1.72 9.81
CA GLU C 580 16.42 2.56 9.66
C GLU C 580 17.50 1.76 8.96
N PHE C 581 18.12 2.37 7.95
CA PHE C 581 19.17 1.73 7.18
C PHE C 581 20.52 2.26 7.62
N VAL C 582 21.46 1.36 7.90
CA VAL C 582 22.79 1.75 8.31
C VAL C 582 23.70 1.62 7.10
N PRO C 583 24.77 2.41 7.00
CA PRO C 583 25.68 2.25 5.86
C PRO C 583 26.26 0.84 5.85
N LEU C 584 26.46 0.33 4.65
CA LEU C 584 26.94 -1.05 4.51
C LEU C 584 27.75 -1.15 3.23
N GLU C 585 28.98 -1.62 3.36
CA GLU C 585 29.87 -1.80 2.22
C GLU C 585 30.43 -3.21 2.28
N VAL C 586 30.41 -3.90 1.14
CA VAL C 586 31.10 -5.19 1.08
C VAL C 586 32.58 -4.98 1.26
N TYR C 587 33.14 -3.97 0.58
CA TYR C 587 34.56 -3.67 0.66
C TYR C 587 34.72 -2.16 0.80
N THR C 588 35.13 -1.70 1.97
CA THR C 588 35.43 -0.30 2.15
C THR C 588 36.59 0.09 1.25
N ARG C 589 36.55 1.32 0.72
CA ARG C 589 37.54 1.71 -0.27
C ARG C 589 38.96 1.63 0.27
N HIS C 590 39.13 1.65 1.60
CA HIS C 590 40.45 1.37 2.15
C HIS C 590 40.88 -0.07 1.85
N GLU C 591 39.98 -1.03 1.98
CA GLU C 591 40.33 -2.41 1.63
C GLU C 591 40.64 -2.53 0.15
N ILE C 592 39.81 -1.91 -0.70
CA ILE C 592 40.04 -1.98 -2.14
C ILE C 592 41.39 -1.41 -2.48
N LYS C 593 41.77 -0.32 -1.82
CA LYS C 593 43.13 0.19 -1.99
C LYS C 593 44.15 -0.82 -1.50
N ASP C 594 43.87 -1.48 -0.38
CA ASP C 594 44.84 -2.36 0.26
C ASP C 594 45.01 -3.68 -0.47
N SER C 595 43.97 -4.15 -1.18
CA SER C 595 44.08 -5.42 -1.88
C SER C 595 45.16 -5.42 -2.91
N GLY C 596 45.60 -4.25 -3.37
CA GLY C 596 46.77 -4.17 -4.21
C GLY C 596 47.95 -4.76 -3.49
N LEU C 597 48.64 -5.70 -4.15
CA LEU C 597 49.76 -6.37 -3.51
C LEU C 597 50.91 -5.40 -3.23
N LEU C 598 51.26 -4.58 -4.19
CA LEU C 598 52.27 -3.54 -4.01
C LEU C 598 51.65 -2.18 -4.26
N ASP C 599 52.41 -1.13 -3.99
CA ASP C 599 51.91 0.24 -4.05
C ASP C 599 53.05 1.16 -4.45
N TYR C 600 52.89 1.82 -5.60
CA TYR C 600 53.96 2.68 -6.10
C TYR C 600 54.27 3.79 -5.11
N THR C 601 53.23 4.39 -4.52
CA THR C 601 53.44 5.46 -3.55
C THR C 601 54.29 4.98 -2.39
N GLU C 602 53.89 3.88 -1.75
CA GLU C 602 54.60 3.41 -0.57
C GLU C 602 56.02 2.98 -0.92
N VAL C 603 56.19 2.29 -2.04
CA VAL C 603 57.51 1.82 -2.41
C VAL C 603 58.43 3.01 -2.66
N GLN C 604 57.94 4.03 -3.36
CA GLN C 604 58.78 5.20 -3.63
C GLN C 604 59.04 6.00 -2.36
N ARG C 605 58.05 6.07 -1.47
CA ARG C 605 58.24 6.76 -0.20
C ARG C 605 59.26 6.06 0.66
N ARG C 606 59.41 4.75 0.50
CA ARG C 606 60.38 4.03 1.31
C ARG C 606 61.75 3.96 0.67
N ASN C 607 61.83 3.94 -0.65
CA ASN C 607 63.11 3.77 -1.32
C ASN C 607 63.83 5.08 -1.59
N GLN C 608 63.23 6.22 -1.26
CA GLN C 608 63.93 7.49 -1.31
C GLN C 608 64.26 8.04 0.07
N LEU C 609 63.62 7.51 1.11
CA LEU C 609 64.07 7.72 2.47
C LEU C 609 65.34 6.97 2.77
N HIS C 610 65.86 6.21 1.81
CA HIS C 610 67.03 5.38 2.07
C HIS C 610 68.23 6.22 2.44
N ASP C 611 68.48 7.30 1.69
CA ASP C 611 69.68 8.09 1.95
C ASP C 611 69.63 8.75 3.31
N LEU C 612 68.50 9.36 3.65
CA LEU C 612 68.38 9.99 4.96
C LEU C 612 68.59 9.00 6.08
N ARG C 613 67.90 7.86 6.03
CA ARG C 613 67.96 6.91 7.12
C ARG C 613 69.34 6.28 7.24
N PHE C 614 69.88 5.79 6.13
CA PHE C 614 71.06 4.94 6.18
C PHE C 614 72.32 5.64 5.70
N ALA C 615 72.34 6.96 5.70
CA ALA C 615 73.54 7.69 5.31
C ALA C 615 73.40 9.14 5.76
N ASP C 616 74.50 9.87 5.66
CA ASP C 616 74.52 11.30 5.87
C ASP C 616 74.54 11.98 4.51
N ILE C 617 73.57 12.87 4.28
CA ILE C 617 73.47 13.57 3.01
C ILE C 617 74.04 14.96 3.06
N ASP C 618 74.59 15.37 4.20
CA ASP C 618 75.09 16.73 4.36
C ASP C 618 76.59 16.82 4.60
N THR C 619 77.15 15.89 5.37
CA THR C 619 78.54 15.99 5.80
C THR C 619 79.46 15.87 4.59
N VAL C 620 80.00 16.99 4.15
CA VAL C 620 80.95 16.98 3.03
C VAL C 620 82.34 16.71 3.56
N ILE C 621 83.13 15.98 2.78
CA ILE C 621 84.49 15.61 3.16
C ILE C 621 85.45 16.20 2.14
N HIS C 622 86.62 16.58 2.61
CA HIS C 622 87.64 17.18 1.75
C HIS C 622 89.01 16.57 2.06
N VAL D 2 -32.69 -46.76 36.07
CA VAL D 2 -33.62 -45.82 35.50
C VAL D 2 -34.94 -45.85 36.26
N GLN D 3 -35.40 -44.69 36.69
CA GLN D 3 -36.67 -44.59 37.40
C GLN D 3 -37.21 -43.17 37.25
N LEU D 4 -38.52 -43.04 37.40
CA LEU D 4 -39.20 -41.75 37.42
C LEU D 4 -40.07 -41.68 38.65
N GLN D 5 -39.80 -40.72 39.51
CA GLN D 5 -40.54 -40.55 40.76
C GLN D 5 -41.63 -39.51 40.58
N GLN D 6 -42.85 -39.86 40.99
CA GLN D 6 -44.02 -39.00 40.96
C GLN D 6 -44.70 -39.00 42.32
N PRO D 7 -45.42 -37.94 42.65
CA PRO D 7 -46.35 -38.02 43.78
C PRO D 7 -47.40 -39.09 43.51
N GLY D 8 -47.79 -39.81 44.56
CA GLY D 8 -48.81 -40.82 44.39
C GLY D 8 -50.14 -40.23 43.98
N ALA D 9 -50.52 -39.11 44.58
CA ALA D 9 -51.80 -38.48 44.29
C ALA D 9 -51.73 -37.02 44.70
N GLU D 10 -52.65 -36.24 44.15
CA GLU D 10 -52.80 -34.83 44.50
C GLU D 10 -54.27 -34.57 44.79
N LEU D 11 -54.58 -34.24 46.04
CA LEU D 11 -55.95 -33.95 46.46
C LEU D 11 -56.11 -32.43 46.45
N VAL D 12 -56.40 -31.89 45.27
CA VAL D 12 -56.44 -30.46 45.03
C VAL D 12 -57.83 -30.09 44.53
N LYS D 13 -58.35 -28.97 45.04
CA LYS D 13 -59.73 -28.59 44.75
C LYS D 13 -59.90 -28.30 43.26
N PRO D 14 -61.05 -28.64 42.68
CA PRO D 14 -61.31 -28.27 41.29
C PRO D 14 -61.39 -26.76 41.12
N GLY D 15 -61.09 -26.30 39.92
CA GLY D 15 -61.02 -24.87 39.69
C GLY D 15 -59.59 -24.38 39.52
N ALA D 16 -59.04 -23.80 40.58
CA ALA D 16 -57.69 -23.24 40.53
C ALA D 16 -56.67 -24.31 40.11
N SER D 17 -55.69 -23.86 39.33
CA SER D 17 -54.74 -24.75 38.68
C SER D 17 -53.86 -25.47 39.71
N VAL D 18 -53.10 -26.45 39.20
CA VAL D 18 -52.28 -27.32 40.05
C VAL D 18 -50.94 -27.56 39.35
N LYS D 19 -49.99 -28.13 40.11
CA LYS D 19 -48.67 -28.45 39.61
C LYS D 19 -48.39 -29.94 39.82
N LEU D 20 -47.61 -30.50 38.91
CA LEU D 20 -47.21 -31.91 38.95
C LEU D 20 -45.76 -32.02 38.53
N SER D 21 -45.06 -33.01 39.07
CA SER D 21 -43.63 -33.15 38.84
C SER D 21 -43.25 -34.61 38.64
N CYS D 22 -42.10 -34.81 38.00
CA CYS D 22 -41.45 -36.11 37.86
C CYS D 22 -39.95 -35.91 38.00
N LYS D 23 -39.32 -36.76 38.81
CA LYS D 23 -37.88 -36.74 38.99
C LYS D 23 -37.27 -37.91 38.24
N ALA D 24 -36.28 -37.63 37.40
CA ALA D 24 -35.64 -38.66 36.60
C ALA D 24 -34.46 -39.26 37.37
N SER D 25 -34.14 -40.51 37.03
CA SER D 25 -33.01 -41.17 37.66
C SER D 25 -32.50 -42.28 36.76
N GLY D 26 -31.21 -42.58 36.90
CA GLY D 26 -30.58 -43.65 36.14
C GLY D 26 -29.97 -43.19 34.83
N TYR D 27 -30.82 -42.79 33.88
CA TYR D 27 -30.37 -42.37 32.57
C TYR D 27 -29.91 -40.92 32.60
N THR D 28 -29.58 -40.38 31.43
CA THR D 28 -29.24 -38.97 31.28
C THR D 28 -30.52 -38.20 30.97
N PHE D 29 -30.95 -37.37 31.92
CA PHE D 29 -32.24 -36.71 31.77
C PHE D 29 -32.27 -35.78 30.56
N THR D 30 -31.13 -35.22 30.18
CA THR D 30 -31.09 -34.24 29.11
C THR D 30 -31.23 -34.85 27.72
N SER D 31 -30.72 -36.07 27.51
CA SER D 31 -30.56 -36.63 26.18
C SER D 31 -31.66 -37.60 25.80
N TYR D 32 -32.88 -37.40 26.29
CA TYR D 32 -33.99 -38.25 25.91
C TYR D 32 -35.30 -37.48 26.03
N TRP D 33 -36.20 -37.74 25.08
CA TRP D 33 -37.50 -37.08 25.10
C TRP D 33 -38.28 -37.52 26.33
N ILE D 34 -39.21 -36.68 26.74
CA ILE D 34 -40.11 -37.01 27.85
C ILE D 34 -41.53 -36.78 27.37
N HIS D 35 -42.33 -37.83 27.39
CA HIS D 35 -43.73 -37.71 27.01
C HIS D 35 -44.61 -37.84 28.24
N TRP D 36 -45.86 -37.43 28.08
CA TRP D 36 -46.82 -37.43 29.17
C TRP D 36 -48.15 -37.92 28.63
N VAL D 37 -48.79 -38.82 29.39
CA VAL D 37 -50.01 -39.50 28.97
C VAL D 37 -51.02 -39.45 30.09
N LYS D 38 -52.26 -39.09 29.77
CA LYS D 38 -53.34 -39.01 30.73
C LYS D 38 -54.30 -40.17 30.54
N GLN D 39 -54.79 -40.74 31.65
CA GLN D 39 -55.78 -41.80 31.58
C GLN D 39 -56.64 -41.77 32.84
N GLY D 40 -57.95 -41.72 32.65
CA GLY D 40 -58.86 -41.79 33.78
C GLY D 40 -58.91 -43.18 34.36
N PRO D 41 -59.92 -43.46 35.18
CA PRO D 41 -60.07 -44.80 35.76
C PRO D 41 -60.69 -45.75 34.75
N GLY D 42 -59.87 -46.65 34.21
CA GLY D 42 -60.33 -47.63 33.25
C GLY D 42 -60.46 -47.14 31.83
N GLN D 43 -60.15 -45.88 31.55
CA GLN D 43 -60.28 -45.35 30.21
C GLN D 43 -59.11 -45.80 29.33
N GLY D 44 -59.27 -45.59 28.03
CA GLY D 44 -58.15 -45.78 27.12
C GLY D 44 -57.17 -44.63 27.25
N LEU D 45 -55.94 -44.95 27.65
CA LEU D 45 -54.96 -43.91 27.96
C LEU D 45 -54.71 -43.03 26.75
N GLU D 46 -54.61 -41.73 27.00
CA GLU D 46 -54.48 -40.72 25.96
C GLU D 46 -53.19 -39.94 26.16
N TRP D 47 -52.39 -39.83 25.10
CA TRP D 47 -51.14 -39.10 25.15
C TRP D 47 -51.41 -37.61 25.24
N ILE D 48 -50.93 -36.98 26.32
CA ILE D 48 -51.26 -35.58 26.54
C ILE D 48 -50.20 -34.63 26.01
N GLY D 49 -48.96 -35.07 25.84
CA GLY D 49 -47.98 -34.20 25.24
C GLY D 49 -46.60 -34.79 25.26
N MET D 50 -45.65 -34.00 24.76
CA MET D 50 -44.25 -34.40 24.79
C MET D 50 -43.37 -33.16 24.83
N ILE D 51 -42.13 -33.37 25.27
CA ILE D 51 -41.22 -32.26 25.53
C ILE D 51 -39.79 -32.77 25.44
N HIS D 52 -38.93 -31.97 24.82
CA HIS D 52 -37.50 -32.24 24.84
C HIS D 52 -36.88 -31.49 26.00
N PRO D 53 -36.39 -32.16 27.03
CA PRO D 53 -35.75 -31.45 28.14
C PRO D 53 -34.53 -30.65 27.72
N ASN D 54 -33.73 -31.17 26.79
CA ASN D 54 -32.50 -30.48 26.40
C ASN D 54 -32.80 -29.13 25.77
N SER D 55 -33.80 -29.06 24.90
CA SER D 55 -34.12 -27.85 24.18
C SER D 55 -35.28 -27.07 24.77
N GLY D 56 -36.26 -27.76 25.34
CA GLY D 56 -37.46 -27.10 25.81
C GLY D 56 -38.56 -26.96 24.79
N ILE D 57 -38.41 -27.56 23.61
CA ILE D 57 -39.46 -27.48 22.60
C ILE D 57 -40.62 -28.36 23.01
N THR D 58 -41.80 -27.77 23.15
CA THR D 58 -42.98 -28.51 23.56
C THR D 58 -43.76 -29.00 22.35
N HIS D 59 -44.60 -30.00 22.57
CA HIS D 59 -45.57 -30.41 21.58
C HIS D 59 -46.80 -30.93 22.31
N TYR D 60 -47.89 -30.22 22.18
CA TYR D 60 -49.10 -30.50 22.92
C TYR D 60 -50.09 -31.22 22.03
N ASN D 61 -50.75 -32.23 22.59
CA ASN D 61 -51.91 -32.78 21.91
C ASN D 61 -52.89 -31.64 21.64
N GLU D 62 -53.56 -31.71 20.49
CA GLU D 62 -54.32 -30.55 20.01
C GLU D 62 -55.36 -30.09 21.02
N LYS D 63 -55.81 -30.97 21.90
CA LYS D 63 -56.73 -30.57 22.95
C LYS D 63 -56.05 -30.29 24.29
N PHE D 64 -54.75 -29.98 24.28
CA PHE D 64 -54.04 -29.72 25.51
C PHE D 64 -53.05 -28.56 25.39
N LYS D 65 -53.37 -27.53 24.61
CA LYS D 65 -52.58 -26.32 24.72
C LYS D 65 -52.82 -25.63 26.06
N THR D 66 -54.08 -25.45 26.44
CA THR D 66 -54.41 -24.65 27.61
C THR D 66 -54.73 -25.52 28.83
N LYS D 67 -55.18 -26.75 28.62
CA LYS D 67 -55.44 -27.63 29.75
C LYS D 67 -54.17 -27.89 30.55
N ALA D 68 -53.04 -28.01 29.86
CA ALA D 68 -51.76 -28.29 30.50
C ALA D 68 -50.69 -27.40 29.90
N THR D 69 -49.55 -27.34 30.59
CA THR D 69 -48.39 -26.60 30.10
C THR D 69 -47.13 -27.26 30.61
N LEU D 70 -46.27 -27.68 29.71
CA LEU D 70 -45.09 -28.44 30.10
C LEU D 70 -44.01 -27.50 30.62
N THR D 71 -43.04 -28.09 31.32
CA THR D 71 -41.88 -27.35 31.80
C THR D 71 -40.79 -28.36 32.11
N VAL D 72 -39.54 -27.91 32.05
CA VAL D 72 -38.40 -28.78 32.38
C VAL D 72 -37.40 -27.99 33.20
N ASP D 73 -36.97 -28.56 34.32
CA ASP D 73 -35.83 -28.08 35.08
C ASP D 73 -34.68 -29.07 34.89
N LYS D 74 -33.67 -28.67 34.13
CA LYS D 74 -32.51 -29.53 33.93
C LYS D 74 -31.73 -29.72 35.23
N SER D 75 -31.77 -28.72 36.10
CA SER D 75 -30.92 -28.74 37.30
C SER D 75 -31.23 -29.94 38.18
N SER D 76 -32.51 -30.23 38.39
CA SER D 76 -32.92 -31.32 39.25
C SER D 76 -33.45 -32.52 38.46
N SER D 77 -33.15 -32.58 37.16
CA SER D 77 -33.60 -33.67 36.29
C SER D 77 -35.11 -33.83 36.39
N THR D 78 -35.81 -32.71 36.44
CA THR D 78 -37.23 -32.70 36.77
C THR D 78 -38.06 -32.22 35.59
N ALA D 79 -39.17 -32.90 35.37
CA ALA D 79 -40.17 -32.48 34.40
C ALA D 79 -41.42 -32.05 35.14
N TYR D 80 -42.10 -31.04 34.62
CA TYR D 80 -43.23 -30.43 35.30
C TYR D 80 -44.39 -30.30 34.36
N MET D 81 -45.59 -30.48 34.89
CA MET D 81 -46.80 -29.96 34.26
C MET D 81 -47.45 -28.92 35.16
N GLN D 82 -47.89 -27.84 34.54
CA GLN D 82 -48.84 -26.92 35.14
C GLN D 82 -50.20 -27.21 34.54
N LEU D 83 -51.11 -27.75 35.36
CA LEU D 83 -52.44 -28.12 34.91
C LEU D 83 -53.38 -26.96 35.20
N SER D 84 -53.84 -26.29 34.15
CA SER D 84 -54.74 -25.17 34.32
C SER D 84 -56.16 -25.57 33.92
N SER D 85 -57.13 -24.88 34.52
CA SER D 85 -58.56 -25.11 34.27
C SER D 85 -58.94 -26.56 34.58
N LEU D 86 -58.79 -26.91 35.86
CA LEU D 86 -59.06 -28.27 36.31
C LEU D 86 -60.56 -28.53 36.41
N THR D 87 -60.94 -29.79 36.27
CA THR D 87 -62.29 -30.26 36.51
C THR D 87 -62.23 -31.51 37.38
N SER D 88 -63.38 -31.90 37.91
CA SER D 88 -63.44 -33.06 38.79
C SER D 88 -63.00 -34.33 38.07
N GLU D 89 -63.45 -34.51 36.83
CA GLU D 89 -63.11 -35.72 36.08
C GLU D 89 -61.63 -35.78 35.69
N ASP D 90 -60.92 -34.65 35.74
CA ASP D 90 -59.50 -34.68 35.43
C ASP D 90 -58.72 -35.52 36.42
N SER D 91 -59.30 -35.82 37.57
CA SER D 91 -58.71 -36.78 38.49
C SER D 91 -58.46 -38.08 37.72
N ALA D 92 -57.18 -38.40 37.51
CA ALA D 92 -56.80 -39.48 36.61
C ALA D 92 -55.32 -39.77 36.88
N VAL D 93 -54.86 -40.90 36.34
CA VAL D 93 -53.44 -41.23 36.43
C VAL D 93 -52.73 -40.59 35.24
N CYS D 94 -51.71 -39.79 35.55
CA CYS D 94 -50.89 -39.14 34.54
C CYS D 94 -49.48 -39.71 34.64
N TYR D 95 -48.98 -40.22 33.52
CA TYR D 95 -47.70 -40.89 33.45
C TYR D 95 -46.72 -40.04 32.67
N CYS D 96 -45.53 -39.85 33.25
CA CYS D 96 -44.40 -39.31 32.52
C CYS D 96 -43.51 -40.47 32.09
N ALA D 97 -43.11 -40.49 30.83
CA ALA D 97 -42.42 -41.63 30.24
C ALA D 97 -41.24 -41.17 29.40
N ARG D 98 -40.28 -42.06 29.22
CA ARG D 98 -39.12 -41.79 28.40
C ARG D 98 -39.13 -42.63 27.12
N GLY D 99 -38.69 -42.02 26.03
CA GLY D 99 -38.42 -42.76 24.81
C GLY D 99 -36.93 -42.80 24.53
N SER D 100 -36.51 -43.72 23.67
CA SER D 100 -35.09 -43.87 23.40
C SER D 100 -34.56 -42.71 22.57
N SER D 101 -33.28 -42.82 22.17
CA SER D 101 -32.73 -41.83 21.24
C SER D 101 -33.53 -41.84 19.95
N SER D 102 -33.89 -43.02 19.46
CA SER D 102 -35.02 -43.13 18.58
C SER D 102 -36.23 -42.46 19.21
N GLY D 103 -36.67 -41.38 18.59
CA GLY D 103 -37.85 -40.70 19.09
C GLY D 103 -39.11 -41.48 18.83
N SER D 104 -38.96 -42.77 18.50
CA SER D 104 -40.11 -43.60 18.25
C SER D 104 -41.03 -43.65 19.47
N ALA D 105 -40.48 -43.41 20.65
CA ALA D 105 -41.28 -43.23 21.86
C ALA D 105 -42.18 -44.44 22.14
N TRP D 106 -41.60 -45.63 22.05
CA TRP D 106 -42.36 -46.82 22.41
C TRP D 106 -42.51 -46.94 23.93
N PHE D 107 -41.94 -46.00 24.68
CA PHE D 107 -42.22 -45.87 26.11
C PHE D 107 -41.80 -47.10 26.92
N ALA D 108 -40.51 -47.37 26.98
CA ALA D 108 -40.02 -48.53 27.74
C ALA D 108 -40.22 -48.33 29.24
N TYR D 109 -39.58 -47.32 29.81
CA TYR D 109 -39.54 -47.14 31.26
C TYR D 109 -40.41 -45.96 31.64
N TRP D 110 -41.28 -46.16 32.63
CA TRP D 110 -42.10 -45.07 33.12
C TRP D 110 -41.83 -44.87 34.60
N GLY D 111 -42.63 -44.00 35.21
CA GLY D 111 -42.75 -43.94 36.65
C GLY D 111 -44.05 -44.55 37.12
N GLN D 112 -44.26 -44.49 38.43
CA GLN D 112 -45.52 -45.01 38.96
C GLN D 112 -46.72 -44.19 38.51
N GLY D 113 -46.51 -42.95 38.06
CA GLY D 113 -47.60 -42.12 37.61
C GLY D 113 -48.38 -41.51 38.75
N THR D 114 -48.81 -40.25 38.59
CA THR D 114 -49.53 -39.56 39.65
C THR D 114 -51.01 -39.72 39.42
N LEU D 115 -51.71 -40.31 40.38
CA LEU D 115 -53.16 -40.43 40.33
C LEU D 115 -53.73 -39.14 40.93
N VAL D 116 -53.76 -38.10 40.11
CA VAL D 116 -54.28 -36.82 40.59
C VAL D 116 -55.74 -36.98 40.95
N THR D 117 -56.12 -36.43 42.09
CA THR D 117 -57.50 -36.45 42.56
C THR D 117 -57.94 -35.00 42.68
N VAL D 118 -58.41 -34.44 41.57
CA VAL D 118 -58.86 -33.05 41.53
C VAL D 118 -60.23 -33.04 42.20
N SER D 119 -60.26 -32.72 43.49
CA SER D 119 -61.49 -32.83 44.28
C SER D 119 -61.32 -32.04 45.57
N ALA D 120 -62.44 -31.85 46.26
CA ALA D 120 -62.49 -31.17 47.54
C ALA D 120 -62.83 -32.11 48.69
N ALA D 121 -62.70 -33.42 48.48
CA ALA D 121 -63.01 -34.39 49.53
C ALA D 121 -61.97 -34.36 50.64
N VAL E 2 -48.64 -4.68 -46.22
CA VAL E 2 -49.22 -4.55 -44.89
C VAL E 2 -50.66 -5.04 -44.89
N GLN E 3 -50.97 -5.94 -43.96
CA GLN E 3 -52.32 -6.45 -43.83
C GLN E 3 -52.52 -6.96 -42.41
N LEU E 4 -53.78 -7.02 -41.99
CA LEU E 4 -54.18 -7.58 -40.71
C LEU E 4 -55.28 -8.59 -40.96
N GLN E 5 -55.03 -9.84 -40.59
CA GLN E 5 -55.99 -10.91 -40.79
C GLN E 5 -56.79 -11.16 -39.51
N GLN E 6 -58.11 -11.20 -39.65
CA GLN E 6 -59.05 -11.47 -38.58
C GLN E 6 -60.00 -12.58 -38.99
N PRO E 7 -60.56 -13.30 -38.03
CA PRO E 7 -61.72 -14.14 -38.34
C PRO E 7 -62.87 -13.28 -38.84
N GLY E 8 -63.62 -13.79 -39.80
CA GLY E 8 -64.76 -13.05 -40.30
C GLY E 8 -65.82 -12.83 -39.24
N ALA E 9 -66.10 -13.86 -38.45
CA ALA E 9 -67.12 -13.77 -37.42
C ALA E 9 -66.86 -14.84 -36.38
N GLU E 10 -67.46 -14.64 -35.21
CA GLU E 10 -67.41 -15.61 -34.12
C GLU E 10 -68.82 -15.83 -33.61
N LEU E 11 -69.34 -17.04 -33.80
CA LEU E 11 -70.69 -17.40 -33.34
C LEU E 11 -70.54 -18.11 -32.00
N VAL E 12 -70.44 -17.32 -30.95
CA VAL E 12 -70.14 -17.79 -29.60
C VAL E 12 -71.28 -17.40 -28.68
N LYS E 13 -71.68 -18.32 -27.80
CA LYS E 13 -72.84 -18.11 -26.96
C LYS E 13 -72.61 -16.94 -26.01
N PRO E 14 -73.64 -16.15 -25.72
CA PRO E 14 -73.50 -15.08 -24.72
C PRO E 14 -73.25 -15.67 -23.34
N GLY E 15 -72.58 -14.89 -22.49
CA GLY E 15 -72.18 -15.38 -21.19
C GLY E 15 -70.69 -15.63 -21.10
N ALA E 16 -70.29 -16.90 -21.24
CA ALA E 16 -68.88 -17.27 -21.13
C ALA E 16 -68.03 -16.49 -22.12
N SER E 17 -66.82 -16.14 -21.68
CA SER E 17 -65.94 -15.24 -22.42
C SER E 17 -65.49 -15.88 -23.74
N VAL E 18 -64.83 -15.06 -24.57
CA VAL E 18 -64.42 -15.45 -25.90
C VAL E 18 -63.02 -14.89 -26.19
N LYS E 19 -62.42 -15.37 -27.26
CA LYS E 19 -61.10 -14.91 -27.70
C LYS E 19 -61.17 -14.40 -29.12
N LEU E 20 -60.32 -13.42 -29.43
CA LEU E 20 -60.24 -12.83 -30.76
C LEU E 20 -58.78 -12.56 -31.07
N SER E 21 -58.42 -12.63 -32.36
CA SER E 21 -57.04 -12.51 -32.77
C SER E 21 -56.92 -11.67 -34.04
N CYS E 22 -55.72 -11.14 -34.24
CA CYS E 22 -55.32 -10.45 -35.47
C CYS E 22 -53.88 -10.84 -35.78
N LYS E 23 -53.64 -11.21 -37.04
CA LYS E 23 -52.30 -11.52 -37.52
C LYS E 23 -51.77 -10.38 -38.36
N ALA E 24 -50.58 -9.88 -38.02
CA ALA E 24 -49.99 -8.77 -38.73
C ALA E 24 -49.16 -9.26 -39.91
N SER E 25 -49.02 -8.39 -40.91
CA SER E 25 -48.23 -8.74 -42.08
C SER E 25 -47.74 -7.48 -42.77
N GLY E 26 -46.60 -7.59 -43.45
CA GLY E 26 -46.04 -6.49 -44.19
C GLY E 26 -45.07 -5.64 -43.40
N TYR E 27 -45.57 -4.92 -42.40
CA TYR E 27 -44.77 -4.03 -41.59
C TYR E 27 -44.05 -4.81 -40.49
N THR E 28 -43.36 -4.10 -39.61
CA THR E 28 -42.72 -4.69 -38.44
C THR E 28 -43.73 -4.65 -37.29
N PHE E 29 -44.20 -5.83 -36.87
CA PHE E 29 -45.26 -5.89 -35.88
C PHE E 29 -44.83 -5.29 -34.55
N THR E 30 -43.54 -5.35 -34.23
CA THR E 30 -43.07 -4.90 -32.93
C THR E 30 -43.00 -3.38 -32.80
N SER E 31 -42.71 -2.67 -33.89
CA SER E 31 -42.36 -1.26 -33.83
C SER E 31 -43.52 -0.33 -34.18
N TYR E 32 -44.75 -0.73 -33.87
CA TYR E 32 -45.90 0.14 -34.12
C TYR E 32 -47.02 -0.20 -33.15
N TRP E 33 -47.70 0.84 -32.70
CA TRP E 33 -48.82 0.66 -31.79
C TRP E 33 -49.94 -0.11 -32.47
N ILE E 34 -50.75 -0.79 -31.68
CA ILE E 34 -51.92 -1.48 -32.19
C ILE E 34 -53.12 -1.02 -31.39
N HIS E 35 -54.10 -0.44 -32.07
CA HIS E 35 -55.32 -0.02 -31.40
C HIS E 35 -56.47 -0.93 -31.80
N TRP E 36 -57.54 -0.86 -31.03
CA TRP E 36 -58.70 -1.70 -31.25
C TRP E 36 -59.94 -0.86 -31.05
N VAL E 37 -60.91 -1.00 -31.97
CA VAL E 37 -62.10 -0.17 -32.03
C VAL E 37 -63.32 -1.07 -32.19
N LYS E 38 -64.35 -0.82 -31.40
CA LYS E 38 -65.59 -1.58 -31.46
C LYS E 38 -66.69 -0.75 -32.09
N GLN E 39 -67.52 -1.39 -32.93
CA GLN E 39 -68.66 -0.70 -33.52
C GLN E 39 -69.76 -1.71 -33.80
N GLY E 40 -70.96 -1.44 -33.30
CA GLY E 40 -72.10 -2.28 -33.60
C GLY E 40 -72.55 -2.10 -35.03
N PRO E 41 -73.75 -2.57 -35.35
CA PRO E 41 -74.29 -2.40 -36.70
C PRO E 41 -74.85 -1.01 -36.90
N GLY E 42 -74.11 -0.18 -37.65
CA GLY E 42 -74.53 1.17 -37.94
C GLY E 42 -74.22 2.19 -36.86
N GLN E 43 -73.63 1.77 -35.74
CA GLN E 43 -73.34 2.71 -34.67
C GLN E 43 -72.11 3.56 -35.00
N GLY E 44 -71.91 4.60 -34.19
CA GLY E 44 -70.68 5.36 -34.26
C GLY E 44 -69.55 4.59 -33.62
N LEU E 45 -68.53 4.26 -34.42
CA LEU E 45 -67.47 3.38 -33.94
C LEU E 45 -66.77 3.97 -32.73
N GLU E 46 -66.48 3.10 -31.76
CA GLU E 46 -65.91 3.52 -30.48
C GLU E 46 -64.58 2.82 -30.27
N TRP E 47 -63.56 3.59 -29.93
CA TRP E 47 -62.23 3.08 -29.68
C TRP E 47 -62.22 2.28 -28.37
N ILE E 48 -61.89 1.00 -28.45
CA ILE E 48 -61.98 0.16 -27.26
C ILE E 48 -60.66 0.05 -26.51
N GLY E 49 -59.53 0.28 -27.16
CA GLY E 49 -58.29 0.27 -26.43
C GLY E 49 -57.08 0.39 -27.33
N MET E 50 -55.91 0.34 -26.71
CA MET E 50 -54.66 0.35 -27.46
C MET E 50 -53.59 -0.38 -26.67
N ILE E 51 -52.54 -0.80 -27.38
CA ILE E 51 -51.51 -1.65 -26.82
C ILE E 51 -50.24 -1.49 -27.61
N HIS E 52 -49.12 -1.44 -26.90
CA HIS E 52 -47.81 -1.47 -27.53
C HIS E 52 -47.33 -2.91 -27.58
N PRO E 53 -47.23 -3.53 -28.75
CA PRO E 53 -46.74 -4.92 -28.81
C PRO E 53 -45.32 -5.07 -28.29
N ASN E 54 -44.45 -4.09 -28.55
CA ASN E 54 -43.06 -4.22 -28.14
C ASN E 54 -42.93 -4.30 -26.62
N SER E 55 -43.67 -3.47 -25.90
CA SER E 55 -43.56 -3.40 -24.46
C SER E 55 -44.66 -4.16 -23.73
N GLY E 56 -45.86 -4.21 -24.29
CA GLY E 56 -46.98 -4.81 -23.60
C GLY E 56 -47.77 -3.88 -22.72
N ILE E 57 -47.48 -2.57 -22.74
CA ILE E 57 -48.24 -1.63 -21.93
C ILE E 57 -49.61 -1.42 -22.54
N THR E 58 -50.64 -1.71 -21.78
CA THR E 58 -52.01 -1.58 -22.25
C THR E 58 -52.57 -0.20 -21.91
N HIS E 59 -53.62 0.17 -22.63
CA HIS E 59 -54.41 1.35 -22.27
C HIS E 59 -55.84 1.10 -22.69
N TYR E 60 -56.72 0.98 -21.71
CA TYR E 60 -58.10 0.60 -21.94
C TYR E 60 -58.97 1.84 -21.90
N ASN E 61 -59.93 1.91 -22.80
CA ASN E 61 -60.99 2.89 -22.65
C ASN E 61 -61.63 2.68 -21.29
N GLU E 62 -62.02 3.78 -20.64
CA GLU E 62 -62.40 3.72 -19.23
C GLU E 62 -63.54 2.73 -19.00
N LYS E 63 -64.35 2.44 -20.01
CA LYS E 63 -65.40 1.44 -19.87
C LYS E 63 -64.99 0.07 -20.41
N PHE E 64 -63.69 -0.22 -20.50
CA PHE E 64 -63.23 -1.49 -21.04
C PHE E 64 -62.04 -2.06 -20.27
N LYS E 65 -61.97 -1.83 -18.96
CA LYS E 65 -61.00 -2.61 -18.19
C LYS E 65 -61.41 -4.08 -18.14
N THR E 66 -62.66 -4.36 -17.79
CA THR E 66 -63.07 -5.72 -17.54
C THR E 66 -63.83 -6.33 -18.72
N LYS E 67 -64.45 -5.51 -19.55
CA LYS E 67 -65.14 -6.03 -20.73
C LYS E 67 -64.16 -6.73 -21.67
N ALA E 68 -62.94 -6.20 -21.77
CA ALA E 68 -61.93 -6.76 -22.65
C ALA E 68 -60.59 -6.79 -21.94
N THR E 69 -59.65 -7.53 -22.51
CA THR E 69 -58.30 -7.59 -21.98
C THR E 69 -57.35 -7.86 -23.14
N LEU E 70 -56.39 -6.96 -23.33
CA LEU E 70 -55.51 -7.06 -24.48
C LEU E 70 -54.40 -8.08 -24.22
N THR E 71 -53.76 -8.51 -25.30
CA THR E 71 -52.62 -9.41 -25.22
C THR E 71 -51.85 -9.31 -26.52
N VAL E 72 -50.55 -9.60 -26.47
CA VAL E 72 -49.71 -9.59 -27.66
C VAL E 72 -48.80 -10.79 -27.64
N ASP E 73 -48.75 -11.54 -28.74
CA ASP E 73 -47.74 -12.55 -28.99
C ASP E 73 -46.81 -12.04 -30.07
N LYS E 74 -45.58 -11.68 -29.68
CA LYS E 74 -44.60 -11.21 -30.65
C LYS E 74 -44.20 -12.33 -31.60
N SER E 75 -44.23 -13.57 -31.13
CA SER E 75 -43.71 -14.69 -31.90
C SER E 75 -44.44 -14.83 -33.23
N SER E 76 -45.76 -14.75 -33.21
CA SER E 76 -46.56 -14.91 -34.41
C SER E 76 -47.11 -13.58 -34.93
N SER E 77 -46.54 -12.47 -34.49
CA SER E 77 -47.00 -11.14 -34.90
C SER E 77 -48.49 -10.98 -34.67
N THR E 78 -48.95 -11.49 -33.53
CA THR E 78 -50.37 -11.63 -33.27
C THR E 78 -50.80 -10.74 -32.11
N ALA E 79 -51.95 -10.10 -32.28
CA ALA E 79 -52.59 -9.36 -31.22
C ALA E 79 -53.87 -10.08 -30.82
N TYR E 80 -54.19 -10.04 -29.54
CA TYR E 80 -55.30 -10.81 -29.01
C TYR E 80 -56.18 -9.91 -28.14
N MET E 81 -57.48 -10.16 -28.21
CA MET E 81 -58.38 -9.75 -27.14
C MET E 81 -59.00 -10.96 -26.46
N GLN E 82 -59.07 -10.90 -25.14
CA GLN E 82 -59.93 -11.76 -24.36
C GLN E 82 -61.16 -10.96 -23.96
N LEU E 83 -62.31 -11.30 -24.52
CA LEU E 83 -63.55 -10.58 -24.27
C LEU E 83 -64.28 -11.31 -23.15
N SER E 84 -64.36 -10.67 -21.99
CA SER E 84 -65.03 -11.26 -20.85
C SER E 84 -66.37 -10.57 -20.61
N SER E 85 -67.30 -11.32 -20.01
CA SER E 85 -68.65 -10.83 -19.70
C SER E 85 -69.37 -10.36 -20.96
N LEU E 86 -69.58 -11.31 -21.86
CA LEU E 86 -70.22 -11.01 -23.15
C LEU E 86 -71.72 -10.82 -22.98
N THR E 87 -72.29 -10.04 -23.90
CA THR E 87 -73.73 -9.88 -24.02
C THR E 87 -74.11 -10.02 -25.49
N SER E 88 -75.41 -10.17 -25.73
CA SER E 88 -75.90 -10.36 -27.10
C SER E 88 -75.56 -9.17 -27.98
N GLU E 89 -75.74 -7.95 -27.46
CA GLU E 89 -75.48 -6.75 -28.25
C GLU E 89 -74.01 -6.56 -28.55
N ASP E 90 -73.11 -7.22 -27.81
CA ASP E 90 -71.69 -7.09 -28.09
C ASP E 90 -71.33 -7.63 -29.47
N SER E 91 -72.21 -8.42 -30.08
CA SER E 91 -72.05 -8.81 -31.47
C SER E 91 -71.89 -7.55 -32.30
N ALA E 92 -70.69 -7.35 -32.84
CA ALA E 92 -70.33 -6.08 -33.47
C ALA E 92 -69.04 -6.33 -34.25
N VAL E 93 -68.69 -5.37 -35.11
CA VAL E 93 -67.43 -5.44 -35.83
C VAL E 93 -66.35 -4.80 -34.96
N CYS E 94 -65.30 -5.55 -34.69
CA CYS E 94 -64.15 -5.09 -33.94
C CYS E 94 -62.94 -5.04 -34.85
N TYR E 95 -62.32 -3.89 -34.94
CA TYR E 95 -61.20 -3.64 -35.84
C TYR E 95 -59.92 -3.48 -35.05
N CYS E 96 -58.88 -4.20 -35.46
CA CYS E 96 -57.53 -3.94 -35.00
C CYS E 96 -56.82 -3.12 -36.06
N ALA E 97 -56.15 -2.06 -35.63
CA ALA E 97 -55.58 -1.06 -36.54
C ALA E 97 -54.18 -0.69 -36.11
N ARG E 98 -53.39 -0.21 -37.06
CA ARG E 98 -52.04 0.25 -36.78
C ARG E 98 -51.93 1.77 -36.93
N GLY E 99 -51.13 2.37 -36.06
CA GLY E 99 -50.75 3.76 -36.22
C GLY E 99 -49.27 3.86 -36.56
N SER E 100 -48.85 5.00 -37.08
CA SER E 100 -47.46 5.17 -37.49
C SER E 100 -46.54 5.26 -36.27
N SER E 101 -45.27 5.52 -36.55
CA SER E 101 -44.33 5.79 -35.46
C SER E 101 -44.79 7.00 -34.66
N SER E 102 -45.24 8.03 -35.37
CA SER E 102 -46.15 8.99 -34.75
C SER E 102 -47.31 8.24 -34.12
N GLY E 103 -47.39 8.30 -32.80
CA GLY E 103 -48.48 7.66 -32.10
C GLY E 103 -49.78 8.40 -32.31
N SER E 104 -49.81 9.28 -33.30
CA SER E 104 -51.03 10.05 -33.58
C SER E 104 -52.19 9.11 -33.89
N ALA E 105 -51.89 7.91 -34.37
CA ALA E 105 -52.89 6.86 -34.52
C ALA E 105 -54.04 7.30 -35.42
N TRP E 106 -53.72 7.90 -36.56
CA TRP E 106 -54.76 8.24 -37.52
C TRP E 106 -55.27 7.00 -38.24
N PHE E 107 -54.71 5.82 -37.94
CA PHE E 107 -55.29 4.55 -38.39
C PHE E 107 -55.32 4.40 -39.90
N ALA E 108 -54.13 4.34 -40.53
CA ALA E 108 -54.08 4.19 -41.98
C ALA E 108 -54.56 2.82 -42.42
N TYR E 109 -53.90 1.75 -41.99
CA TYR E 109 -54.15 0.41 -42.49
C TYR E 109 -54.83 -0.40 -41.41
N TRP E 110 -55.92 -1.06 -41.77
CA TRP E 110 -56.62 -1.92 -40.83
C TRP E 110 -56.65 -3.34 -41.38
N GLY E 111 -57.39 -4.20 -40.69
CA GLY E 111 -57.81 -5.47 -41.24
C GLY E 111 -59.28 -5.44 -41.61
N GLN E 112 -59.78 -6.58 -42.07
CA GLN E 112 -61.20 -6.66 -42.40
C GLN E 112 -62.08 -6.53 -41.16
N GLY E 113 -61.53 -6.76 -39.97
CA GLY E 113 -62.31 -6.66 -38.75
C GLY E 113 -63.19 -7.87 -38.51
N THR E 114 -63.31 -8.29 -37.26
CA THR E 114 -64.10 -9.46 -36.93
C THR E 114 -65.51 -9.03 -36.53
N LEU E 115 -66.50 -9.50 -37.27
CA LEU E 115 -67.90 -9.24 -36.94
C LEU E 115 -68.33 -10.32 -35.95
N VAL E 116 -67.96 -10.12 -34.69
CA VAL E 116 -68.31 -11.09 -33.67
C VAL E 116 -69.82 -11.16 -33.55
N THR E 117 -70.33 -12.38 -33.48
CA THR E 117 -71.76 -12.64 -33.33
C THR E 117 -71.92 -13.40 -32.02
N VAL E 118 -72.01 -12.65 -30.91
CA VAL E 118 -72.16 -13.25 -29.59
C VAL E 118 -73.62 -13.69 -29.48
N SER E 119 -73.87 -14.95 -29.78
CA SER E 119 -75.25 -15.45 -29.87
C SER E 119 -75.24 -16.97 -29.82
N ALA E 120 -76.43 -17.54 -29.64
CA ALA E 120 -76.61 -18.98 -29.62
C ALA E 120 -77.39 -19.48 -30.83
N ALA E 121 -77.48 -18.69 -31.89
CA ALA E 121 -78.21 -19.08 -33.09
C ALA E 121 -77.46 -20.18 -33.84
N VAL F 2 -36.71 47.02 31.20
CA VAL F 2 -37.55 45.88 30.86
C VAL F 2 -39.02 46.29 30.85
N GLN F 3 -39.70 45.99 29.75
CA GLN F 3 -41.12 46.28 29.64
C GLN F 3 -41.74 45.36 28.60
N LEU F 4 -43.05 45.17 28.72
CA LEU F 4 -43.83 44.40 27.75
C LEU F 4 -45.02 45.26 27.33
N GLN F 5 -45.11 45.55 26.05
CA GLN F 5 -46.18 46.39 25.52
C GLN F 5 -47.28 45.50 24.94
N GLN F 6 -48.52 45.78 25.34
CA GLN F 6 -49.72 45.10 24.88
C GLN F 6 -50.74 46.12 24.42
N PRO F 7 -51.64 45.74 23.53
CA PRO F 7 -52.84 46.56 23.30
C PRO F 7 -53.65 46.64 24.58
N GLY F 8 -54.24 47.81 24.82
CA GLY F 8 -55.06 47.97 26.00
C GLY F 8 -56.28 47.07 25.98
N ALA F 9 -56.93 46.95 24.83
CA ALA F 9 -58.13 46.14 24.71
C ALA F 9 -58.33 45.77 23.25
N GLU F 10 -59.14 44.74 23.03
CA GLU F 10 -59.53 44.32 21.69
C GLU F 10 -61.03 44.14 21.67
N LEU F 11 -61.72 44.98 20.89
CA LEU F 11 -63.18 44.91 20.76
C LEU F 11 -63.49 44.13 19.49
N VAL F 12 -63.48 42.80 19.63
CA VAL F 12 -63.60 41.89 18.51
C VAL F 12 -64.83 41.00 18.74
N LYS F 13 -65.59 40.79 17.66
CA LYS F 13 -66.85 40.07 17.77
C LYS F 13 -66.63 38.64 18.23
N PRO F 14 -67.52 38.09 19.04
CA PRO F 14 -67.42 36.68 19.41
C PRO F 14 -67.61 35.78 18.21
N GLY F 15 -67.02 34.58 18.28
CA GLY F 15 -67.03 33.70 17.13
C GLY F 15 -65.68 33.60 16.47
N ALA F 16 -65.52 34.33 15.36
CA ALA F 16 -64.28 34.28 14.60
C ALA F 16 -63.08 34.63 15.46
N SER F 17 -61.96 33.95 15.21
CA SER F 17 -60.78 34.03 16.05
C SER F 17 -60.16 35.42 16.02
N VAL F 18 -59.18 35.63 16.90
CA VAL F 18 -58.55 36.94 17.09
C VAL F 18 -57.05 36.74 17.31
N LYS F 19 -56.31 37.84 17.24
CA LYS F 19 -54.87 37.84 17.45
C LYS F 19 -54.51 38.80 18.57
N LEU F 20 -53.44 38.46 19.29
CA LEU F 20 -52.94 39.28 20.39
C LEU F 20 -51.42 39.25 20.34
N SER F 21 -50.80 40.34 20.79
CA SER F 21 -49.36 40.49 20.70
C SER F 21 -48.79 41.12 21.97
N CYS F 22 -47.49 40.90 22.16
CA CYS F 22 -46.69 41.55 23.20
C CYS F 22 -45.33 41.87 22.62
N LYS F 23 -44.87 43.10 22.84
CA LYS F 23 -43.54 43.53 22.41
C LYS F 23 -42.63 43.60 23.62
N ALA F 24 -41.48 42.93 23.54
CA ALA F 24 -40.53 42.90 24.64
C ALA F 24 -39.55 44.07 24.54
N SER F 25 -39.02 44.47 25.69
CA SER F 25 -38.06 45.55 25.73
C SER F 25 -37.20 45.43 26.98
N GLY F 26 -35.97 45.96 26.88
CA GLY F 26 -35.05 45.96 27.99
C GLY F 26 -34.14 44.74 28.05
N TYR F 27 -34.73 43.58 28.33
CA TYR F 27 -33.97 42.35 28.45
C TYR F 27 -33.70 41.74 27.07
N THR F 28 -33.10 40.56 27.07
CA THR F 28 -32.89 39.80 25.84
C THR F 28 -34.10 38.91 25.62
N PHE F 29 -34.87 39.21 24.56
CA PHE F 29 -36.12 38.50 24.35
C PHE F 29 -35.92 37.02 24.10
N THR F 30 -34.77 36.65 23.54
CA THR F 30 -34.53 35.26 23.16
C THR F 30 -34.21 34.36 24.34
N SER F 31 -33.54 34.89 25.37
CA SER F 31 -32.94 34.07 26.41
C SER F 31 -33.79 34.01 27.68
N TYR F 32 -35.12 34.08 27.56
CA TYR F 32 -35.99 33.96 28.73
C TYR F 32 -37.34 33.43 28.31
N TRP F 33 -37.91 32.57 29.16
CA TRP F 33 -39.22 32.01 28.88
C TRP F 33 -40.27 33.10 28.89
N ILE F 34 -41.36 32.86 28.18
CA ILE F 34 -42.49 33.79 28.17
C ILE F 34 -43.73 32.99 28.51
N HIS F 35 -44.40 33.36 29.59
CA HIS F 35 -45.63 32.71 29.98
C HIS F 35 -46.80 33.63 29.73
N TRP F 36 -48.00 33.06 29.74
CA TRP F 36 -49.22 33.79 29.47
C TRP F 36 -50.28 33.32 30.44
N VAL F 37 -51.01 34.27 31.02
CA VAL F 37 -51.98 34.01 32.08
C VAL F 37 -53.28 34.75 31.76
N LYS F 38 -54.40 34.05 31.88
CA LYS F 38 -55.71 34.61 31.62
C LYS F 38 -56.46 34.84 32.94
N GLN F 39 -57.17 35.97 33.03
CA GLN F 39 -57.99 36.23 34.20
C GLN F 39 -59.16 37.11 33.81
N GLY F 40 -60.37 36.67 34.14
CA GLY F 40 -61.54 37.47 33.90
C GLY F 40 -61.61 38.64 34.86
N PRO F 41 -62.77 39.28 34.96
CA PRO F 41 -62.94 40.40 35.89
C PRO F 41 -63.15 39.90 37.30
N GLY F 42 -62.12 40.04 38.14
CA GLY F 42 -62.19 39.62 39.52
C GLY F 42 -61.95 38.16 39.78
N GLN F 43 -61.73 37.36 38.73
CA GLN F 43 -61.52 35.93 38.91
C GLN F 43 -60.11 35.65 39.44
N GLY F 44 -59.90 34.41 39.87
CA GLY F 44 -58.57 33.95 40.19
C GLY F 44 -57.78 33.68 38.92
N LEU F 45 -56.69 34.42 38.72
CA LEU F 45 -55.97 34.37 37.47
C LEU F 45 -55.47 32.96 37.20
N GLU F 46 -55.59 32.54 35.93
CA GLU F 46 -55.26 31.19 35.51
C GLU F 46 -54.18 31.23 34.45
N TRP F 47 -53.13 30.44 34.66
CA TRP F 47 -52.03 30.36 33.72
C TRP F 47 -52.47 29.65 32.45
N ILE F 48 -52.38 30.35 31.31
CA ILE F 48 -52.91 29.78 30.07
C ILE F 48 -51.84 29.06 29.25
N GLY F 49 -50.57 29.39 29.43
CA GLY F 49 -49.56 28.64 28.73
C GLY F 49 -48.17 29.22 28.90
N MET F 50 -47.21 28.59 28.23
CA MET F 50 -45.85 29.09 28.24
C MET F 50 -45.16 28.69 26.95
N ILE F 51 -44.07 29.40 26.65
CA ILE F 51 -43.39 29.25 25.37
C ILE F 51 -41.95 29.72 25.53
N HIS F 52 -41.03 28.97 24.91
CA HIS F 52 -39.65 29.39 24.82
C HIS F 52 -39.46 30.12 23.50
N PRO F 53 -39.21 31.44 23.51
CA PRO F 53 -39.00 32.14 22.24
C PRO F 53 -37.80 31.63 21.46
N ASN F 54 -36.72 31.25 22.15
CA ASN F 54 -35.51 30.83 21.45
C ASN F 54 -35.75 29.57 20.64
N SER F 55 -36.47 28.61 21.21
CA SER F 55 -36.69 27.33 20.55
C SER F 55 -38.05 27.22 19.88
N GLY F 56 -39.08 27.85 20.44
CA GLY F 56 -40.42 27.69 19.93
C GLY F 56 -41.20 26.53 20.52
N ILE F 57 -40.66 25.86 21.54
CA ILE F 57 -41.39 24.75 22.16
C ILE F 57 -42.52 25.31 23.01
N THR F 58 -43.74 24.91 22.70
CA THR F 58 -44.91 25.39 23.42
C THR F 58 -45.25 24.45 24.57
N HIS F 59 -46.01 24.98 25.52
CA HIS F 59 -46.62 24.14 26.55
C HIS F 59 -47.93 24.78 26.95
N TYR F 60 -49.02 24.09 26.65
CA TYR F 60 -50.36 24.62 26.82
C TYR F 60 -50.96 24.03 28.09
N ASN F 61 -51.66 24.87 28.84
CA ASN F 61 -52.51 24.35 29.89
C ASN F 61 -53.48 23.36 29.25
N GLU F 62 -53.79 22.29 29.98
CA GLU F 62 -54.50 21.17 29.37
C GLU F 62 -55.83 21.58 28.75
N LYS F 63 -56.41 22.67 29.22
CA LYS F 63 -57.63 23.18 28.62
C LYS F 63 -57.39 24.31 27.63
N PHE F 64 -56.18 24.40 27.05
CA PHE F 64 -55.87 25.47 26.11
C PHE F 64 -55.02 24.99 24.94
N LYS F 65 -55.21 23.75 24.48
CA LYS F 65 -54.61 23.39 23.19
C LYS F 65 -55.29 24.15 22.06
N THR F 66 -56.63 24.13 22.02
CA THR F 66 -57.36 24.67 20.88
C THR F 66 -57.92 26.06 21.14
N LYS F 67 -58.15 26.41 22.41
CA LYS F 67 -58.63 27.75 22.71
C LYS F 67 -57.62 28.80 22.30
N ALA F 68 -56.32 28.50 22.44
CA ALA F 68 -55.27 29.43 22.11
C ALA F 68 -54.16 28.70 21.37
N THR F 69 -53.28 29.47 20.74
CA THR F 69 -52.12 28.92 20.06
C THR F 69 -50.99 29.93 20.12
N LEU F 70 -49.86 29.53 20.69
CA LEU F 70 -48.77 30.47 20.89
C LEU F 70 -47.98 30.66 19.60
N THR F 71 -47.20 31.75 19.58
CA THR F 71 -46.30 32.01 18.46
C THR F 71 -45.24 32.99 18.94
N VAL F 72 -44.07 32.96 18.31
CA VAL F 72 -43.00 33.88 18.64
C VAL F 72 -42.36 34.39 17.36
N ASP F 73 -42.21 35.71 17.26
CA ASP F 73 -41.38 36.34 16.24
C ASP F 73 -40.13 36.90 16.92
N LYS F 74 -39.00 36.25 16.67
CA LYS F 74 -37.74 36.73 17.25
C LYS F 74 -37.35 38.08 16.65
N SER F 75 -37.73 38.33 15.39
CA SER F 75 -37.27 39.51 14.68
C SER F 75 -37.68 40.79 15.40
N SER F 76 -38.93 40.86 15.83
CA SER F 76 -39.45 42.05 16.49
C SER F 76 -39.61 41.86 18.00
N SER F 77 -38.94 40.84 18.57
CA SER F 77 -39.02 40.57 20.00
C SER F 77 -40.47 40.43 20.45
N THR F 78 -41.27 39.78 19.61
CA THR F 78 -42.71 39.78 19.77
C THR F 78 -43.22 38.38 20.10
N ALA F 79 -44.16 38.31 21.03
CA ALA F 79 -44.88 37.08 21.33
C ALA F 79 -46.33 37.25 20.91
N TYR F 80 -46.93 36.18 20.43
CA TYR F 80 -48.25 36.23 19.85
C TYR F 80 -49.12 35.14 20.44
N MET F 81 -50.39 35.44 20.62
CA MET F 81 -51.42 34.41 20.73
C MET F 81 -52.40 34.53 19.58
N GLN F 82 -52.76 33.39 19.03
CA GLN F 82 -53.93 33.25 18.17
C GLN F 82 -55.03 32.62 19.01
N LEU F 83 -56.06 33.40 19.30
CA LEU F 83 -57.17 32.95 20.14
C LEU F 83 -58.27 32.44 19.22
N SER F 84 -58.48 31.13 19.22
CA SER F 84 -59.50 30.53 18.38
C SER F 84 -60.70 30.11 19.23
N SER F 85 -61.87 30.09 18.59
CA SER F 85 -63.14 29.72 19.22
C SER F 85 -63.44 30.62 20.41
N LEU F 86 -63.62 31.91 20.11
CA LEU F 86 -63.87 32.90 21.14
C LEU F 86 -65.30 32.82 21.66
N THR F 87 -65.48 33.25 22.90
CA THR F 87 -66.79 33.42 23.51
C THR F 87 -66.85 34.78 24.18
N SER F 88 -68.06 35.20 24.54
CA SER F 88 -68.24 36.51 25.16
C SER F 88 -67.48 36.61 26.48
N GLU F 89 -67.54 35.55 27.30
CA GLU F 89 -66.88 35.59 28.60
C GLU F 89 -65.36 35.58 28.49
N ASP F 90 -64.82 35.20 27.33
CA ASP F 90 -63.37 35.24 27.17
C ASP F 90 -62.81 36.64 27.27
N SER F 91 -63.66 37.66 27.15
CA SER F 91 -63.25 39.02 27.43
C SER F 91 -62.66 39.07 28.83
N ALA F 92 -61.36 39.29 28.92
CA ALA F 92 -60.62 39.14 30.17
C ALA F 92 -59.26 39.80 29.97
N VAL F 93 -58.55 40.00 31.06
CA VAL F 93 -57.19 40.51 30.99
C VAL F 93 -56.23 39.33 30.82
N CYS F 94 -55.44 39.39 29.76
CA CYS F 94 -54.44 38.39 29.46
C CYS F 94 -53.06 39.02 29.59
N TYR F 95 -52.21 38.42 30.42
CA TYR F 95 -50.90 38.96 30.73
C TYR F 95 -49.83 38.07 30.13
N CYS F 96 -48.89 38.69 29.43
CA CYS F 96 -47.66 38.02 29.04
C CYS F 96 -46.57 38.42 30.03
N ALA F 97 -45.83 37.43 30.52
CA ALA F 97 -44.89 37.63 31.61
C ALA F 97 -43.57 36.92 31.33
N ARG F 98 -42.51 37.41 31.95
CA ARG F 98 -41.19 36.80 31.83
C ARG F 98 -40.77 36.14 33.12
N GLY F 99 -40.09 35.00 32.99
CA GLY F 99 -39.42 34.38 34.12
C GLY F 99 -37.92 34.46 33.94
N SER F 100 -37.17 34.27 35.03
CA SER F 100 -35.73 34.40 34.96
C SER F 100 -35.11 33.21 34.20
N SER F 101 -33.77 33.18 34.19
CA SER F 101 -33.09 32.02 33.64
C SER F 101 -33.47 30.77 34.40
N SER F 102 -33.56 30.88 35.72
CA SER F 102 -34.38 29.96 36.48
C SER F 102 -35.78 29.92 35.89
N GLY F 103 -36.14 28.78 35.34
CA GLY F 103 -37.47 28.63 34.78
C GLY F 103 -38.52 28.55 35.87
N SER F 104 -38.15 28.95 37.09
CA SER F 104 -39.09 28.92 38.19
C SER F 104 -40.30 29.78 37.89
N ALA F 105 -40.14 30.78 37.02
CA ALA F 105 -41.26 31.55 36.50
C ALA F 105 -42.07 32.21 37.63
N TRP F 106 -41.38 32.84 38.58
CA TRP F 106 -42.08 33.59 39.61
C TRP F 106 -42.64 34.90 39.06
N PHE F 107 -42.40 35.19 37.77
CA PHE F 107 -43.09 36.28 37.10
C PHE F 107 -42.79 37.65 37.68
N ALA F 108 -41.54 38.08 37.60
CA ALA F 108 -41.17 39.39 38.15
C ALA F 108 -41.80 40.53 37.34
N TYR F 109 -41.47 40.64 36.07
CA TYR F 109 -41.84 41.79 35.25
C TYR F 109 -42.91 41.36 34.26
N TRP F 110 -43.99 42.12 34.19
CA TRP F 110 -45.04 41.83 33.22
C TRP F 110 -45.21 43.04 32.31
N GLY F 111 -46.24 42.98 31.47
CA GLY F 111 -46.77 44.14 30.79
C GLY F 111 -48.08 44.58 31.41
N GLN F 112 -48.66 45.62 30.82
CA GLN F 112 -49.95 46.09 31.31
C GLN F 112 -51.05 45.06 31.08
N GLY F 113 -50.86 44.11 30.18
CA GLY F 113 -51.86 43.10 29.90
C GLY F 113 -52.98 43.61 29.03
N THR F 114 -53.48 42.78 28.12
CA THR F 114 -54.54 43.19 27.21
C THR F 114 -55.88 42.77 27.78
N LEU F 115 -56.75 43.75 28.03
CA LEU F 115 -58.10 43.47 28.48
C LEU F 115 -58.95 43.24 27.24
N VAL F 116 -58.86 42.02 26.70
CA VAL F 116 -59.61 41.69 25.51
C VAL F 116 -61.10 41.79 25.82
N THR F 117 -61.83 42.41 24.92
CA THR F 117 -63.28 42.55 25.04
C THR F 117 -63.90 41.85 23.83
N VAL F 118 -64.08 40.53 23.95
CA VAL F 118 -64.66 39.73 22.87
C VAL F 118 -66.15 40.02 22.87
N SER F 119 -66.57 40.95 22.02
CA SER F 119 -67.96 41.42 22.05
C SER F 119 -68.25 42.16 20.75
N ALA F 120 -69.54 42.42 20.53
CA ALA F 120 -70.00 43.17 19.36
C ALA F 120 -70.56 44.55 19.74
N ALA F 121 -70.24 45.04 20.94
CA ALA F 121 -70.72 46.34 21.38
C ALA F 121 -70.05 47.48 20.61
N ASP G 1 -55.98 -37.46 9.87
CA ASP G 1 -55.58 -38.00 11.17
C ASP G 1 -55.50 -39.52 11.14
N ILE G 2 -55.00 -40.09 12.22
CA ILE G 2 -54.81 -41.53 12.34
C ILE G 2 -55.64 -42.03 13.51
N GLN G 3 -56.47 -43.04 13.25
CA GLN G 3 -57.37 -43.61 14.25
C GLN G 3 -57.08 -45.10 14.39
N MET G 4 -56.98 -45.56 15.64
CA MET G 4 -56.83 -46.97 15.94
C MET G 4 -58.19 -47.56 16.26
N THR G 5 -58.56 -48.62 15.54
CA THR G 5 -59.80 -49.33 15.79
C THR G 5 -59.44 -50.71 16.34
N GLN G 6 -59.70 -50.92 17.62
CA GLN G 6 -59.32 -52.15 18.29
C GLN G 6 -60.48 -53.12 18.25
N SER G 7 -60.21 -54.35 17.79
CA SER G 7 -61.27 -55.25 17.36
C SER G 7 -62.22 -55.62 18.49
N SER G 8 -61.67 -56.11 19.60
CA SER G 8 -62.50 -56.63 20.69
C SER G 8 -62.25 -55.83 21.95
N SER G 9 -63.35 -55.46 22.62
CA SER G 9 -63.23 -54.77 23.91
C SER G 9 -62.70 -55.71 24.99
N TYR G 10 -63.06 -56.99 24.92
CA TYR G 10 -62.56 -57.97 25.88
C TYR G 10 -62.38 -59.32 25.19
N LEU G 11 -61.53 -60.15 25.79
CA LEU G 11 -61.29 -61.50 25.30
C LEU G 11 -60.92 -62.37 26.49
N SER G 12 -61.85 -63.21 26.93
CA SER G 12 -61.65 -64.12 28.04
C SER G 12 -61.31 -65.51 27.52
N GLU G 13 -60.53 -66.25 28.30
CA GLU G 13 -60.07 -67.56 27.87
C GLU G 13 -59.66 -68.37 29.09
N SER G 14 -59.90 -69.68 29.02
CA SER G 14 -59.55 -70.58 30.11
C SER G 14 -58.03 -70.66 30.24
N LEU G 15 -57.59 -71.29 31.33
CA LEU G 15 -56.17 -71.39 31.63
C LEU G 15 -55.44 -72.18 30.55
N GLY G 16 -54.29 -71.68 30.12
CA GLY G 16 -53.51 -72.33 29.09
C GLY G 16 -54.12 -72.27 27.71
N GLY G 17 -55.03 -71.32 27.46
CA GLY G 17 -55.72 -71.24 26.20
C GLY G 17 -55.00 -70.39 25.17
N ARG G 18 -55.57 -70.38 23.97
CA ARG G 18 -55.00 -69.67 22.82
C ARG G 18 -55.95 -68.56 22.39
N VAL G 19 -55.43 -67.35 22.24
CA VAL G 19 -56.22 -66.19 21.83
C VAL G 19 -55.44 -65.46 20.75
N THR G 20 -56.13 -64.60 20.02
CA THR G 20 -55.44 -63.75 19.04
C THR G 20 -56.21 -62.44 18.91
N ILE G 21 -55.70 -61.40 19.54
CA ILE G 21 -56.26 -60.07 19.39
C ILE G 21 -55.75 -59.43 18.09
N THR G 22 -56.46 -58.42 17.61
CA THR G 22 -56.02 -57.69 16.44
C THR G 22 -56.65 -56.30 16.46
N CYS G 23 -56.15 -55.43 15.60
CA CYS G 23 -56.78 -54.14 15.39
C CYS G 23 -56.37 -53.60 14.03
N LYS G 24 -57.02 -52.49 13.66
CA LYS G 24 -56.90 -51.87 12.36
C LYS G 24 -56.50 -50.41 12.51
N ALA G 25 -55.87 -49.88 11.46
CA ALA G 25 -55.45 -48.50 11.41
C ALA G 25 -56.30 -47.73 10.42
N SER G 26 -56.43 -46.43 10.66
CA SER G 26 -57.21 -45.56 9.77
C SER G 26 -56.38 -45.02 8.61
N ASP G 27 -55.08 -45.31 8.57
CA ASP G 27 -54.27 -44.98 7.41
C ASP G 27 -53.03 -45.85 7.49
N HIS G 28 -52.43 -46.13 6.32
CA HIS G 28 -51.28 -47.01 6.29
C HIS G 28 -50.13 -46.41 7.09
N ILE G 29 -49.37 -47.29 7.74
CA ILE G 29 -48.36 -46.87 8.70
C ILE G 29 -46.98 -47.42 8.39
N ASN G 30 -46.87 -48.50 7.63
CA ASN G 30 -45.60 -49.14 7.29
C ASN G 30 -44.95 -49.75 8.53
N ASN G 31 -45.74 -50.54 9.26
CA ASN G 31 -45.26 -51.39 10.34
C ASN G 31 -44.64 -50.61 11.48
N TRP G 32 -45.07 -49.36 11.66
CA TRP G 32 -44.66 -48.57 12.83
C TRP G 32 -45.77 -48.61 13.89
N LEU G 33 -45.93 -49.79 14.49
CA LEU G 33 -46.95 -50.00 15.49
C LEU G 33 -46.38 -50.81 16.65
N ALA G 34 -46.93 -50.59 17.84
CA ALA G 34 -46.48 -51.22 19.06
C ALA G 34 -47.67 -51.79 19.82
N TRP G 35 -47.38 -52.78 20.65
CA TRP G 35 -48.38 -53.48 21.45
C TRP G 35 -47.97 -53.45 22.92
N TYR G 36 -48.90 -53.06 23.77
CA TYR G 36 -48.67 -52.94 25.21
C TYR G 36 -49.67 -53.78 25.98
N GLN G 37 -49.32 -54.06 27.24
CA GLN G 37 -50.24 -54.63 28.21
C GLN G 37 -50.19 -53.81 29.48
N GLN G 38 -51.36 -53.61 30.09
CA GLN G 38 -51.46 -52.88 31.35
C GLN G 38 -52.39 -53.62 32.30
N LYS G 39 -51.85 -54.04 33.43
CA LYS G 39 -52.70 -54.46 34.53
C LYS G 39 -53.16 -53.25 35.32
N PRO G 40 -54.26 -53.36 36.06
CA PRO G 40 -54.76 -52.19 36.79
C PRO G 40 -53.77 -51.61 37.78
N GLY G 41 -52.88 -52.42 38.33
CA GLY G 41 -51.99 -51.97 39.38
C GLY G 41 -50.56 -51.71 38.97
N ASN G 42 -50.32 -51.41 37.69
CA ASN G 42 -48.97 -51.13 37.24
C ASN G 42 -49.00 -50.23 36.02
N ALA G 43 -47.87 -49.58 35.77
CA ALA G 43 -47.70 -48.87 34.51
C ALA G 43 -47.64 -49.88 33.37
N PRO G 44 -48.28 -49.59 32.24
CA PRO G 44 -48.35 -50.60 31.16
C PRO G 44 -46.97 -51.03 30.68
N ARG G 45 -46.87 -52.30 30.37
CA ARG G 45 -45.63 -52.92 29.92
C ARG G 45 -45.58 -52.95 28.40
N LEU G 46 -44.43 -53.36 27.87
CA LEU G 46 -44.18 -53.41 26.44
C LEU G 46 -44.13 -54.85 25.98
N LEU G 47 -44.84 -55.13 24.88
CA LEU G 47 -44.84 -56.46 24.29
C LEU G 47 -44.28 -56.46 22.88
N ILE G 48 -44.70 -55.52 22.05
CA ILE G 48 -44.28 -55.45 20.65
C ILE G 48 -43.83 -54.03 20.36
N SER G 49 -42.65 -53.89 19.75
CA SER G 49 -42.10 -52.59 19.37
C SER G 49 -41.76 -52.65 17.89
N GLY G 50 -42.71 -52.29 17.04
CA GLY G 50 -42.60 -52.54 15.62
C GLY G 50 -43.49 -53.70 15.26
N ALA G 51 -44.32 -53.54 14.22
CA ALA G 51 -45.48 -54.39 13.96
C ALA G 51 -45.23 -55.87 14.20
N THR G 52 -43.99 -56.32 14.01
CA THR G 52 -43.59 -57.68 14.35
C THR G 52 -42.22 -57.60 15.00
N SER G 53 -42.19 -57.42 16.32
CA SER G 53 -40.94 -57.40 17.05
C SER G 53 -41.20 -57.72 18.52
N LEU G 54 -40.83 -58.93 18.94
CA LEU G 54 -40.80 -59.27 20.35
C LEU G 54 -39.54 -58.70 21.00
N GLU G 55 -39.53 -58.66 22.33
CA GLU G 55 -38.36 -58.16 23.05
C GLU G 55 -38.26 -58.90 24.37
N THR G 56 -37.40 -58.39 25.26
CA THR G 56 -37.23 -58.98 26.57
C THR G 56 -38.49 -58.78 27.42
N GLY G 57 -38.71 -59.69 28.35
CA GLY G 57 -39.86 -59.62 29.23
C GLY G 57 -41.14 -60.17 28.64
N VAL G 58 -41.13 -60.62 27.39
CA VAL G 58 -42.29 -61.26 26.78
C VAL G 58 -41.85 -62.56 26.12
N PRO G 59 -42.20 -63.71 26.69
CA PRO G 59 -41.84 -64.98 26.07
C PRO G 59 -42.60 -65.21 24.77
N SER G 60 -42.26 -66.32 24.11
CA SER G 60 -42.87 -66.66 22.83
C SER G 60 -44.37 -66.85 22.92
N ARG G 61 -44.91 -67.08 24.12
CA ARG G 61 -46.35 -67.20 24.26
C ARG G 61 -47.06 -65.94 23.78
N PHE G 62 -46.37 -64.81 23.82
CA PHE G 62 -46.80 -63.62 23.12
C PHE G 62 -46.12 -63.59 21.75
N SER G 63 -46.88 -63.19 20.72
CA SER G 63 -46.27 -63.02 19.42
C SER G 63 -47.06 -61.97 18.65
N GLY G 64 -46.35 -61.06 17.98
CA GLY G 64 -46.98 -60.00 17.25
C GLY G 64 -46.72 -60.14 15.77
N SER G 65 -47.61 -59.57 14.98
CA SER G 65 -47.49 -59.62 13.52
C SER G 65 -48.44 -58.59 12.93
N GLY G 66 -48.41 -58.47 11.62
CA GLY G 66 -49.32 -57.59 10.92
C GLY G 66 -48.66 -57.01 9.69
N SER G 67 -49.45 -56.22 8.96
CA SER G 67 -48.99 -55.57 7.75
C SER G 67 -50.06 -54.56 7.33
N GLY G 68 -49.64 -53.61 6.48
CA GLY G 68 -50.57 -52.66 5.91
C GLY G 68 -51.40 -51.93 6.93
N LYS G 69 -52.69 -52.27 6.99
CA LYS G 69 -53.60 -51.66 7.95
C LYS G 69 -54.06 -52.62 9.05
N ASP G 70 -53.82 -53.92 8.91
CA ASP G 70 -54.27 -54.89 9.90
C ASP G 70 -53.08 -55.47 10.66
N TYR G 71 -53.15 -55.42 11.99
CA TYR G 71 -52.08 -55.95 12.81
C TYR G 71 -52.71 -56.78 13.93
N THR G 72 -51.94 -57.71 14.48
CA THR G 72 -52.51 -58.67 15.40
C THR G 72 -51.44 -59.19 16.36
N LEU G 73 -51.92 -59.83 17.42
CA LEU G 73 -51.09 -60.35 18.51
C LEU G 73 -51.71 -61.66 18.96
N SER G 74 -51.00 -62.76 18.70
CA SER G 74 -51.43 -64.09 19.10
C SER G 74 -50.80 -64.45 20.45
N ILE G 75 -51.64 -64.93 21.37
CA ILE G 75 -51.26 -65.19 22.75
C ILE G 75 -51.45 -66.66 23.02
N THR G 76 -50.40 -67.31 23.52
CA THR G 76 -50.39 -68.72 23.85
C THR G 76 -50.26 -68.91 25.36
N SER G 77 -50.78 -70.04 25.85
CA SER G 77 -50.68 -70.41 27.25
C SER G 77 -51.20 -69.31 28.16
N LEU G 78 -52.43 -68.88 27.90
CA LEU G 78 -53.06 -67.84 28.70
C LEU G 78 -53.13 -68.28 30.16
N GLN G 79 -52.73 -67.40 31.06
CA GLN G 79 -52.67 -67.72 32.48
C GLN G 79 -53.54 -66.76 33.28
N THR G 80 -53.69 -67.07 34.56
CA THR G 80 -54.43 -66.20 35.47
C THR G 80 -53.71 -64.89 35.74
N GLU G 81 -52.40 -64.83 35.45
CA GLU G 81 -51.60 -63.64 35.68
C GLU G 81 -51.33 -62.86 34.40
N ASP G 82 -52.18 -63.02 33.39
CA ASP G 82 -52.11 -62.20 32.20
C ASP G 82 -53.36 -61.36 32.01
N VAL G 83 -54.35 -61.48 32.90
CA VAL G 83 -55.56 -60.68 32.82
C VAL G 83 -55.19 -59.20 32.91
N ALA G 84 -55.52 -58.45 31.85
CA ALA G 84 -55.15 -57.05 31.75
C ALA G 84 -55.70 -56.43 30.48
N THR G 85 -55.54 -55.12 30.30
CA THR G 85 -55.90 -54.49 29.04
C THR G 85 -54.73 -54.56 28.07
N TYR G 86 -55.04 -54.73 26.80
CA TYR G 86 -54.03 -54.80 25.75
C TYR G 86 -54.26 -53.66 24.77
N TYR G 87 -53.17 -53.03 24.34
CA TYR G 87 -53.21 -51.73 23.69
C TYR G 87 -52.47 -51.77 22.36
N CYS G 88 -53.16 -51.38 21.30
CA CYS G 88 -52.50 -50.95 20.07
C CYS G 88 -51.91 -49.56 20.28
N GLN G 89 -50.83 -49.27 19.58
CA GLN G 89 -50.20 -47.96 19.67
C GLN G 89 -49.51 -47.65 18.36
N GLN G 90 -49.63 -46.41 17.91
CA GLN G 90 -48.97 -45.95 16.71
C GLN G 90 -47.90 -44.94 17.05
N TYR G 91 -46.84 -44.91 16.25
CA TYR G 91 -45.80 -43.92 16.41
C TYR G 91 -45.36 -43.39 15.07
N TRP G 92 -46.30 -43.15 14.18
CA TRP G 92 -45.98 -42.65 12.85
C TRP G 92 -46.20 -41.16 12.68
N SER G 93 -47.19 -40.59 13.37
CA SER G 93 -47.48 -39.18 13.23
C SER G 93 -48.11 -38.64 14.50
N SER G 94 -47.61 -37.51 14.98
CA SER G 94 -48.31 -36.81 16.03
C SER G 94 -49.65 -36.32 15.49
N PRO G 95 -50.72 -36.37 16.28
CA PRO G 95 -50.73 -36.87 17.66
C PRO G 95 -50.63 -38.38 17.76
N LEU G 96 -49.88 -38.85 18.74
CA LEU G 96 -49.80 -40.27 19.00
C LEU G 96 -51.17 -40.77 19.48
N THR G 97 -51.56 -41.95 19.00
CA THR G 97 -52.85 -42.52 19.34
C THR G 97 -52.67 -43.91 19.91
N PHE G 98 -53.40 -44.20 20.98
CA PHE G 98 -53.40 -45.50 21.63
C PHE G 98 -54.66 -46.27 21.28
N GLY G 99 -54.59 -47.60 21.39
CA GLY G 99 -55.77 -48.41 21.24
C GLY G 99 -56.73 -48.22 22.40
N ALA G 100 -58.00 -48.55 22.16
CA ALA G 100 -59.00 -48.43 23.21
C ALA G 100 -58.71 -49.37 24.37
N GLY G 101 -58.28 -50.58 24.07
CA GLY G 101 -57.96 -51.57 25.08
C GLY G 101 -58.84 -52.81 24.95
N THR G 102 -58.19 -53.97 24.98
CA THR G 102 -58.90 -55.25 24.97
C THR G 102 -58.70 -55.91 26.32
N LYS G 103 -59.80 -56.24 26.99
CA LYS G 103 -59.76 -56.89 28.30
C LYS G 103 -59.46 -58.37 28.10
N LEU G 104 -58.23 -58.77 28.35
CA LEU G 104 -57.85 -60.18 28.32
C LEU G 104 -58.09 -60.76 29.72
N GLU G 105 -59.09 -61.63 29.82
CA GLU G 105 -59.50 -62.20 31.10
C GLU G 105 -59.49 -63.73 31.06
N LEU G 106 -60.07 -64.33 32.09
CA LEU G 106 -60.11 -65.77 32.25
C LEU G 106 -61.52 -66.28 31.98
N LYS G 107 -61.65 -67.59 31.88
CA LYS G 107 -62.96 -68.25 31.84
C LYS G 107 -63.37 -68.70 33.24
N ARG G 108 -63.36 -67.74 34.16
CA ARG G 108 -63.75 -67.99 35.54
C ARG G 108 -64.15 -66.67 36.19
N ALA G 109 -64.86 -66.78 37.31
CA ALA G 109 -65.32 -65.61 38.04
C ALA G 109 -64.36 -65.27 39.18
N ASP H 1 -63.04 16.05 -20.17
CA ASP H 1 -63.05 15.13 -21.32
C ASP H 1 -63.27 15.90 -22.61
N ILE H 2 -63.14 15.18 -23.74
CA ILE H 2 -63.28 15.76 -25.07
C ILE H 2 -64.44 15.07 -25.76
N GLN H 3 -65.37 15.88 -26.28
CA GLN H 3 -66.56 15.39 -26.96
C GLN H 3 -66.62 15.95 -28.36
N MET H 4 -66.88 15.09 -29.34
CA MET H 4 -67.10 15.49 -30.72
C MET H 4 -68.58 15.66 -30.97
N THR H 5 -68.98 16.83 -31.45
CA THR H 5 -70.36 17.10 -31.82
C THR H 5 -70.41 17.25 -33.34
N GLN H 6 -71.00 16.27 -34.00
CA GLN H 6 -71.02 16.24 -35.46
C GLN H 6 -72.31 16.87 -35.95
N SER H 7 -72.19 17.83 -36.87
CA SER H 7 -73.28 18.76 -37.14
C SER H 7 -74.52 18.05 -37.70
N SER H 8 -74.35 17.27 -38.75
CA SER H 8 -75.48 16.68 -39.45
C SER H 8 -75.38 15.16 -39.39
N SER H 9 -76.51 14.51 -39.06
CA SER H 9 -76.56 13.05 -39.08
C SER H 9 -76.48 12.52 -40.51
N TYR H 10 -77.06 13.24 -41.47
CA TYR H 10 -76.99 12.83 -42.86
C TYR H 10 -76.93 14.06 -43.76
N LEU H 11 -76.41 13.84 -44.96
CA LEU H 11 -76.35 14.91 -45.97
C LEU H 11 -76.44 14.26 -47.35
N SER H 12 -77.59 14.39 -47.99
CA SER H 12 -77.83 13.84 -49.31
C SER H 12 -77.66 14.93 -50.36
N GLU H 13 -77.24 14.53 -51.56
CA GLU H 13 -76.96 15.49 -52.61
C GLU H 13 -77.01 14.78 -53.96
N SER H 14 -77.48 15.50 -54.97
CA SER H 14 -77.56 14.96 -56.31
C SER H 14 -76.16 14.72 -56.88
N LEU H 15 -76.12 14.02 -58.02
CA LEU H 15 -74.85 13.67 -58.63
C LEU H 15 -74.07 14.91 -59.03
N GLY H 16 -72.77 14.91 -58.74
CA GLY H 16 -71.92 16.04 -59.06
C GLY H 16 -72.18 17.27 -58.23
N GLY H 17 -72.80 17.12 -57.06
CA GLY H 17 -73.16 18.26 -56.24
C GLY H 17 -72.06 18.66 -55.26
N ARG H 18 -72.32 19.75 -54.55
CA ARG H 18 -71.38 20.34 -53.61
C ARG H 18 -71.98 20.28 -52.21
N VAL H 19 -71.21 19.76 -51.26
CA VAL H 19 -71.64 19.65 -49.86
C VAL H 19 -70.50 20.14 -48.99
N THR H 20 -70.81 20.44 -47.72
CA THR H 20 -69.77 20.80 -46.77
C THR H 20 -70.23 20.37 -45.38
N ILE H 21 -69.67 19.26 -44.91
CA ILE H 21 -69.91 18.80 -43.55
C ILE H 21 -69.01 19.56 -42.59
N THR H 22 -69.38 19.56 -41.32
CA THR H 22 -68.54 20.17 -40.29
C THR H 22 -68.89 19.55 -38.95
N CYS H 23 -68.03 19.81 -37.97
CA CYS H 23 -68.34 19.44 -36.60
C CYS H 23 -67.52 20.32 -35.65
N LYS H 24 -67.84 20.16 -34.36
CA LYS H 24 -67.31 20.99 -33.28
C LYS H 24 -66.67 20.10 -32.22
N ALA H 25 -65.73 20.68 -31.49
CA ALA H 25 -65.04 20.01 -30.40
C ALA H 25 -65.49 20.59 -29.07
N SER H 26 -65.40 19.78 -28.04
CA SER H 26 -65.76 20.20 -26.69
C SER H 26 -64.61 20.85 -25.95
N ASP H 27 -63.42 20.90 -26.54
CA ASP H 27 -62.31 21.66 -25.97
C ASP H 27 -61.32 21.88 -27.10
N HIS H 28 -60.54 22.95 -26.99
CA HIS H 28 -59.60 23.29 -28.04
C HIS H 28 -58.57 22.18 -28.22
N ILE H 29 -58.17 21.95 -29.47
CA ILE H 29 -57.34 20.80 -29.81
C ILE H 29 -56.06 21.19 -30.54
N ASN H 30 -55.99 22.37 -31.15
CA ASN H 30 -54.83 22.83 -31.90
C ASN H 30 -54.62 21.98 -33.15
N ASN H 31 -55.69 21.83 -33.92
CA ASN H 31 -55.65 21.24 -35.26
C ASN H 31 -55.16 19.80 -35.27
N TRP H 32 -55.37 19.09 -34.18
CA TRP H 32 -55.09 17.65 -34.13
C TRP H 32 -56.40 16.88 -34.32
N LEU H 33 -56.92 16.94 -35.54
CA LEU H 33 -58.17 16.27 -35.89
C LEU H 33 -58.04 15.61 -37.25
N ALA H 34 -58.80 14.53 -37.42
CA ALA H 34 -58.77 13.73 -38.64
C ALA H 34 -60.20 13.48 -39.12
N TRP H 35 -60.31 13.20 -40.41
CA TRP H 35 -61.58 12.96 -41.07
C TRP H 35 -61.52 11.63 -41.81
N TYR H 36 -62.52 10.79 -41.60
CA TYR H 36 -62.61 9.46 -42.18
C TYR H 36 -63.91 9.31 -42.97
N GLN H 37 -63.91 8.32 -43.85
CA GLN H 37 -65.13 7.86 -44.52
C GLN H 37 -65.21 6.35 -44.39
N GLN H 38 -66.43 5.85 -44.16
CA GLN H 38 -66.66 4.41 -44.06
C GLN H 38 -67.91 4.04 -44.86
N LYS H 39 -67.74 3.22 -45.86
CA LYS H 39 -68.88 2.56 -46.47
C LYS H 39 -69.26 1.33 -45.66
N PRO H 40 -70.51 0.87 -45.77
CA PRO H 40 -70.92 -0.28 -44.94
C PRO H 40 -70.09 -1.54 -45.17
N GLY H 41 -69.52 -1.71 -46.36
CA GLY H 41 -68.82 -2.95 -46.68
C GLY H 41 -67.31 -2.86 -46.68
N ASN H 42 -66.74 -1.93 -45.93
CA ASN H 42 -65.30 -1.81 -45.89
C ASN H 42 -64.87 -1.19 -44.56
N ALA H 43 -63.60 -1.41 -44.21
CA ALA H 43 -63.01 -0.69 -43.11
C ALA H 43 -62.90 0.79 -43.48
N PRO H 44 -63.19 1.70 -42.56
CA PRO H 44 -63.21 3.13 -42.92
C PRO H 44 -61.87 3.60 -43.46
N ARG H 45 -61.95 4.49 -44.44
CA ARG H 45 -60.78 5.04 -45.11
C ARG H 45 -60.39 6.37 -44.47
N LEU H 46 -59.26 6.90 -44.92
CA LEU H 46 -58.70 8.14 -44.40
C LEU H 46 -58.84 9.24 -45.44
N LEU H 47 -59.31 10.40 -45.00
CA LEU H 47 -59.45 11.55 -45.86
C LEU H 47 -58.59 12.72 -45.40
N ILE H 48 -58.61 13.03 -44.10
CA ILE H 48 -57.88 14.16 -43.55
C ILE H 48 -57.10 13.68 -42.34
N SER H 49 -55.81 14.02 -42.28
CA SER H 49 -54.94 13.65 -41.16
C SER H 49 -54.28 14.94 -40.66
N GLY H 50 -54.93 15.59 -39.70
CA GLY H 50 -54.55 16.93 -39.32
C GLY H 50 -55.55 17.91 -39.90
N ALA H 51 -56.06 18.83 -39.07
CA ALA H 51 -57.28 19.59 -39.36
C ALA H 51 -57.38 20.08 -40.80
N THR H 52 -56.25 20.32 -41.44
CA THR H 52 -56.21 20.64 -42.87
C THR H 52 -55.03 19.89 -43.48
N SER H 53 -55.28 18.65 -43.91
CA SER H 53 -54.25 17.87 -44.57
C SER H 53 -54.90 16.78 -45.41
N LEU H 54 -54.87 16.96 -46.73
CA LEU H 54 -55.24 15.90 -47.65
C LEU H 54 -54.07 14.93 -47.81
N GLU H 55 -54.36 13.76 -48.37
CA GLU H 55 -53.32 12.76 -48.58
C GLU H 55 -53.66 11.96 -49.83
N THR H 56 -52.94 10.85 -50.03
CA THR H 56 -53.20 9.98 -51.16
C THR H 56 -54.55 9.29 -51.00
N GLY H 57 -55.16 8.94 -52.13
CA GLY H 57 -56.44 8.27 -52.14
C GLY H 57 -57.64 9.18 -51.98
N VAL H 58 -57.43 10.48 -51.82
CA VAL H 58 -58.52 11.45 -51.77
C VAL H 58 -58.21 12.61 -52.71
N PRO H 59 -58.90 12.71 -53.84
CA PRO H 59 -58.67 13.83 -54.75
C PRO H 59 -59.13 15.15 -54.16
N SER H 60 -58.89 16.22 -54.91
CA SER H 60 -59.22 17.57 -54.47
C SER H 60 -60.72 17.74 -54.24
N ARG H 61 -61.55 16.87 -54.82
CA ARG H 61 -62.99 16.95 -54.58
C ARG H 61 -63.30 16.84 -53.09
N PHE H 62 -62.43 16.18 -52.33
CA PHE H 62 -62.45 16.26 -50.88
C PHE H 62 -61.48 17.36 -50.45
N SER H 63 -61.89 18.15 -49.45
CA SER H 63 -60.97 19.12 -48.89
C SER H 63 -61.35 19.37 -47.44
N GLY H 64 -60.34 19.42 -46.58
CA GLY H 64 -60.56 19.62 -45.16
C GLY H 64 -60.00 20.95 -44.71
N SER H 65 -60.55 21.45 -43.61
CA SER H 65 -60.12 22.72 -43.05
C SER H 65 -60.69 22.84 -41.65
N GLY H 66 -60.35 23.92 -40.98
CA GLY H 66 -60.88 24.20 -39.66
C GLY H 66 -59.84 24.90 -38.80
N SER H 67 -60.28 25.24 -37.59
CA SER H 67 -59.44 25.93 -36.62
C SER H 67 -60.15 25.91 -35.28
N GLY H 68 -59.38 26.14 -34.22
CA GLY H 68 -59.95 26.28 -32.90
C GLY H 68 -60.83 25.13 -32.49
N LYS H 69 -62.14 25.37 -32.45
CA LYS H 69 -63.11 24.35 -32.09
C LYS H 69 -63.99 23.92 -33.27
N ASP H 70 -63.98 24.64 -34.38
CA ASP H 70 -64.82 24.31 -35.52
C ASP H 70 -63.98 23.79 -36.68
N TYR H 71 -64.34 22.62 -37.20
CA TYR H 71 -63.62 22.05 -38.33
C TYR H 71 -64.63 21.55 -39.34
N THR H 72 -64.21 21.45 -40.60
CA THR H 72 -65.15 21.17 -41.66
C THR H 72 -64.45 20.48 -42.83
N LEU H 73 -65.27 19.91 -43.70
CA LEU H 73 -64.84 19.14 -44.86
C LEU H 73 -65.79 19.45 -46.01
N SER H 74 -65.28 20.13 -47.03
CA SER H 74 -66.04 20.48 -48.22
C SER H 74 -65.82 19.41 -49.29
N ILE H 75 -66.92 18.94 -49.87
CA ILE H 75 -66.92 17.82 -50.80
C ILE H 75 -67.46 18.33 -52.14
N THR H 76 -66.69 18.09 -53.20
CA THR H 76 -67.04 18.49 -54.56
C THR H 76 -67.30 17.25 -55.42
N SER H 77 -68.12 17.45 -56.45
CA SER H 77 -68.43 16.39 -57.42
C SER H 77 -68.91 15.12 -56.72
N LEU H 78 -69.94 15.28 -55.90
CA LEU H 78 -70.52 14.15 -55.19
C LEU H 78 -71.02 13.10 -56.18
N GLN H 79 -70.67 11.85 -55.94
CA GLN H 79 -71.00 10.77 -56.87
C GLN H 79 -71.81 9.70 -56.16
N THR H 80 -72.32 8.75 -56.94
CA THR H 80 -73.05 7.63 -56.39
C THR H 80 -72.17 6.68 -55.61
N GLU H 81 -70.85 6.76 -55.80
CA GLU H 81 -69.91 5.89 -55.11
C GLU H 81 -69.19 6.60 -53.96
N ASP H 82 -69.81 7.64 -53.40
CA ASP H 82 -69.31 8.28 -52.20
C ASP H 82 -70.29 8.16 -51.05
N VAL H 83 -71.46 7.56 -51.27
CA VAL H 83 -72.45 7.36 -50.21
C VAL H 83 -71.83 6.53 -49.09
N ALA H 84 -71.75 7.12 -47.89
CA ALA H 84 -71.09 6.49 -46.75
C ALA H 84 -71.21 7.35 -45.50
N THR H 85 -70.75 6.85 -44.37
CA THR H 85 -70.69 7.68 -43.17
C THR H 85 -69.36 8.42 -43.13
N TYR H 86 -69.40 9.64 -42.63
CA TYR H 86 -68.21 10.48 -42.50
C TYR H 86 -67.98 10.80 -41.04
N TYR H 87 -66.72 10.75 -40.62
CA TYR H 87 -66.35 10.69 -39.21
C TYR H 87 -65.35 11.77 -38.87
N CYS H 88 -65.69 12.59 -37.88
CA CYS H 88 -64.70 13.37 -37.15
C CYS H 88 -63.92 12.45 -36.22
N GLN H 89 -62.66 12.81 -35.97
CA GLN H 89 -61.83 12.02 -35.08
C GLN H 89 -60.81 12.93 -34.42
N GLN H 90 -60.58 12.72 -33.13
CA GLN H 90 -59.58 13.49 -32.40
C GLN H 90 -58.44 12.58 -31.99
N TYR H 91 -57.25 13.15 -31.91
CA TYR H 91 -56.09 12.40 -31.42
C TYR H 91 -55.25 13.27 -30.51
N TRP H 92 -55.90 14.04 -29.65
CA TRP H 92 -55.19 14.91 -28.72
C TRP H 92 -55.09 14.34 -27.32
N SER H 93 -56.07 13.58 -26.87
CA SER H 93 -56.02 13.05 -25.51
C SER H 93 -56.82 11.76 -25.43
N SER H 94 -56.23 10.74 -24.84
CA SER H 94 -57.00 9.56 -24.50
C SER H 94 -58.05 9.93 -23.47
N PRO H 95 -59.27 9.39 -23.55
CA PRO H 95 -59.69 8.43 -24.58
C PRO H 95 -59.92 9.07 -25.94
N LEU H 96 -59.51 8.37 -26.99
CA LEU H 96 -59.79 8.83 -28.34
C LEU H 96 -61.28 8.80 -28.60
N THR H 97 -61.78 9.83 -29.27
CA THR H 97 -63.21 9.95 -29.54
C THR H 97 -63.43 10.11 -31.04
N PHE H 98 -64.44 9.41 -31.55
CA PHE H 98 -64.83 9.48 -32.94
C PHE H 98 -66.12 10.29 -33.09
N GLY H 99 -66.33 10.83 -34.29
CA GLY H 99 -67.59 11.47 -34.58
C GLY H 99 -68.73 10.48 -34.66
N ALA H 100 -69.94 10.99 -34.48
CA ALA H 100 -71.12 10.13 -34.56
C ALA H 100 -71.28 9.56 -35.95
N GLY H 101 -71.05 10.36 -36.98
CA GLY H 101 -71.18 9.92 -38.36
C GLY H 101 -72.22 10.73 -39.10
N THR H 102 -71.84 11.19 -40.28
CA THR H 102 -72.75 11.90 -41.17
C THR H 102 -73.01 11.02 -42.39
N LYS H 103 -74.28 10.73 -42.66
CA LYS H 103 -74.66 9.91 -43.79
C LYS H 103 -74.63 10.77 -45.06
N LEU H 104 -73.58 10.60 -45.86
CA LEU H 104 -73.50 11.28 -47.15
C LEU H 104 -74.16 10.38 -48.19
N GLU H 105 -75.31 10.81 -48.70
CA GLU H 105 -76.10 10.02 -49.64
C GLU H 105 -76.38 10.79 -50.91
N LEU H 106 -77.29 10.26 -51.72
CA LEU H 106 -77.66 10.82 -53.01
C LEU H 106 -79.04 11.45 -52.93
N LYS H 107 -79.39 12.20 -53.96
CA LYS H 107 -80.76 12.69 -54.14
C LYS H 107 -81.56 11.73 -55.03
N ARG H 108 -81.56 10.47 -54.62
CA ARG H 108 -82.31 9.44 -55.33
C ARG H 108 -82.58 8.28 -54.38
N ALA H 109 -83.53 7.44 -54.77
CA ALA H 109 -83.91 6.29 -53.96
C ALA H 109 -83.19 5.03 -54.44
N ASP I 1 -52.50 15.67 40.28
CA ASP I 1 -52.42 17.10 40.06
C ASP I 1 -52.19 17.84 41.37
N ILE I 2 -51.94 19.14 41.27
CA ILE I 2 -51.64 19.99 42.42
C ILE I 2 -52.72 21.06 42.51
N GLN I 3 -53.33 21.18 43.69
CA GLN I 3 -54.41 22.13 43.93
C GLN I 3 -54.03 23.04 45.10
N MET I 4 -54.23 24.35 44.90
CA MET I 4 -54.02 25.33 45.94
C MET I 4 -55.36 25.62 46.62
N THR I 5 -55.39 25.46 47.94
CA THR I 5 -56.58 25.77 48.74
C THR I 5 -56.24 26.99 49.59
N GLN I 6 -56.83 28.13 49.25
CA GLN I 6 -56.51 29.38 49.93
C GLN I 6 -57.52 29.60 51.06
N SER I 7 -57.01 29.88 52.25
CA SER I 7 -57.80 29.74 53.47
C SER I 7 -58.98 30.70 53.50
N SER I 8 -58.73 31.99 53.29
CA SER I 8 -59.76 33.01 53.44
C SER I 8 -59.97 33.73 52.13
N SER I 9 -61.24 33.91 51.75
CA SER I 9 -61.57 34.67 50.56
C SER I 9 -61.27 36.15 50.76
N TYR I 10 -61.45 36.66 51.98
CA TYR I 10 -61.14 38.04 52.28
C TYR I 10 -60.64 38.17 53.71
N LEU I 11 -59.91 39.25 53.95
CA LEU I 11 -59.40 39.55 55.29
C LEU I 11 -59.30 41.07 55.42
N SER I 12 -60.22 41.66 56.17
CA SER I 12 -60.24 43.10 56.40
C SER I 12 -59.63 43.41 57.76
N GLU I 13 -59.03 44.60 57.87
CA GLU I 13 -58.33 44.96 59.09
C GLU I 13 -58.21 46.48 59.15
N SER I 14 -58.28 47.01 60.36
CA SER I 14 -58.15 48.45 60.56
C SER I 14 -56.73 48.90 60.24
N LEU I 15 -56.56 50.22 60.18
CA LEU I 15 -55.27 50.81 59.81
C LEU I 15 -54.20 50.42 60.82
N GLY I 16 -53.02 50.04 60.31
CA GLY I 16 -51.93 49.64 61.16
C GLY I 16 -52.13 48.32 61.88
N GLY I 17 -53.03 47.47 61.37
CA GLY I 17 -53.34 46.22 62.03
C GLY I 17 -52.44 45.07 61.60
N ARG I 18 -52.63 43.93 62.25
CA ARG I 18 -51.85 42.73 62.03
C ARG I 18 -52.75 41.63 61.49
N VAL I 19 -52.34 41.00 60.38
CA VAL I 19 -53.10 39.94 59.75
C VAL I 19 -52.13 38.81 59.43
N THR I 20 -52.66 37.61 59.17
CA THR I 20 -51.82 36.51 58.73
C THR I 20 -52.66 35.60 57.83
N ILE I 21 -52.46 35.72 56.52
CA ILE I 21 -53.09 34.83 55.57
C ILE I 21 -52.31 33.52 55.50
N THR I 22 -52.95 32.47 54.99
CA THR I 22 -52.28 31.20 54.79
C THR I 22 -53.04 30.42 53.73
N CYS I 23 -52.40 29.36 53.25
CA CYS I 23 -53.08 28.41 52.37
C CYS I 23 -52.35 27.07 52.42
N LYS I 24 -52.98 26.09 51.78
CA LYS I 24 -52.57 24.69 51.81
C LYS I 24 -52.38 24.18 50.39
N ALA I 25 -51.55 23.16 50.26
CA ALA I 25 -51.27 22.52 48.99
C ALA I 25 -51.89 21.13 48.97
N SER I 26 -52.21 20.66 47.77
CA SER I 26 -52.78 19.33 47.61
C SER I 26 -51.73 18.25 47.46
N ASP I 27 -50.45 18.60 47.45
CA ASP I 27 -49.38 17.62 47.50
C ASP I 27 -48.13 18.36 47.93
N HIS I 28 -47.21 17.64 48.55
CA HIS I 28 -46.00 18.26 49.07
C HIS I 28 -45.19 18.87 47.93
N ILE I 29 -44.57 20.01 48.22
CA ILE I 29 -43.91 20.81 47.19
C ILE I 29 -42.45 21.09 47.49
N ASN I 30 -42.02 21.00 48.75
CA ASN I 30 -40.65 21.28 49.16
C ASN I 30 -40.31 22.76 48.97
N ASN I 31 -41.19 23.61 49.51
CA ASN I 31 -40.95 25.04 49.65
C ASN I 31 -40.76 25.75 48.31
N TRP I 32 -41.36 25.21 47.25
CA TRP I 32 -41.38 25.88 45.96
C TRP I 32 -42.73 26.58 45.77
N LEU I 33 -42.92 27.64 46.54
CA LEU I 33 -44.16 28.40 46.51
C LEU I 33 -43.86 29.89 46.56
N ALA I 34 -44.74 30.67 45.96
CA ALA I 34 -44.59 32.11 45.86
C ALA I 34 -45.88 32.80 46.28
N TRP I 35 -45.75 34.05 46.69
CA TRP I 35 -46.85 34.88 47.16
C TRP I 35 -46.87 36.18 46.39
N TYR I 36 -48.04 36.53 45.86
CA TYR I 36 -48.24 37.74 45.06
C TYR I 36 -49.33 38.61 45.67
N GLN I 37 -49.32 39.88 45.27
CA GLN I 37 -50.41 40.80 45.53
C GLN I 37 -50.82 41.48 44.24
N GLN I 38 -52.12 41.67 44.06
CA GLN I 38 -52.65 42.35 42.89
C GLN I 38 -53.71 43.35 43.31
N LYS I 39 -53.49 44.60 43.04
CA LYS I 39 -54.55 45.58 43.11
C LYS I 39 -55.34 45.57 41.80
N PRO I 40 -56.59 46.03 41.82
CA PRO I 40 -57.41 45.97 40.60
C PRO I 40 -56.79 46.71 39.42
N GLY I 41 -56.01 47.77 39.67
CA GLY I 41 -55.52 48.60 38.60
C GLY I 41 -54.06 48.41 38.24
N ASN I 42 -53.50 47.22 38.50
CA ASN I 42 -52.11 46.97 38.16
C ASN I 42 -51.89 45.48 37.93
N ALA I 43 -50.82 45.17 37.23
CA ALA I 43 -50.36 43.79 37.14
C ALA I 43 -49.88 43.34 38.52
N PRO I 44 -50.21 42.11 38.93
CA PRO I 44 -49.86 41.68 40.29
C PRO I 44 -48.37 41.76 40.56
N ARG I 45 -48.05 42.15 41.79
CA ARG I 45 -46.68 42.30 42.23
C ARG I 45 -46.19 41.04 42.93
N LEU I 46 -44.91 41.03 43.26
CA LEU I 46 -44.26 39.89 43.90
C LEU I 46 -43.93 40.22 45.34
N LEU I 47 -44.26 39.30 46.24
CA LEU I 47 -43.96 39.45 47.65
C LEU I 47 -43.03 38.36 48.15
N ILE I 48 -43.30 37.11 47.81
CA ILE I 48 -42.50 35.98 48.29
C ILE I 48 -42.14 35.11 47.09
N SER I 49 -40.86 34.76 46.98
CA SER I 49 -40.36 33.90 45.90
C SER I 49 -39.61 32.75 46.54
N GLY I 50 -40.31 31.66 46.82
CA GLY I 50 -39.79 30.60 47.66
C GLY I 50 -40.41 30.70 49.02
N ALA I 51 -40.92 29.58 49.54
CA ALA I 51 -41.87 29.55 50.65
C ALA I 51 -41.54 30.53 51.78
N THR I 52 -40.26 30.84 51.96
CA THR I 52 -39.83 31.87 52.90
C THR I 52 -38.72 32.66 52.22
N SER I 53 -39.09 33.70 51.46
CA SER I 53 -38.09 34.55 50.83
C SER I 53 -38.73 35.90 50.51
N LEU I 54 -38.36 36.92 51.27
CA LEU I 54 -38.70 38.29 50.93
C LEU I 54 -37.74 38.81 49.86
N GLU I 55 -38.11 39.92 49.23
CA GLU I 55 -37.25 40.51 48.20
C GLU I 55 -37.45 42.02 48.22
N THR I 56 -36.94 42.68 47.18
CA THR I 56 -37.09 44.12 47.06
C THR I 56 -38.54 44.48 46.79
N GLY I 57 -38.92 45.69 47.21
CA GLY I 57 -40.27 46.17 47.02
C GLY I 57 -41.27 45.69 48.05
N VAL I 58 -40.86 44.86 49.00
CA VAL I 58 -41.74 44.43 50.09
C VAL I 58 -40.99 44.60 51.41
N PRO I 59 -41.37 45.58 52.22
CA PRO I 59 -40.72 45.75 53.52
C PRO I 59 -41.05 44.61 54.47
N SER I 60 -40.43 44.68 55.65
CA SER I 60 -40.59 43.63 56.66
C SER I 60 -42.03 43.51 57.13
N ARG I 61 -42.87 44.53 56.91
CA ARG I 61 -44.27 44.43 57.27
C ARG I 61 -44.94 43.26 56.57
N PHE I 62 -44.41 42.87 55.41
CA PHE I 62 -44.74 41.59 54.80
C PHE I 62 -43.73 40.56 55.24
N SER I 63 -44.20 39.35 55.53
CA SER I 63 -43.26 38.27 55.83
C SER I 63 -43.91 36.95 55.45
N GLY I 64 -43.14 36.08 54.81
CA GLY I 64 -43.64 34.81 54.36
C GLY I 64 -42.96 33.68 55.10
N SER I 65 -43.64 32.54 55.15
CA SER I 65 -43.12 31.36 55.83
C SER I 65 -43.96 30.16 55.42
N GLY I 66 -43.57 29.01 55.91
CA GLY I 66 -44.34 27.80 55.67
C GLY I 66 -43.42 26.60 55.56
N SER I 67 -44.05 25.44 55.39
CA SER I 67 -43.34 24.18 55.28
C SER I 67 -44.33 23.12 54.82
N GLY I 68 -43.81 22.02 54.30
CA GLY I 68 -44.62 20.87 53.96
C GLY I 68 -45.78 21.21 53.05
N LYS I 69 -46.99 21.19 53.61
CA LYS I 69 -48.20 21.52 52.87
C LYS I 69 -48.85 22.82 53.31
N ASP I 70 -48.45 23.40 54.43
CA ASP I 70 -49.05 24.63 54.93
C ASP I 70 -48.07 25.78 54.81
N TYR I 71 -48.52 26.87 54.18
CA TYR I 71 -47.68 28.05 54.04
C TYR I 71 -48.51 29.28 54.38
N THR I 72 -47.82 30.36 54.77
CA THR I 72 -48.53 31.50 55.31
C THR I 72 -47.73 32.78 55.07
N LEU I 73 -48.42 33.90 55.26
CA LEU I 73 -47.89 35.23 55.03
C LEU I 73 -48.46 36.16 56.11
N SER I 74 -47.61 36.61 57.00
CA SER I 74 -47.99 37.53 58.07
C SER I 74 -47.74 38.96 57.63
N ILE I 75 -48.73 39.81 57.82
CA ILE I 75 -48.73 41.18 57.33
C ILE I 75 -48.84 42.11 58.54
N THR I 76 -47.91 43.06 58.63
CA THR I 76 -47.84 44.03 59.70
C THR I 76 -48.13 45.43 59.14
N SER I 77 -48.63 46.31 60.02
CA SER I 77 -48.91 47.70 59.69
C SER I 77 -49.77 47.81 58.44
N LEU I 78 -50.92 47.13 58.47
CA LEU I 78 -51.85 47.19 57.36
C LEU I 78 -52.29 48.61 57.10
N GLN I 79 -52.25 49.03 55.84
CA GLN I 79 -52.57 50.40 55.47
C GLN I 79 -53.72 50.43 54.47
N THR I 80 -54.19 51.64 54.19
CA THR I 80 -55.25 51.84 53.20
C THR I 80 -54.77 51.57 51.79
N GLU I 81 -53.45 51.54 51.57
CA GLU I 81 -52.87 51.31 50.25
C GLU I 81 -52.34 49.90 50.10
N ASP I 82 -52.85 48.95 50.88
CA ASP I 82 -52.53 47.54 50.70
C ASP I 82 -53.76 46.72 50.35
N VAL I 83 -54.93 47.35 50.27
CA VAL I 83 -56.15 46.65 49.88
C VAL I 83 -55.99 46.06 48.49
N ALA I 84 -56.07 44.73 48.39
CA ALA I 84 -55.83 44.02 47.15
C ALA I 84 -56.07 42.52 47.30
N THR I 85 -56.00 41.77 46.23
CA THR I 85 -56.06 40.32 46.32
C THR I 85 -54.66 39.76 46.56
N TYR I 86 -54.58 38.71 47.35
CA TYR I 86 -53.31 38.05 47.65
C TYR I 86 -53.37 36.61 47.16
N TYR I 87 -52.27 36.16 46.56
CA TYR I 87 -52.28 34.95 45.74
C TYR I 87 -51.18 34.00 46.20
N CYS I 88 -51.58 32.77 46.51
CA CYS I 88 -50.65 31.64 46.53
C CYS I 88 -50.29 31.25 45.10
N GLN I 89 -49.09 30.72 44.93
CA GLN I 89 -48.67 30.29 43.61
C GLN I 89 -47.67 29.16 43.77
N GLN I 90 -47.78 28.14 42.94
CA GLN I 90 -46.86 27.02 42.94
C GLN I 90 -46.04 27.02 41.66
N TYR I 91 -44.80 26.53 41.76
CA TYR I 91 -43.97 26.40 40.58
C TYR I 91 -43.21 25.08 40.63
N TRP I 92 -43.89 24.01 41.05
CA TRP I 92 -43.25 22.71 41.14
C TRP I 92 -43.59 21.79 39.98
N SER I 93 -44.78 21.91 39.41
CA SER I 93 -45.16 21.02 38.31
C SER I 93 -46.18 21.70 37.43
N SER I 94 -45.95 21.66 36.12
CA SER I 94 -46.99 22.06 35.19
C SER I 94 -48.17 21.10 35.32
N PRO I 95 -49.40 21.58 35.25
CA PRO I 95 -49.76 22.99 35.06
C PRO I 95 -49.53 23.85 36.29
N LEU I 96 -49.03 25.06 36.09
CA LEU I 96 -48.89 25.99 37.19
C LEU I 96 -50.28 26.38 37.71
N THR I 97 -50.39 26.47 39.04
CA THR I 97 -51.66 26.79 39.68
C THR I 97 -51.50 28.00 40.57
N PHE I 98 -52.48 28.90 40.51
CA PHE I 98 -52.51 30.09 41.35
C PHE I 98 -53.54 29.92 42.45
N GLY I 99 -53.36 30.69 43.52
CA GLY I 99 -54.37 30.74 44.55
C GLY I 99 -55.63 31.44 44.09
N ALA I 100 -56.73 31.14 44.77
CA ALA I 100 -58.00 31.77 44.43
C ALA I 100 -57.95 33.28 44.66
N GLY I 101 -57.33 33.71 45.75
CA GLY I 101 -57.21 35.12 46.06
C GLY I 101 -57.87 35.44 47.39
N THR I 102 -57.15 36.18 48.23
CA THR I 102 -57.69 36.66 49.49
C THR I 102 -57.81 38.18 49.41
N LYS I 103 -59.01 38.68 49.66
CA LYS I 103 -59.27 40.11 49.61
C LYS I 103 -58.78 40.73 50.92
N LEU I 104 -57.63 41.39 50.87
CA LEU I 104 -57.12 42.13 52.01
C LEU I 104 -57.68 43.55 51.94
N GLU I 105 -58.57 43.88 52.86
CA GLU I 105 -59.26 45.16 52.89
C GLU I 105 -59.08 45.87 54.21
N LEU I 106 -59.85 46.94 54.40
CA LEU I 106 -59.80 47.78 55.59
C LEU I 106 -61.02 47.53 56.46
N LYS I 107 -60.97 48.07 57.67
CA LYS I 107 -62.14 48.10 58.55
C LYS I 107 -62.88 49.42 58.40
N ARG I 108 -63.23 49.73 57.16
CA ARG I 108 -63.96 50.95 56.85
C ARG I 108 -64.67 50.76 55.51
N ALA I 109 -65.65 51.63 55.26
CA ALA I 109 -66.41 51.58 54.02
C ALA I 109 -65.86 52.56 52.99
#